data_2Y9X
#
_entry.id   2Y9X
#
_cell.length_a   103.840
_cell.length_b   104.820
_cell.length_c   119.360
_cell.angle_alpha   90.00
_cell.angle_beta   110.45
_cell.angle_gamma   90.00
#
_symmetry.space_group_name_H-M   'P 1 21 1'
#
loop_
_entity.id
_entity.type
_entity.pdbx_description
1 polymer 'POLYPHENOL OXIDASE'
2 polymer 'LECTIN-LIKE FOLD PROTEIN'
3 non-polymer 'COPPER (II) ION'
4 non-polymer 'HOLMIUM ATOM'
5 non-polymer 2-HYDROXYCYCLOHEPTA-2,4,6-TRIEN-1-ONE
6 water water
#
loop_
_entity_poly.entity_id
_entity_poly.type
_entity_poly.pdbx_seq_one_letter_code
_entity_poly.pdbx_strand_id
1 'polypeptide(L)'
;SDKKSLMPLVGIPGEIKNRLNILDFVKNDKFFTLYVRALQVLQARDQSDYSSFFQLGGIHGLPYTEWAKAQPQLHLYKAN
YCTHGTVLFPTWHRAYESTWEQTLWEAAGTVAQRFTTSDQAEWIQAAKDLRQPFWDWGYWPNDPDFIGLPDQVIRDKQVE
ITDYNGTKIEVENPILHYKFHPIEPTFEGDFAQWQTTMRYPDVQKQENIEGMIAGIKAAAPGFREWTFNMLTKNYTWELF
SNHGAVVGAHANSLEMVHNTVHFLIGRDPTLDPLVPGHMGSVPHAAFDPIFWMHHCNVDRLLALWQTMNYDVYVSEGMNR
EATMGLIPGQVLTEDSPLEPFYTKNQDPWQSDDLEDWETLGFSYPDFDPVKGKSKEEKSVYINDWVHKHYG
;
A,B,C,D
2 'polypeptide(L)'
;MAQARKIPLDLPGTRILNGANWANNSATENLATNSGTLIIFDQSTPGQDADRWLIHNYLDGYKIFNMGSNNWASVSRGNT
VLGVSEFDGQTCKWSIEYSGNGEEFWIRVPREGGGGAVWTIKPASSQGPTTVFLDLLKETDPNQRIKFAV
;
E,F,G,H
#
# COMPACT_ATOMS: atom_id res chain seq x y z
N SER A 1 41.77 4.79 6.87
CA SER A 1 41.23 5.13 5.52
C SER A 1 42.28 4.89 4.44
N ASP A 2 43.18 5.87 4.26
CA ASP A 2 44.28 5.83 3.29
C ASP A 2 43.86 5.42 1.87
N LYS A 3 44.82 4.92 1.09
CA LYS A 3 44.56 4.47 -0.28
C LYS A 3 43.83 3.14 -0.27
N LYS A 4 42.80 3.05 -1.10
CA LYS A 4 42.02 1.82 -1.27
C LYS A 4 42.37 1.14 -2.58
N SER A 5 42.79 1.95 -3.57
CA SER A 5 43.11 1.45 -4.90
C SER A 5 44.48 1.95 -5.37
N LEU A 6 45.28 1.01 -5.86
CA LEU A 6 46.61 1.31 -6.39
C LEU A 6 46.54 1.85 -7.81
N MET A 7 45.40 1.64 -8.46
CA MET A 7 45.13 2.16 -9.80
C MET A 7 43.71 2.74 -9.92
N PRO A 8 43.57 4.06 -9.64
CA PRO A 8 42.24 4.69 -9.75
C PRO A 8 41.80 4.83 -11.21
N LEU A 9 40.48 4.86 -11.41
CA LEU A 9 39.88 5.09 -12.73
C LEU A 9 39.77 6.60 -12.96
N VAL A 10 40.56 7.11 -13.90
CA VAL A 10 40.58 8.56 -14.19
C VAL A 10 40.17 8.93 -15.62
N GLY A 11 40.15 7.93 -16.50
CA GLY A 11 39.84 8.16 -17.92
C GLY A 11 41.02 8.79 -18.66
N ILE A 12 40.72 9.60 -19.68
CA ILE A 12 41.74 10.24 -20.49
C ILE A 12 41.73 11.76 -20.29
N PRO A 13 42.88 12.36 -19.91
CA PRO A 13 42.98 13.81 -19.73
C PRO A 13 43.13 14.58 -21.05
N GLY A 14 42.90 15.89 -21.01
CA GLY A 14 43.05 16.76 -22.19
C GLY A 14 41.80 16.92 -23.03
N GLU A 15 42.00 16.99 -24.36
CA GLU A 15 40.90 17.19 -25.31
C GLU A 15 40.03 15.95 -25.47
N ILE A 16 38.72 16.17 -25.58
CA ILE A 16 37.74 15.11 -25.83
C ILE A 16 37.88 14.64 -27.27
N LYS A 17 38.06 13.33 -27.45
CA LYS A 17 38.23 12.72 -28.76
C LYS A 17 37.37 11.47 -28.92
N ASN A 18 37.02 11.14 -30.17
CA ASN A 18 36.05 10.09 -30.46
C ASN A 18 36.58 8.66 -30.41
N ARG A 19 35.71 7.74 -30.00
CA ARG A 19 35.89 6.32 -30.21
C ARG A 19 35.31 6.03 -31.60
N LEU A 20 36.16 5.57 -32.51
CA LEU A 20 35.79 5.43 -33.91
C LEU A 20 35.31 4.01 -34.26
N ASN A 21 34.47 3.90 -35.29
CA ASN A 21 34.08 2.61 -35.84
C ASN A 21 35.32 1.85 -36.29
N ILE A 22 35.37 0.56 -35.93
CA ILE A 22 36.54 -0.28 -36.22
C ILE A 22 36.91 -0.30 -37.71
N LEU A 23 35.89 -0.23 -38.57
CA LEU A 23 36.09 -0.27 -40.02
C LEU A 23 36.92 0.91 -40.54
N ASP A 24 36.66 2.11 -40.01
CA ASP A 24 37.44 3.31 -40.33
C ASP A 24 38.76 3.37 -39.53
N PHE A 25 38.77 2.73 -38.36
CA PHE A 25 39.92 2.74 -37.45
C PHE A 25 41.11 2.04 -38.06
N VAL A 26 40.89 0.86 -38.62
CA VAL A 26 41.94 0.05 -39.24
C VAL A 26 42.54 0.71 -40.49
N LYS A 27 41.78 1.61 -41.12
CA LYS A 27 42.24 2.36 -42.29
C LYS A 27 43.20 3.48 -41.91
N ASN A 28 43.09 3.94 -40.66
CA ASN A 28 44.04 4.89 -40.10
C ASN A 28 45.32 4.15 -39.74
N ASP A 29 46.37 4.39 -40.51
CA ASP A 29 47.65 3.69 -40.34
C ASP A 29 48.32 3.98 -39.00
N LYS A 30 48.20 5.22 -38.53
CA LYS A 30 48.83 5.61 -37.27
C LYS A 30 48.11 5.06 -36.04
N PHE A 31 46.78 5.20 -36.01
CA PHE A 31 45.96 4.69 -34.89
C PHE A 31 46.11 3.17 -34.75
N PHE A 32 46.12 2.48 -35.88
CA PHE A 32 46.19 1.02 -35.91
C PHE A 32 47.54 0.49 -35.44
N THR A 33 48.62 1.18 -35.83
CA THR A 33 49.96 0.80 -35.40
C THR A 33 50.07 0.93 -33.89
N LEU A 34 49.54 2.03 -33.36
CA LEU A 34 49.58 2.31 -31.93
C LEU A 34 48.75 1.34 -31.11
N TYR A 35 47.58 0.99 -31.63
CA TYR A 35 46.70 0.03 -30.96
C TYR A 35 47.39 -1.33 -30.81
N VAL A 36 47.91 -1.84 -31.92
CA VAL A 36 48.57 -3.14 -31.97
C VAL A 36 49.80 -3.18 -31.09
N ARG A 37 50.61 -2.11 -31.15
CA ARG A 37 51.81 -2.00 -30.32
C ARG A 37 51.48 -1.94 -28.84
N ALA A 38 50.57 -1.03 -28.48
CA ALA A 38 50.11 -0.90 -27.10
C ALA A 38 49.62 -2.24 -26.58
N LEU A 39 48.79 -2.90 -27.39
CA LEU A 39 48.25 -4.21 -27.07
C LEU A 39 49.36 -5.25 -26.89
N GLN A 40 50.38 -5.18 -27.73
CA GLN A 40 51.57 -6.02 -27.60
C GLN A 40 52.24 -5.83 -26.23
N VAL A 41 52.32 -4.58 -25.78
CA VAL A 41 52.94 -4.25 -24.49
C VAL A 41 52.15 -4.77 -23.30
N LEU A 42 50.82 -4.61 -23.34
CA LEU A 42 49.96 -5.11 -22.27
C LEU A 42 49.96 -6.63 -22.17
N GLN A 43 49.92 -7.31 -23.32
CA GLN A 43 49.91 -8.77 -23.37
C GLN A 43 51.23 -9.37 -22.88
N ALA A 44 52.33 -8.66 -23.11
CA ALA A 44 53.67 -9.11 -22.71
C ALA A 44 53.92 -8.96 -21.21
N ARG A 45 53.27 -7.98 -20.60
CA ARG A 45 53.40 -7.69 -19.16
C ARG A 45 53.06 -8.89 -18.28
N ASP A 46 53.76 -8.99 -17.15
CA ASP A 46 53.52 -10.03 -16.15
C ASP A 46 52.05 -10.07 -15.73
N GLN A 47 51.49 -11.28 -15.67
CA GLN A 47 50.07 -11.48 -15.36
C GLN A 47 49.74 -11.24 -13.89
N SER A 48 50.75 -10.89 -13.09
CA SER A 48 50.52 -10.47 -11.71
C SER A 48 50.48 -8.94 -11.62
N ASP A 49 50.87 -8.27 -12.70
CA ASP A 49 50.83 -6.81 -12.79
C ASP A 49 49.39 -6.35 -13.06
N TYR A 50 48.85 -5.55 -12.15
CA TYR A 50 47.46 -5.10 -12.21
C TYR A 50 47.15 -4.24 -13.44
N SER A 51 48.20 -3.79 -14.13
CA SER A 51 48.05 -3.06 -15.39
C SER A 51 48.42 -3.93 -16.59
N SER A 52 48.14 -5.22 -16.48
CA SER A 52 48.38 -6.17 -17.57
C SER A 52 47.06 -6.59 -18.20
N PHE A 53 47.13 -7.08 -19.44
CA PHE A 53 45.96 -7.55 -20.18
C PHE A 53 45.17 -8.60 -19.40
N PHE A 54 45.90 -9.53 -18.77
CA PHE A 54 45.31 -10.59 -17.95
C PHE A 54 44.54 -10.01 -16.78
N GLN A 55 45.21 -9.15 -16.00
CA GLN A 55 44.57 -8.56 -14.82
C GLN A 55 43.35 -7.72 -15.18
N LEU A 56 43.49 -6.85 -16.18
CA LEU A 56 42.38 -6.04 -16.66
C LEU A 56 41.22 -6.90 -17.16
N GLY A 57 41.55 -7.94 -17.92
CA GLY A 57 40.55 -8.92 -18.36
C GLY A 57 40.01 -9.77 -17.21
N GLY A 58 40.86 -10.01 -16.21
CA GLY A 58 40.51 -10.85 -15.06
C GLY A 58 39.63 -10.17 -14.02
N ILE A 59 39.37 -8.88 -14.20
CA ILE A 59 38.45 -8.15 -13.35
C ILE A 59 37.03 -8.66 -13.58
N HIS A 60 36.63 -8.76 -14.84
CA HIS A 60 35.29 -9.19 -15.23
C HIS A 60 34.84 -10.44 -14.45
N GLY A 61 35.57 -11.54 -14.62
CA GLY A 61 35.23 -12.79 -13.95
C GLY A 61 36.39 -13.43 -13.21
N LEU A 62 36.83 -14.58 -13.72
CA LEU A 62 37.96 -15.33 -13.17
C LEU A 62 39.30 -14.69 -13.54
N PRO A 63 40.30 -14.77 -12.65
CA PRO A 63 40.23 -15.40 -11.33
C PRO A 63 39.51 -14.52 -10.30
N TYR A 64 39.15 -15.11 -9.17
CA TYR A 64 38.47 -14.37 -8.12
C TYR A 64 39.48 -13.83 -7.10
N THR A 65 40.21 -12.82 -7.55
CA THR A 65 41.21 -12.12 -6.73
C THR A 65 40.88 -10.63 -6.72
N GLU A 66 41.42 -9.91 -5.75
CA GLU A 66 41.23 -8.47 -5.67
C GLU A 66 42.13 -7.75 -6.68
N TRP A 67 41.58 -6.72 -7.33
CA TRP A 67 42.31 -5.97 -8.35
C TRP A 67 42.77 -4.60 -7.86
N ALA A 68 44.08 -4.41 -7.83
CA ALA A 68 44.73 -3.16 -7.44
C ALA A 68 44.18 -2.59 -6.14
N LYS A 69 44.33 -3.34 -5.06
CA LYS A 69 43.91 -2.91 -3.73
C LYS A 69 45.10 -2.83 -2.79
N ALA A 70 45.23 -1.71 -2.08
CA ALA A 70 46.35 -1.47 -1.17
C ALA A 70 46.37 -2.44 0.01
N GLN A 71 45.19 -2.79 0.52
CA GLN A 71 45.08 -3.71 1.65
C GLN A 71 44.06 -4.83 1.44
N PRO A 72 44.48 -6.08 1.69
CA PRO A 72 43.61 -7.24 1.47
C PRO A 72 42.51 -7.33 2.52
N GLN A 73 41.38 -7.92 2.15
CA GLN A 73 40.28 -8.15 3.08
C GLN A 73 40.50 -9.44 3.85
N LEU A 74 39.85 -9.55 5.00
CA LEU A 74 39.94 -10.73 5.85
C LEU A 74 39.34 -11.96 5.17
N HIS A 75 38.10 -11.82 4.70
CA HIS A 75 37.42 -12.90 3.98
C HIS A 75 36.88 -12.40 2.64
N LEU A 76 37.58 -12.77 1.57
CA LEU A 76 37.24 -12.34 0.22
C LEU A 76 36.15 -13.20 -0.38
N TYR A 77 35.04 -12.56 -0.74
CA TYR A 77 33.96 -13.25 -1.45
C TYR A 77 34.39 -13.55 -2.88
N LYS A 78 34.62 -14.83 -3.16
CA LYS A 78 35.08 -15.25 -4.47
C LYS A 78 33.93 -15.28 -5.49
N ALA A 79 33.86 -14.23 -6.31
CA ALA A 79 32.83 -14.08 -7.36
C ALA A 79 33.22 -13.05 -8.42
N ASN A 80 32.40 -12.93 -9.46
CA ASN A 80 32.62 -11.96 -10.54
C ASN A 80 32.58 -10.54 -10.03
N TYR A 81 33.41 -9.67 -10.61
CA TYR A 81 33.33 -8.24 -10.33
C TYR A 81 32.16 -7.61 -11.08
N CYS A 82 31.94 -8.07 -12.31
CA CYS A 82 30.91 -7.52 -13.18
C CYS A 82 29.50 -7.80 -12.66
N THR A 83 28.62 -6.82 -12.84
CA THR A 83 27.23 -6.97 -12.46
C THR A 83 26.36 -7.25 -13.68
N HIS A 84 25.76 -8.44 -13.69
CA HIS A 84 24.97 -8.90 -14.84
C HIS A 84 23.54 -9.24 -14.43
N GLY A 85 22.58 -8.64 -15.12
CA GLY A 85 21.16 -8.84 -14.83
C GLY A 85 20.64 -7.94 -13.73
N THR A 86 21.24 -6.75 -13.61
CA THR A 86 20.84 -5.75 -12.62
C THR A 86 20.81 -4.38 -13.26
N VAL A 87 20.17 -3.43 -12.58
CA VAL A 87 20.09 -2.04 -13.02
C VAL A 87 21.45 -1.37 -13.21
N LEU A 88 22.49 -1.95 -12.61
CA LEU A 88 23.83 -1.39 -12.71
C LEU A 88 24.66 -1.95 -13.88
N PHE A 89 24.00 -2.70 -14.77
CA PHE A 89 24.71 -3.31 -15.91
C PHE A 89 25.40 -2.34 -16.89
N PRO A 90 24.66 -1.34 -17.44
CA PRO A 90 25.32 -0.48 -18.43
C PRO A 90 26.34 0.47 -17.81
N THR A 91 26.11 0.87 -16.56
CA THR A 91 26.98 1.85 -15.91
C THR A 91 28.31 1.24 -15.46
N TRP A 92 28.25 0.05 -14.88
CA TRP A 92 29.44 -0.67 -14.45
C TRP A 92 30.37 -0.92 -15.62
N HIS A 93 29.81 -1.29 -16.77
CA HIS A 93 30.62 -1.60 -17.94
C HIS A 93 31.21 -0.37 -18.64
N ARG A 94 30.65 0.81 -18.33
CA ARG A 94 31.21 2.09 -18.76
C ARG A 94 32.53 2.33 -18.02
N ALA A 95 32.48 2.15 -16.70
CA ALA A 95 33.65 2.23 -15.83
C ALA A 95 34.70 1.21 -16.23
N TYR A 96 34.25 -0.01 -16.54
CA TYR A 96 35.13 -1.10 -16.91
C TYR A 96 35.87 -0.83 -18.21
N GLU A 97 35.15 -0.31 -19.20
CA GLU A 97 35.70 0.03 -20.51
C GLU A 97 36.75 1.14 -20.42
N SER A 98 36.49 2.16 -19.60
CA SER A 98 37.43 3.27 -19.42
C SER A 98 38.67 2.84 -18.65
N THR A 99 38.50 1.93 -17.70
CA THR A 99 39.62 1.37 -16.94
C THR A 99 40.59 0.71 -17.91
N TRP A 100 40.02 -0.04 -18.84
CA TRP A 100 40.78 -0.63 -19.94
C TRP A 100 41.42 0.47 -20.80
N GLU A 101 40.59 1.43 -21.23
CA GLU A 101 41.02 2.47 -22.16
C GLU A 101 42.18 3.31 -21.65
N GLN A 102 42.17 3.64 -20.36
CA GLN A 102 43.25 4.44 -19.77
C GLN A 102 44.57 3.68 -19.70
N THR A 103 44.49 2.36 -19.58
CA THR A 103 45.67 1.50 -19.55
C THR A 103 46.22 1.33 -20.97
N LEU A 104 45.33 1.22 -21.94
CA LEU A 104 45.73 1.14 -23.35
C LEU A 104 46.31 2.47 -23.81
N TRP A 105 45.74 3.56 -23.31
CA TRP A 105 46.19 4.91 -23.65
C TRP A 105 47.58 5.19 -23.08
N GLU A 106 47.77 4.86 -21.80
CA GLU A 106 49.03 5.07 -21.09
C GLU A 106 50.16 4.22 -21.65
N ALA A 107 49.81 3.06 -22.20
CA ALA A 107 50.78 2.19 -22.84
C ALA A 107 51.17 2.69 -24.24
N ALA A 108 50.19 3.20 -24.98
CA ALA A 108 50.42 3.74 -26.32
C ALA A 108 51.27 5.02 -26.30
N GLY A 109 51.13 5.82 -25.24
CA GLY A 109 51.90 7.04 -25.08
C GLY A 109 53.40 6.80 -25.09
N THR A 110 53.81 5.74 -24.40
CA THR A 110 55.23 5.35 -24.33
C THR A 110 55.72 4.67 -25.61
N VAL A 111 54.79 4.20 -26.44
CA VAL A 111 55.12 3.62 -27.74
C VAL A 111 55.46 4.73 -28.74
N ALA A 112 54.64 5.79 -28.73
CA ALA A 112 54.81 6.93 -29.65
C ALA A 112 56.13 7.66 -29.46
N GLN A 113 56.70 7.56 -28.26
CA GLN A 113 58.01 8.13 -27.96
C GLN A 113 59.14 7.35 -28.65
N ARG A 114 58.89 6.07 -28.90
CA ARG A 114 59.89 5.17 -29.49
C ARG A 114 60.17 5.44 -30.97
N PHE A 115 59.23 6.08 -31.66
CA PHE A 115 59.38 6.41 -33.07
C PHE A 115 60.55 7.36 -33.33
N THR A 116 61.31 7.06 -34.39
CA THR A 116 62.54 7.80 -34.71
C THR A 116 62.47 8.47 -36.08
N THR A 117 61.28 8.53 -36.66
CA THR A 117 61.05 9.21 -37.93
C THR A 117 60.75 10.68 -37.69
N SER A 118 60.67 11.46 -38.77
CA SER A 118 60.42 12.90 -38.67
C SER A 118 58.97 13.23 -38.33
N ASP A 119 58.06 12.34 -38.68
CA ASP A 119 56.62 12.54 -38.43
C ASP A 119 56.21 12.15 -37.01
N GLN A 120 57.16 12.16 -36.08
CA GLN A 120 56.90 11.76 -34.68
C GLN A 120 55.95 12.70 -33.94
N ALA A 121 55.90 13.96 -34.34
CA ALA A 121 54.90 14.90 -33.82
C ALA A 121 53.49 14.42 -34.16
N GLU A 122 53.32 13.88 -35.37
CA GLU A 122 52.06 13.29 -35.81
C GLU A 122 51.80 11.95 -35.11
N TRP A 123 52.87 11.34 -34.59
CA TRP A 123 52.76 10.10 -33.81
C TRP A 123 52.39 10.42 -32.37
N ILE A 124 53.14 11.34 -31.75
CA ILE A 124 52.86 11.82 -30.40
C ILE A 124 51.43 12.34 -30.27
N GLN A 125 50.97 13.05 -31.29
CA GLN A 125 49.60 13.57 -31.34
C GLN A 125 48.56 12.46 -31.52
N ALA A 126 48.88 11.46 -32.33
CA ALA A 126 48.01 10.30 -32.54
C ALA A 126 47.82 9.47 -31.27
N ALA A 127 48.84 9.46 -30.40
CA ALA A 127 48.82 8.70 -29.15
C ALA A 127 47.83 9.25 -28.13
N LYS A 128 47.69 10.57 -28.06
CA LYS A 128 46.68 11.15 -27.19
C LYS A 128 45.28 11.08 -27.82
N ASP A 129 45.22 11.24 -29.14
CA ASP A 129 43.98 11.17 -29.89
C ASP A 129 43.44 9.74 -30.05
N LEU A 130 44.22 8.76 -29.56
CA LEU A 130 43.85 7.35 -29.61
C LEU A 130 42.72 7.03 -28.64
N ARG A 131 41.78 6.21 -29.10
CA ARG A 131 40.70 5.69 -28.27
C ARG A 131 40.39 4.26 -28.70
N GLN A 132 39.67 3.52 -27.85
CA GLN A 132 39.22 2.16 -28.18
C GLN A 132 38.07 2.25 -29.18
N PRO A 133 38.19 1.52 -30.31
CA PRO A 133 37.16 1.51 -31.34
C PRO A 133 35.98 0.61 -30.96
N PHE A 134 34.88 0.71 -31.70
CA PHE A 134 33.71 -0.12 -31.46
C PHE A 134 33.34 -0.97 -32.67
N TRP A 135 32.40 -1.88 -32.47
CA TRP A 135 31.85 -2.69 -33.55
C TRP A 135 30.35 -2.47 -33.63
N ASP A 136 29.90 -1.82 -34.70
CA ASP A 136 28.49 -1.49 -34.88
C ASP A 136 27.66 -2.66 -35.38
N TRP A 137 27.43 -3.64 -34.50
CA TRP A 137 26.73 -4.87 -34.85
C TRP A 137 25.22 -4.71 -35.13
N GLY A 138 24.76 -3.47 -35.15
CA GLY A 138 23.37 -3.17 -35.48
C GLY A 138 23.19 -2.61 -36.88
N TYR A 139 24.27 -2.09 -37.44
CA TYR A 139 24.22 -1.49 -38.77
C TYR A 139 24.44 -2.52 -39.87
N TRP A 140 23.36 -2.86 -40.56
CA TRP A 140 23.42 -3.71 -41.74
C TRP A 140 22.99 -2.89 -42.96
N PRO A 141 23.95 -2.61 -43.86
CA PRO A 141 23.73 -1.74 -45.01
C PRO A 141 22.94 -2.41 -46.14
N ASN A 142 22.14 -3.41 -45.79
CA ASN A 142 21.29 -4.13 -46.75
C ASN A 142 22.12 -4.99 -47.71
N ASP A 143 23.21 -5.56 -47.20
CA ASP A 143 24.15 -6.33 -48.01
C ASP A 143 24.46 -7.66 -47.33
N PRO A 144 23.98 -8.79 -47.91
CA PRO A 144 24.21 -10.12 -47.33
C PRO A 144 25.70 -10.51 -47.29
N ASP A 145 26.52 -9.79 -48.05
CA ASP A 145 27.96 -10.03 -48.14
C ASP A 145 28.73 -9.26 -47.05
N PHE A 146 28.00 -8.44 -46.28
CA PHE A 146 28.60 -7.52 -45.31
C PHE A 146 28.96 -8.17 -43.97
N ILE A 147 30.07 -7.69 -43.40
CA ILE A 147 30.49 -8.03 -42.05
C ILE A 147 30.99 -6.75 -41.34
N GLY A 148 30.50 -6.49 -40.14
CA GLY A 148 30.88 -5.29 -39.39
C GLY A 148 32.26 -5.36 -38.74
N LEU A 149 32.98 -6.45 -38.99
CA LEU A 149 34.31 -6.64 -38.43
C LEU A 149 35.32 -6.84 -39.57
N PRO A 150 36.35 -5.97 -39.64
CA PRO A 150 37.40 -6.08 -40.66
C PRO A 150 38.30 -7.31 -40.44
N ASP A 151 39.12 -7.61 -41.44
CA ASP A 151 39.99 -8.79 -41.43
C ASP A 151 41.10 -8.76 -40.35
N GLN A 152 41.50 -7.55 -39.97
CA GLN A 152 42.51 -7.35 -38.92
C GLN A 152 42.01 -7.78 -37.53
N VAL A 153 40.70 -7.99 -37.39
CA VAL A 153 40.09 -8.36 -36.11
C VAL A 153 39.69 -9.83 -36.01
N ILE A 154 39.21 -10.42 -37.10
CA ILE A 154 38.65 -11.79 -37.07
C ILE A 154 39.34 -12.85 -37.94
N ARG A 155 40.33 -12.46 -38.75
CA ARG A 155 40.95 -13.42 -39.66
C ARG A 155 42.47 -13.45 -39.68
N ASP A 156 43.09 -12.28 -39.86
CA ASP A 156 44.53 -12.18 -40.10
C ASP A 156 45.38 -12.69 -38.95
N LYS A 157 46.21 -13.69 -39.24
CA LYS A 157 47.17 -14.22 -38.26
C LYS A 157 48.35 -13.27 -38.10
N GLN A 158 48.60 -12.45 -39.13
CA GLN A 158 49.63 -11.42 -39.09
C GLN A 158 49.09 -10.11 -39.61
N VAL A 159 49.30 -9.04 -38.84
CA VAL A 159 48.84 -7.70 -39.22
C VAL A 159 50.00 -6.78 -39.58
N GLU A 160 49.76 -5.88 -40.54
CA GLU A 160 50.77 -4.92 -40.97
C GLU A 160 50.68 -3.61 -40.18
N ILE A 161 51.79 -3.24 -39.57
CA ILE A 161 51.90 -1.96 -38.87
C ILE A 161 53.12 -1.23 -39.40
N THR A 162 53.43 -0.07 -38.80
CA THR A 162 54.60 0.69 -39.18
C THR A 162 55.63 0.64 -38.06
N ASP A 163 56.84 0.20 -38.40
CA ASP A 163 57.93 0.15 -37.44
C ASP A 163 58.42 1.56 -37.14
N TYR A 164 59.19 1.69 -36.06
CA TYR A 164 59.66 2.97 -35.55
C TYR A 164 60.60 3.75 -36.48
N ASN A 165 61.10 3.07 -37.52
CA ASN A 165 61.88 3.74 -38.57
C ASN A 165 61.17 3.77 -39.94
N GLY A 166 59.85 3.92 -39.91
CA GLY A 166 59.04 4.11 -41.13
C GLY A 166 58.75 2.88 -41.98
N THR A 167 59.46 1.78 -41.72
CA THR A 167 59.32 0.57 -42.53
C THR A 167 58.06 -0.21 -42.16
N LYS A 168 57.38 -0.74 -43.18
CA LYS A 168 56.22 -1.61 -42.97
C LYS A 168 56.70 -2.99 -42.51
N ILE A 169 56.08 -3.51 -41.45
CA ILE A 169 56.44 -4.83 -40.90
C ILE A 169 55.23 -5.70 -40.58
N GLU A 170 55.41 -7.02 -40.60
CA GLU A 170 54.39 -7.95 -40.15
C GLU A 170 54.64 -8.42 -38.71
N VAL A 171 53.60 -8.36 -37.88
CA VAL A 171 53.66 -8.87 -36.51
C VAL A 171 52.44 -9.75 -36.20
N GLU A 172 52.63 -10.67 -35.26
CA GLU A 172 51.55 -11.51 -34.77
C GLU A 172 50.36 -10.65 -34.36
N ASN A 173 49.17 -11.07 -34.77
CA ASN A 173 47.96 -10.31 -34.49
C ASN A 173 47.57 -10.45 -33.02
N PRO A 174 47.67 -9.34 -32.25
CA PRO A 174 47.31 -9.38 -30.84
C PRO A 174 45.81 -9.18 -30.60
N ILE A 175 45.09 -8.81 -31.65
CA ILE A 175 43.64 -8.64 -31.60
C ILE A 175 42.93 -9.99 -31.82
N LEU A 176 43.58 -10.89 -32.56
CA LEU A 176 43.00 -12.17 -32.93
C LEU A 176 42.82 -13.11 -31.73
N HIS A 177 43.94 -13.47 -31.10
CA HIS A 177 43.94 -14.30 -29.90
C HIS A 177 44.66 -13.57 -28.77
N TYR A 178 44.53 -14.09 -27.56
CA TYR A 178 45.46 -13.75 -26.48
C TYR A 178 46.05 -15.03 -25.87
N LYS A 179 47.37 -15.13 -25.88
CA LYS A 179 48.05 -16.29 -25.29
C LYS A 179 48.28 -16.10 -23.79
N PHE A 180 47.71 -17.01 -23.02
CA PHE A 180 47.90 -17.06 -21.57
C PHE A 180 49.33 -17.46 -21.24
N HIS A 181 49.91 -16.83 -20.22
CA HIS A 181 51.25 -17.21 -19.74
C HIS A 181 51.37 -17.15 -18.21
N PRO A 182 50.87 -18.20 -17.51
CA PRO A 182 50.27 -19.43 -18.06
C PRO A 182 48.74 -19.39 -18.04
N ILE A 183 48.11 -20.55 -18.27
CA ILE A 183 46.66 -20.70 -18.08
C ILE A 183 46.34 -20.52 -16.59
N GLU A 184 45.32 -19.73 -16.30
CA GLU A 184 44.82 -19.53 -14.94
C GLU A 184 44.51 -20.86 -14.24
N PRO A 185 45.09 -21.09 -13.04
CA PRO A 185 44.80 -22.28 -12.26
C PRO A 185 43.33 -22.49 -11.88
N THR A 186 42.57 -21.42 -11.65
CA THR A 186 41.14 -21.55 -11.30
C THR A 186 40.21 -21.81 -12.50
N PHE A 187 40.75 -21.77 -13.73
CA PHE A 187 40.00 -22.15 -14.93
C PHE A 187 39.73 -23.65 -14.90
N GLU A 188 38.47 -24.04 -15.02
CA GLU A 188 38.10 -25.45 -14.94
C GLU A 188 37.64 -25.95 -16.30
N GLY A 189 37.68 -27.27 -16.48
CA GLY A 189 37.12 -27.92 -17.67
C GLY A 189 37.87 -27.65 -18.97
N ASP A 190 37.13 -27.16 -19.97
CA ASP A 190 37.70 -26.83 -21.29
C ASP A 190 38.70 -25.68 -21.28
N PHE A 191 38.42 -24.67 -20.46
CA PHE A 191 39.21 -23.45 -20.42
C PHE A 191 40.57 -23.67 -19.76
N ALA A 192 40.69 -24.79 -19.06
CA ALA A 192 41.96 -25.23 -18.51
C ALA A 192 42.81 -25.96 -19.57
N GLN A 193 42.24 -26.11 -20.77
CA GLN A 193 42.92 -26.83 -21.85
C GLN A 193 43.25 -25.93 -23.05
N TRP A 194 42.98 -24.63 -22.92
CA TRP A 194 43.28 -23.68 -24.00
C TRP A 194 44.37 -22.68 -23.63
N GLN A 195 45.48 -22.73 -24.37
CA GLN A 195 46.59 -21.78 -24.20
C GLN A 195 46.24 -20.38 -24.68
N THR A 196 45.32 -20.28 -25.64
CA THR A 196 44.84 -19.00 -26.15
C THR A 196 43.32 -18.87 -26.02
N THR A 197 42.84 -17.64 -26.16
CA THR A 197 41.41 -17.38 -26.23
C THR A 197 40.83 -17.98 -27.50
N MET A 198 39.66 -18.59 -27.39
CA MET A 198 39.06 -19.33 -28.51
C MET A 198 37.68 -18.77 -28.89
N ARG A 199 37.47 -18.57 -30.19
CA ARG A 199 36.20 -18.07 -30.70
C ARG A 199 35.43 -19.17 -31.45
N TYR A 200 34.15 -19.32 -31.08
CA TYR A 200 33.19 -20.18 -31.79
C TYR A 200 33.64 -21.64 -31.97
N PRO A 201 34.02 -22.32 -30.87
CA PRO A 201 34.64 -23.64 -30.99
C PRO A 201 33.73 -24.70 -31.61
N ASP A 202 34.33 -25.66 -32.34
CA ASP A 202 33.58 -26.78 -32.90
C ASP A 202 33.53 -27.98 -31.95
N VAL A 203 33.02 -29.11 -32.45
CA VAL A 203 32.88 -30.32 -31.64
C VAL A 203 34.21 -30.83 -31.10
N GLN A 204 35.29 -30.55 -31.85
CA GLN A 204 36.64 -31.00 -31.49
C GLN A 204 37.44 -29.92 -30.77
N LYS A 205 36.74 -29.06 -30.02
CA LYS A 205 37.34 -28.02 -29.16
C LYS A 205 38.32 -27.08 -29.88
N GLN A 206 37.99 -26.72 -31.12
CA GLN A 206 38.83 -25.83 -31.92
C GLN A 206 38.01 -24.73 -32.61
N GLU A 207 38.69 -23.65 -32.97
CA GLU A 207 38.03 -22.50 -33.56
C GLU A 207 37.44 -22.78 -34.94
N ASN A 208 36.16 -22.43 -35.09
CA ASN A 208 35.47 -22.45 -36.36
C ASN A 208 35.20 -21.00 -36.78
N ILE A 209 36.24 -20.36 -37.31
CA ILE A 209 36.22 -18.94 -37.68
C ILE A 209 35.27 -18.65 -38.85
N GLU A 210 35.27 -19.52 -39.85
CA GLU A 210 34.38 -19.37 -41.00
C GLU A 210 32.91 -19.59 -40.64
N GLY A 211 32.67 -20.51 -39.72
CA GLY A 211 31.33 -20.74 -39.18
C GLY A 211 30.85 -19.57 -38.33
N MET A 212 31.79 -18.90 -37.69
CA MET A 212 31.51 -17.71 -36.89
C MET A 212 31.09 -16.57 -37.81
N ILE A 213 31.80 -16.43 -38.93
CA ILE A 213 31.56 -15.32 -39.86
C ILE A 213 30.25 -15.46 -40.64
N ALA A 214 29.92 -16.70 -41.03
CA ALA A 214 28.64 -16.98 -41.68
C ALA A 214 27.48 -16.63 -40.75
N GLY A 215 27.63 -16.99 -39.47
CA GLY A 215 26.58 -16.76 -38.47
C GLY A 215 26.32 -15.30 -38.17
N ILE A 216 27.37 -14.46 -38.26
CA ILE A 216 27.23 -13.02 -38.04
C ILE A 216 26.46 -12.37 -39.19
N LYS A 217 26.82 -12.76 -40.41
CA LYS A 217 26.19 -12.26 -41.63
C LYS A 217 24.70 -12.60 -41.68
N ALA A 218 24.36 -13.85 -41.34
CA ALA A 218 23.00 -14.35 -41.46
C ALA A 218 22.03 -13.75 -40.43
N ALA A 219 22.59 -13.26 -39.33
CA ALA A 219 21.79 -12.64 -38.27
C ALA A 219 21.86 -11.11 -38.32
N ALA A 220 22.69 -10.59 -39.22
CA ALA A 220 22.93 -9.14 -39.34
C ALA A 220 21.69 -8.31 -39.69
N PRO A 221 20.78 -8.84 -40.54
CA PRO A 221 19.51 -8.13 -40.70
C PRO A 221 18.66 -8.18 -39.43
N GLY A 222 18.60 -9.35 -38.80
CA GLY A 222 17.83 -9.55 -37.57
C GLY A 222 18.33 -8.71 -36.40
N PHE A 223 19.60 -8.32 -36.45
CA PHE A 223 20.18 -7.47 -35.41
C PHE A 223 19.95 -5.99 -35.64
N ARG A 224 19.82 -5.58 -36.90
CA ARG A 224 19.42 -4.21 -37.24
C ARG A 224 18.06 -3.96 -36.62
N GLU A 225 17.13 -4.87 -36.90
CA GLU A 225 15.76 -4.83 -36.40
C GLU A 225 15.70 -4.83 -34.88
N TRP A 226 16.58 -5.60 -34.24
CA TRP A 226 16.59 -5.74 -32.79
C TRP A 226 17.21 -4.54 -32.07
N THR A 227 18.28 -3.98 -32.65
CA THR A 227 18.92 -2.78 -32.11
C THR A 227 18.00 -1.56 -32.26
N PHE A 228 17.35 -1.44 -33.42
CA PHE A 228 16.41 -0.35 -33.67
C PHE A 228 15.28 -0.35 -32.64
N ASN A 229 14.72 -1.52 -32.39
CA ASN A 229 13.69 -1.68 -31.37
C ASN A 229 14.19 -1.28 -29.98
N MET A 230 15.33 -1.85 -29.58
CA MET A 230 15.95 -1.60 -28.28
C MET A 230 16.11 -0.10 -27.95
N LEU A 231 16.44 0.69 -28.98
CA LEU A 231 16.71 2.12 -28.80
C LEU A 231 15.45 2.98 -28.77
N THR A 232 14.45 2.62 -29.56
CA THR A 232 13.24 3.45 -29.71
C THR A 232 11.96 2.84 -29.13
N LYS A 233 12.09 1.70 -28.47
CA LYS A 233 10.93 1.03 -27.87
C LYS A 233 11.01 0.99 -26.34
N ASN A 234 12.21 1.17 -25.79
CA ASN A 234 12.40 1.26 -24.34
C ASN A 234 12.41 2.72 -23.87
N TYR A 235 11.57 3.02 -22.88
CA TYR A 235 11.44 4.37 -22.35
C TYR A 235 11.81 4.50 -20.87
N THR A 236 11.92 3.35 -20.19
CA THR A 236 12.36 3.30 -18.79
C THR A 236 13.74 2.64 -18.68
N TRP A 237 14.47 2.96 -17.62
CA TRP A 237 15.78 2.36 -17.36
C TRP A 237 15.72 0.86 -17.06
N GLU A 238 14.73 0.46 -16.27
CA GLU A 238 14.50 -0.94 -15.89
C GLU A 238 14.44 -1.90 -17.09
N LEU A 239 13.69 -1.53 -18.12
CA LEU A 239 13.48 -2.39 -19.28
C LEU A 239 14.61 -2.29 -20.32
N PHE A 240 15.48 -1.30 -20.15
CA PHE A 240 16.58 -1.05 -21.08
C PHE A 240 17.92 -1.64 -20.63
N SER A 241 18.15 -1.64 -19.32
CA SER A 241 19.47 -1.93 -18.73
C SER A 241 19.77 -3.41 -18.48
N ASN A 242 18.85 -4.11 -17.83
CA ASN A 242 19.05 -5.52 -17.47
C ASN A 242 18.14 -6.49 -18.22
N HIS A 243 18.64 -7.71 -18.46
CA HIS A 243 17.85 -8.73 -19.16
C HIS A 243 16.68 -9.32 -18.35
N GLY A 244 16.68 -9.08 -17.04
CA GLY A 244 15.57 -9.51 -16.18
C GLY A 244 15.96 -10.58 -15.19
N ALA A 245 15.18 -10.67 -14.10
CA ALA A 245 15.42 -11.63 -13.03
C ALA A 245 15.50 -13.06 -13.56
N VAL A 246 14.45 -13.48 -14.28
CA VAL A 246 14.50 -14.72 -15.03
C VAL A 246 15.00 -14.38 -16.43
N VAL A 247 16.23 -14.77 -16.74
CA VAL A 247 16.85 -14.45 -18.03
C VAL A 247 15.92 -14.80 -19.20
N GLY A 248 15.67 -13.81 -20.06
CA GLY A 248 14.74 -13.96 -21.18
C GLY A 248 13.38 -13.32 -20.92
N ALA A 249 13.31 -12.47 -19.89
CA ALA A 249 12.09 -11.74 -19.56
C ALA A 249 12.03 -10.38 -20.26
N HIS A 250 13.17 -9.69 -20.28
CA HIS A 250 13.31 -8.44 -21.03
C HIS A 250 14.06 -8.70 -22.35
N ALA A 251 13.31 -9.05 -23.39
CA ALA A 251 13.90 -9.35 -24.70
C ALA A 251 14.51 -8.12 -25.39
N ASN A 252 13.94 -6.95 -25.10
CA ASN A 252 14.34 -5.70 -25.74
C ASN A 252 15.52 -4.94 -25.14
N SER A 253 15.95 -5.32 -23.94
CA SER A 253 17.00 -4.61 -23.20
C SER A 253 18.35 -4.61 -23.92
N LEU A 254 19.21 -3.67 -23.55
CA LEU A 254 20.58 -3.60 -24.10
C LEU A 254 21.31 -4.90 -23.79
N GLU A 255 21.24 -5.31 -22.53
CA GLU A 255 21.90 -6.52 -22.08
C GLU A 255 21.48 -7.75 -22.89
N MET A 256 20.18 -7.95 -23.09
CA MET A 256 19.68 -9.14 -23.78
C MET A 256 20.13 -9.22 -25.23
N VAL A 257 20.12 -8.08 -25.91
CA VAL A 257 20.67 -7.98 -27.26
C VAL A 257 22.19 -8.21 -27.20
N HIS A 258 22.83 -7.55 -26.23
CA HIS A 258 24.26 -7.68 -25.96
C HIS A 258 24.68 -9.14 -25.67
N ASN A 259 23.80 -9.91 -25.04
CA ASN A 259 24.03 -11.34 -24.77
C ASN A 259 24.24 -12.16 -26.04
N THR A 260 23.32 -12.01 -26.99
CA THR A 260 23.30 -12.81 -28.23
C THR A 260 24.48 -12.49 -29.15
N VAL A 261 25.09 -11.32 -28.94
CA VAL A 261 26.29 -10.94 -29.68
C VAL A 261 27.50 -11.69 -29.15
N HIS A 262 27.58 -11.86 -27.83
CA HIS A 262 28.63 -12.67 -27.19
C HIS A 262 28.68 -14.09 -27.74
N PHE A 263 27.50 -14.69 -27.92
CA PHE A 263 27.39 -16.05 -28.45
C PHE A 263 27.73 -16.14 -29.94
N LEU A 264 27.54 -15.04 -30.68
CA LEU A 264 27.87 -15.00 -32.11
C LEU A 264 29.37 -15.22 -32.35
N ILE A 265 30.19 -14.69 -31.44
CA ILE A 265 31.64 -14.93 -31.49
C ILE A 265 32.00 -16.14 -30.64
N GLY A 266 31.25 -16.36 -29.56
CA GLY A 266 31.64 -17.33 -28.55
C GLY A 266 31.02 -18.71 -28.65
N ARG A 267 29.78 -18.79 -29.09
CA ARG A 267 29.02 -20.05 -28.97
C ARG A 267 28.19 -20.42 -30.20
N ASP A 268 28.47 -21.60 -30.75
CA ASP A 268 27.66 -22.20 -31.80
C ASP A 268 26.39 -22.75 -31.17
N PRO A 269 25.21 -22.27 -31.62
CA PRO A 269 23.94 -22.66 -31.02
C PRO A 269 23.34 -23.98 -31.53
N THR A 270 23.96 -24.57 -32.54
CA THR A 270 23.45 -25.82 -33.14
C THR A 270 24.10 -27.04 -32.50
N LEU A 271 25.09 -26.82 -31.65
CA LEU A 271 25.83 -27.91 -31.03
C LEU A 271 25.12 -28.48 -29.81
N ASP A 272 25.23 -29.80 -29.66
CA ASP A 272 24.64 -30.51 -28.53
C ASP A 272 25.61 -31.58 -28.03
N PRO A 273 26.26 -31.33 -26.88
CA PRO A 273 26.06 -30.18 -26.00
C PRO A 273 26.89 -28.96 -26.38
N LEU A 274 26.57 -27.82 -25.77
CA LEU A 274 27.23 -26.55 -26.07
C LEU A 274 28.72 -26.54 -25.70
N VAL A 275 29.53 -26.03 -26.62
CA VAL A 275 30.97 -25.88 -26.40
C VAL A 275 31.32 -24.40 -26.49
N PRO A 276 31.21 -23.68 -25.35
CA PRO A 276 31.43 -22.25 -25.39
C PRO A 276 32.91 -21.87 -25.49
N GLY A 277 33.18 -20.81 -26.24
CA GLY A 277 34.49 -20.17 -26.24
C GLY A 277 34.53 -19.17 -25.10
N HIS A 278 35.65 -18.47 -24.99
CA HIS A 278 35.84 -17.49 -23.91
C HIS A 278 34.75 -16.42 -23.94
N MET A 279 34.53 -15.84 -25.12
CA MET A 279 33.48 -14.84 -25.33
C MET A 279 32.08 -15.39 -25.09
N GLY A 280 31.92 -16.71 -25.13
CA GLY A 280 30.64 -17.36 -24.87
C GLY A 280 30.34 -17.61 -23.40
N SER A 281 31.23 -17.14 -22.53
CA SER A 281 31.13 -17.40 -21.08
C SER A 281 31.54 -16.20 -20.24
N VAL A 282 30.67 -15.81 -19.31
CA VAL A 282 30.87 -14.61 -18.47
C VAL A 282 32.23 -14.57 -17.74
N PRO A 283 32.58 -15.65 -17.01
CA PRO A 283 33.81 -15.63 -16.20
C PRO A 283 35.13 -15.69 -16.99
N HIS A 284 35.05 -15.86 -18.30
CA HIS A 284 36.25 -15.92 -19.15
C HIS A 284 36.25 -14.84 -20.23
N ALA A 285 35.07 -14.29 -20.52
CA ALA A 285 34.84 -13.40 -21.66
C ALA A 285 35.89 -12.31 -21.89
N ALA A 286 36.16 -11.52 -20.85
CA ALA A 286 36.97 -10.31 -20.99
C ALA A 286 38.45 -10.57 -21.26
N PHE A 287 38.79 -11.80 -21.62
CA PHE A 287 40.16 -12.14 -22.03
C PHE A 287 40.33 -12.06 -23.54
N ASP A 288 39.19 -12.07 -24.26
CA ASP A 288 39.20 -11.95 -25.71
C ASP A 288 39.20 -10.47 -26.09
N PRO A 289 40.23 -10.02 -26.84
CA PRO A 289 40.35 -8.62 -27.26
C PRO A 289 39.10 -8.01 -27.92
N ILE A 290 38.27 -8.86 -28.54
CA ILE A 290 37.04 -8.41 -29.18
C ILE A 290 35.99 -7.92 -28.16
N PHE A 291 36.12 -8.38 -26.92
CA PHE A 291 35.30 -7.94 -25.79
C PHE A 291 35.28 -6.42 -25.68
N TRP A 292 36.45 -5.80 -25.71
CA TRP A 292 36.59 -4.35 -25.59
C TRP A 292 35.95 -3.59 -26.76
N MET A 293 35.89 -4.24 -27.93
CA MET A 293 35.24 -3.67 -29.10
C MET A 293 33.72 -3.78 -29.01
N HIS A 294 33.25 -4.91 -28.47
CA HIS A 294 31.81 -5.15 -28.28
C HIS A 294 31.24 -4.27 -27.17
N HIS A 295 32.04 -4.07 -26.13
CA HIS A 295 31.63 -3.24 -25.00
C HIS A 295 31.90 -1.75 -25.18
N CYS A 296 32.59 -1.40 -26.26
CA CYS A 296 32.69 -0.01 -26.67
C CYS A 296 31.42 0.39 -27.41
N ASN A 297 30.85 -0.54 -28.16
CA ASN A 297 29.58 -0.30 -28.84
C ASN A 297 28.38 -0.40 -27.91
N VAL A 298 28.51 -1.15 -26.82
CA VAL A 298 27.48 -1.20 -25.79
C VAL A 298 27.38 0.17 -25.11
N ASP A 299 28.54 0.71 -24.74
CA ASP A 299 28.63 2.05 -24.14
C ASP A 299 28.16 3.14 -25.11
N ARG A 300 28.40 2.92 -26.40
CA ARG A 300 27.92 3.82 -27.44
C ARG A 300 26.39 3.82 -27.53
N LEU A 301 25.80 2.63 -27.52
CA LEU A 301 24.36 2.48 -27.62
C LEU A 301 23.64 3.02 -26.38
N LEU A 302 24.31 2.93 -25.24
CA LEU A 302 23.84 3.53 -24.00
C LEU A 302 23.87 5.04 -24.13
N ALA A 303 24.94 5.58 -24.71
CA ALA A 303 25.09 7.03 -24.90
C ALA A 303 24.02 7.58 -25.85
N LEU A 304 23.70 6.81 -26.89
CA LEU A 304 22.66 7.16 -27.86
C LEU A 304 21.26 7.18 -27.22
N TRP A 305 20.97 6.17 -26.41
CA TRP A 305 19.71 6.08 -25.66
C TRP A 305 19.58 7.17 -24.61
N GLN A 306 20.71 7.54 -24.01
CA GLN A 306 20.77 8.60 -23.00
C GLN A 306 20.40 9.94 -23.62
N THR A 307 20.89 10.17 -24.82
CA THR A 307 20.63 11.41 -25.56
C THR A 307 19.15 11.59 -25.87
N MET A 308 18.49 10.49 -26.24
CA MET A 308 17.07 10.51 -26.55
C MET A 308 16.24 10.60 -25.26
N ASN A 309 16.49 9.68 -24.34
CA ASN A 309 15.81 9.70 -23.05
C ASN A 309 16.65 10.41 -21.99
N TYR A 310 16.82 11.72 -22.15
CA TYR A 310 17.68 12.48 -21.24
C TYR A 310 17.06 12.67 -19.85
N ASP A 311 17.94 12.64 -18.85
CA ASP A 311 17.57 12.68 -17.42
C ASP A 311 16.70 11.49 -17.00
N VAL A 312 16.84 10.39 -17.73
CA VAL A 312 16.27 9.10 -17.36
C VAL A 312 17.45 8.15 -17.20
N TYR A 313 17.77 7.85 -15.94
CA TYR A 313 18.99 7.13 -15.59
C TYR A 313 18.67 5.99 -14.61
N VAL A 314 19.71 5.41 -14.02
CA VAL A 314 19.59 4.32 -13.06
C VAL A 314 18.36 4.46 -12.17
N SER A 315 17.50 3.44 -12.22
CA SER A 315 16.36 3.32 -11.30
C SER A 315 16.66 2.19 -10.32
N GLU A 316 16.03 2.24 -9.15
CA GLU A 316 16.30 1.26 -8.11
C GLU A 316 15.88 -0.15 -8.54
N GLY A 317 16.76 -1.10 -8.27
CA GLY A 317 16.50 -2.51 -8.56
C GLY A 317 17.21 -3.37 -7.53
N MET A 318 16.78 -4.62 -7.43
CA MET A 318 17.37 -5.55 -6.48
C MET A 318 18.69 -6.09 -7.03
N ASN A 319 19.54 -6.57 -6.11
CA ASN A 319 20.76 -7.28 -6.46
C ASN A 319 20.66 -8.70 -5.95
N ARG A 320 20.34 -9.63 -6.85
CA ARG A 320 20.10 -11.00 -6.43
C ARG A 320 21.37 -11.83 -6.27
N GLU A 321 22.19 -11.88 -7.31
CA GLU A 321 23.47 -12.58 -7.21
C GLU A 321 24.52 -11.72 -6.53
N ALA A 322 25.33 -12.34 -5.69
CA ALA A 322 26.46 -11.68 -5.06
C ALA A 322 27.63 -11.55 -6.03
N THR A 323 28.05 -10.30 -6.27
CA THR A 323 29.30 -10.00 -6.97
C THR A 323 30.38 -9.70 -5.93
N MET A 324 31.59 -9.37 -6.38
CA MET A 324 32.71 -9.12 -5.45
C MET A 324 32.63 -7.77 -4.76
N GLY A 325 31.70 -6.93 -5.20
CA GLY A 325 31.51 -5.61 -4.61
C GLY A 325 30.13 -5.37 -4.03
N LEU A 326 29.18 -6.23 -4.38
CA LEU A 326 27.76 -6.01 -4.08
C LEU A 326 27.11 -7.11 -3.26
N ILE A 327 26.52 -6.69 -2.13
CA ILE A 327 25.90 -7.59 -1.15
C ILE A 327 24.66 -8.28 -1.72
N PRO A 328 24.57 -9.61 -1.57
CA PRO A 328 23.38 -10.32 -2.04
C PRO A 328 22.14 -9.92 -1.24
N GLY A 329 21.11 -9.47 -1.92
CA GLY A 329 19.86 -9.07 -1.28
C GLY A 329 19.76 -7.61 -0.89
N GLN A 330 20.58 -6.76 -1.51
CA GLN A 330 20.52 -5.31 -1.26
C GLN A 330 19.87 -4.57 -2.43
N VAL A 331 19.46 -3.33 -2.20
CA VAL A 331 18.95 -2.47 -3.26
C VAL A 331 20.11 -1.75 -3.95
N LEU A 332 19.95 -1.50 -5.26
CA LEU A 332 20.96 -0.78 -6.03
C LEU A 332 20.39 0.52 -6.59
N THR A 333 21.01 1.65 -6.23
CA THR A 333 20.60 2.96 -6.74
C THR A 333 21.74 3.57 -7.55
N GLU A 334 21.58 4.83 -7.97
CA GLU A 334 22.63 5.56 -8.69
C GLU A 334 23.88 5.78 -7.83
N ASP A 335 23.71 5.66 -6.52
CA ASP A 335 24.79 5.87 -5.54
C ASP A 335 25.52 4.59 -5.10
N SER A 336 25.17 3.45 -5.70
CA SER A 336 25.76 2.16 -5.35
C SER A 336 27.16 1.98 -5.94
N PRO A 337 28.09 1.38 -5.15
CA PRO A 337 29.52 1.34 -5.49
C PRO A 337 29.83 0.43 -6.67
N LEU A 338 30.70 0.92 -7.56
CA LEU A 338 31.11 0.16 -8.73
C LEU A 338 32.54 -0.36 -8.56
N GLU A 339 32.68 -1.40 -7.75
CA GLU A 339 33.96 -2.07 -7.51
C GLU A 339 34.47 -2.77 -8.78
N PRO A 340 35.79 -2.85 -8.97
CA PRO A 340 36.84 -2.35 -8.10
C PRO A 340 37.32 -0.95 -8.50
N PHE A 341 36.43 -0.14 -9.06
CA PHE A 341 36.80 1.15 -9.66
C PHE A 341 36.69 2.33 -8.70
N TYR A 342 37.81 3.03 -8.54
CA TYR A 342 37.92 4.13 -7.59
C TYR A 342 38.36 5.43 -8.24
N THR A 343 37.81 6.53 -7.75
CA THR A 343 38.11 7.87 -8.25
C THR A 343 39.49 8.32 -7.80
N LYS A 344 40.03 9.36 -8.44
CA LYS A 344 41.32 9.97 -8.05
C LYS A 344 41.34 10.40 -6.57
N ASN A 345 40.16 10.48 -5.97
CA ASN A 345 40.02 10.84 -4.55
C ASN A 345 39.79 9.63 -3.64
N GLN A 346 39.99 8.43 -4.20
CA GLN A 346 39.87 7.13 -3.50
C GLN A 346 38.45 6.77 -3.03
N ASP A 347 37.44 7.24 -3.76
CA ASP A 347 36.06 6.88 -3.52
C ASP A 347 35.64 5.84 -4.54
N PRO A 348 34.71 4.94 -4.17
CA PRO A 348 34.18 4.03 -5.17
C PRO A 348 33.43 4.81 -6.24
N TRP A 349 33.67 4.48 -7.51
CA TRP A 349 32.93 5.09 -8.62
C TRP A 349 31.45 4.73 -8.51
N GLN A 350 30.60 5.69 -8.86
CA GLN A 350 29.15 5.49 -8.85
C GLN A 350 28.60 5.90 -10.20
N SER A 351 27.46 5.33 -10.56
CA SER A 351 26.80 5.63 -11.82
C SER A 351 26.66 7.15 -11.99
N ASP A 352 26.11 7.80 -10.95
CA ASP A 352 25.91 9.25 -10.89
C ASP A 352 27.10 10.04 -11.46
N ASP A 353 28.32 9.63 -11.11
CA ASP A 353 29.54 10.31 -11.54
C ASP A 353 29.80 10.19 -13.04
N LEU A 354 29.42 9.05 -13.62
CA LEU A 354 29.71 8.77 -15.03
C LEU A 354 28.48 8.81 -15.96
N GLU A 355 27.42 9.49 -15.53
CA GLU A 355 26.25 9.72 -16.39
C GLU A 355 26.69 10.47 -17.65
N ASP A 356 27.32 11.63 -17.46
CA ASP A 356 27.94 12.38 -18.56
C ASP A 356 29.23 11.68 -18.98
N TRP A 357 29.18 10.95 -20.09
CA TRP A 357 30.31 10.10 -20.53
C TRP A 357 31.62 10.83 -20.83
N GLU A 358 31.52 12.10 -21.24
CA GLU A 358 32.69 12.93 -21.56
C GLU A 358 33.59 13.21 -20.35
N THR A 359 33.06 13.00 -19.14
CA THR A 359 33.83 13.13 -17.91
C THR A 359 35.00 12.11 -17.86
N LEU A 360 34.93 11.12 -18.75
CA LEU A 360 35.94 10.06 -18.83
C LEU A 360 36.86 10.24 -20.03
N GLY A 361 36.55 11.23 -20.87
CA GLY A 361 37.44 11.64 -21.95
C GLY A 361 37.19 11.03 -23.31
N PHE A 362 35.93 10.74 -23.63
CA PHE A 362 35.58 10.23 -24.95
C PHE A 362 34.20 10.72 -25.44
N SER A 363 34.01 10.67 -26.76
CA SER A 363 32.68 10.83 -27.36
C SER A 363 32.48 9.82 -28.51
N TYR A 364 31.46 10.04 -29.34
CA TYR A 364 31.13 9.14 -30.44
C TYR A 364 30.69 9.92 -31.68
N PRO A 365 31.34 9.67 -32.83
CA PRO A 365 31.08 10.41 -34.08
C PRO A 365 29.64 10.87 -34.23
N ASP A 366 28.70 10.03 -33.84
CA ASP A 366 27.27 10.35 -33.92
C ASP A 366 26.92 11.71 -33.31
N PHE A 367 27.73 12.14 -32.34
CA PHE A 367 27.45 13.34 -31.54
C PHE A 367 28.22 14.58 -31.98
N ASP A 368 29.00 14.45 -33.05
CA ASP A 368 29.73 15.58 -33.63
C ASP A 368 28.80 16.69 -34.16
N PRO A 369 27.79 16.33 -34.97
CA PRO A 369 26.92 17.34 -35.58
C PRO A 369 26.05 18.14 -34.60
N VAL A 370 25.83 17.59 -33.41
CA VAL A 370 24.97 18.25 -32.41
C VAL A 370 25.74 18.79 -31.20
N LYS A 371 27.05 18.92 -31.33
CA LYS A 371 27.89 19.46 -30.26
C LYS A 371 27.45 20.87 -29.86
N GLY A 372 27.24 21.07 -28.56
CA GLY A 372 26.88 22.39 -28.03
C GLY A 372 25.39 22.67 -27.97
N LYS A 373 24.60 21.93 -28.74
CA LYS A 373 23.14 22.09 -28.76
C LYS A 373 22.50 21.60 -27.47
N SER A 374 21.22 21.93 -27.29
CA SER A 374 20.51 21.55 -26.07
C SER A 374 20.15 20.07 -26.07
N LYS A 375 19.79 19.56 -24.90
CA LYS A 375 19.33 18.19 -24.75
C LYS A 375 18.20 17.88 -25.73
N GLU A 376 17.25 18.81 -25.86
CA GLU A 376 16.11 18.66 -26.76
C GLU A 376 16.53 18.56 -28.22
N GLU A 377 17.48 19.40 -28.63
CA GLU A 377 17.97 19.41 -30.02
C GLU A 377 18.76 18.14 -30.35
N LYS A 378 19.62 17.73 -29.41
CA LYS A 378 20.35 16.48 -29.51
C LYS A 378 19.40 15.29 -29.49
N SER A 379 18.27 15.45 -28.79
CA SER A 379 17.25 14.41 -28.68
C SER A 379 16.59 14.16 -30.05
N VAL A 380 16.10 15.23 -30.66
CA VAL A 380 15.45 15.16 -31.97
C VAL A 380 16.41 14.58 -33.01
N TYR A 381 17.55 15.24 -33.18
CA TYR A 381 18.53 14.88 -34.21
C TYR A 381 19.00 13.42 -34.14
N ILE A 382 19.36 12.95 -32.96
CA ILE A 382 19.81 11.56 -32.75
C ILE A 382 18.70 10.54 -33.05
N ASN A 383 17.48 10.83 -32.59
CA ASN A 383 16.33 9.96 -32.89
C ASN A 383 16.03 9.87 -34.38
N ASP A 384 16.43 10.89 -35.14
CA ASP A 384 16.38 10.85 -36.59
C ASP A 384 17.52 10.01 -37.14
N TRP A 385 18.70 10.20 -36.57
CA TRP A 385 19.92 9.49 -36.97
C TRP A 385 19.83 7.98 -36.73
N VAL A 386 19.19 7.58 -35.63
CA VAL A 386 18.93 6.16 -35.36
C VAL A 386 17.94 5.61 -36.40
N HIS A 387 16.95 6.43 -36.77
CA HIS A 387 15.96 6.07 -37.79
C HIS A 387 16.56 6.00 -39.19
N LYS A 388 17.51 6.89 -39.48
CA LYS A 388 18.23 6.89 -40.75
C LYS A 388 19.22 5.72 -40.83
N HIS A 389 19.81 5.35 -39.69
CA HIS A 389 20.90 4.38 -39.64
C HIS A 389 20.41 2.94 -39.46
N TYR A 390 19.58 2.70 -38.44
CA TYR A 390 19.10 1.35 -38.13
C TYR A 390 17.65 1.04 -38.54
N GLY A 391 16.99 2.01 -39.16
CA GLY A 391 15.58 1.87 -39.55
C GLY A 391 15.34 0.98 -40.76
N SER B 1 12.69 26.40 -29.28
CA SER B 1 13.95 26.21 -30.05
C SER B 1 14.86 27.45 -30.00
N ASP B 2 15.91 27.44 -30.84
CA ASP B 2 16.95 28.48 -30.86
C ASP B 2 17.66 28.60 -29.50
N LYS B 3 17.87 29.84 -29.06
CA LYS B 3 18.35 30.13 -27.73
C LYS B 3 17.17 30.46 -26.83
N LYS B 4 17.22 30.01 -25.57
CA LYS B 4 16.17 30.32 -24.61
C LYS B 4 16.62 31.40 -23.63
N SER B 5 17.89 31.38 -23.23
CA SER B 5 18.43 32.40 -22.34
C SER B 5 19.52 33.24 -22.99
N LEU B 6 19.49 34.54 -22.74
CA LEU B 6 20.46 35.48 -23.29
C LEU B 6 21.69 35.68 -22.40
N MET B 7 21.58 35.28 -21.14
CA MET B 7 22.71 35.21 -20.22
C MET B 7 22.70 33.86 -19.49
N PRO B 8 23.47 32.87 -19.99
CA PRO B 8 23.48 31.56 -19.33
C PRO B 8 24.33 31.55 -18.06
N LEU B 9 23.94 30.74 -17.08
CA LEU B 9 24.73 30.56 -15.88
C LEU B 9 25.88 29.58 -16.15
N VAL B 10 27.11 30.07 -16.00
CA VAL B 10 28.31 29.24 -16.19
C VAL B 10 29.21 29.24 -14.94
N GLY B 11 28.89 30.09 -13.96
CA GLY B 11 29.71 30.24 -12.77
C GLY B 11 31.00 30.98 -13.09
N ILE B 12 32.10 30.57 -12.46
CA ILE B 12 33.42 31.17 -12.72
C ILE B 12 34.35 30.15 -13.39
N PRO B 13 34.99 30.54 -14.50
CA PRO B 13 36.00 29.67 -15.11
C PRO B 13 37.35 29.91 -14.47
N GLY B 14 38.31 29.03 -14.74
CA GLY B 14 39.66 29.15 -14.18
C GLY B 14 39.87 28.30 -12.94
N GLU B 15 40.79 28.74 -12.08
CA GLU B 15 41.13 28.00 -10.86
C GLU B 15 40.08 28.18 -9.77
N ILE B 16 39.84 27.12 -9.00
CA ILE B 16 38.86 27.14 -7.91
C ILE B 16 39.38 27.98 -6.74
N LYS B 17 38.63 29.03 -6.40
CA LYS B 17 39.02 29.95 -5.32
C LYS B 17 37.95 30.05 -4.24
N ASN B 18 38.39 30.31 -3.02
CA ASN B 18 37.51 30.38 -1.86
C ASN B 18 36.63 31.62 -1.80
N ARG B 19 35.38 31.40 -1.42
CA ARG B 19 34.48 32.43 -0.94
C ARG B 19 34.86 32.70 0.52
N LEU B 20 35.29 33.91 0.82
CA LEU B 20 35.87 34.19 2.14
C LEU B 20 34.86 34.71 3.17
N ASN B 21 35.27 34.70 4.43
CA ASN B 21 34.48 35.25 5.52
C ASN B 21 34.50 36.77 5.42
N ILE B 22 33.35 37.40 5.65
CA ILE B 22 33.22 38.86 5.52
C ILE B 22 34.19 39.65 6.43
N LEU B 23 34.42 39.13 7.64
CA LEU B 23 35.38 39.73 8.58
C LEU B 23 36.81 39.70 8.03
N ASP B 24 37.13 38.67 7.26
CA ASP B 24 38.43 38.53 6.59
C ASP B 24 38.48 39.28 5.26
N PHE B 25 37.36 39.24 4.52
CA PHE B 25 37.24 39.87 3.21
C PHE B 25 37.59 41.35 3.25
N VAL B 26 36.97 42.08 4.19
CA VAL B 26 37.15 43.53 4.33
C VAL B 26 38.59 43.95 4.67
N LYS B 27 39.32 43.06 5.34
CA LYS B 27 40.72 43.31 5.69
C LYS B 27 41.62 43.28 4.45
N ASN B 28 41.19 42.55 3.43
CA ASN B 28 41.89 42.49 2.15
C ASN B 28 41.58 43.74 1.33
N ASP B 29 42.58 44.62 1.20
CA ASP B 29 42.45 45.87 0.44
C ASP B 29 42.12 45.62 -1.03
N LYS B 30 42.79 44.65 -1.64
CA LYS B 30 42.57 44.29 -3.05
C LYS B 30 41.15 43.79 -3.31
N PHE B 31 40.71 42.78 -2.56
CA PHE B 31 39.37 42.20 -2.71
C PHE B 31 38.24 43.20 -2.42
N PHE B 32 38.43 44.04 -1.40
CA PHE B 32 37.37 44.95 -0.96
C PHE B 32 37.13 46.12 -1.91
N THR B 33 38.21 46.66 -2.49
CA THR B 33 38.09 47.72 -3.49
C THR B 33 37.33 47.20 -4.71
N LEU B 34 37.75 46.04 -5.21
CA LEU B 34 37.13 45.43 -6.39
C LEU B 34 35.65 45.11 -6.20
N TYR B 35 35.29 44.61 -5.02
CA TYR B 35 33.90 44.33 -4.68
C TYR B 35 33.07 45.61 -4.74
N VAL B 36 33.57 46.66 -4.08
CA VAL B 36 32.89 47.95 -4.02
C VAL B 36 32.75 48.57 -5.41
N ARG B 37 33.82 48.50 -6.21
CA ARG B 37 33.82 49.09 -7.55
C ARG B 37 32.91 48.34 -8.52
N ALA B 38 32.90 47.01 -8.42
CA ALA B 38 32.04 46.18 -9.25
C ALA B 38 30.56 46.37 -8.89
N LEU B 39 30.29 46.52 -7.60
CA LEU B 39 28.94 46.81 -7.13
C LEU B 39 28.46 48.18 -7.64
N GLN B 40 29.36 49.16 -7.62
CA GLN B 40 29.12 50.50 -8.18
C GLN B 40 28.71 50.45 -9.64
N VAL B 41 29.35 49.57 -10.41
CA VAL B 41 29.03 49.34 -11.82
C VAL B 41 27.64 48.72 -11.94
N LEU B 42 27.41 47.64 -11.18
CA LEU B 42 26.15 46.90 -11.23
C LEU B 42 24.93 47.72 -10.84
N GLN B 43 25.09 48.58 -9.84
CA GLN B 43 23.99 49.44 -9.37
C GLN B 43 23.75 50.62 -10.31
N ALA B 44 24.83 51.18 -10.85
CA ALA B 44 24.75 52.31 -11.79
C ALA B 44 24.05 51.97 -13.11
N ARG B 45 24.17 50.71 -13.53
CA ARG B 45 23.60 50.22 -14.79
C ARG B 45 22.09 50.42 -14.89
N ASP B 46 21.60 50.50 -16.13
CA ASP B 46 20.17 50.65 -16.40
C ASP B 46 19.40 49.51 -15.75
N GLN B 47 18.25 49.83 -15.16
CA GLN B 47 17.45 48.82 -14.45
C GLN B 47 16.73 47.83 -15.37
N SER B 48 16.70 48.11 -16.67
CA SER B 48 16.14 47.20 -17.66
C SER B 48 17.19 46.25 -18.23
N ASP B 49 18.46 46.51 -17.93
CA ASP B 49 19.56 45.64 -18.36
C ASP B 49 19.64 44.42 -17.46
N TYR B 50 19.68 43.23 -18.08
CA TYR B 50 19.60 41.96 -17.35
C TYR B 50 20.80 41.64 -16.44
N SER B 51 21.95 42.27 -16.71
CA SER B 51 23.16 42.08 -15.90
C SER B 51 23.36 43.22 -14.90
N SER B 52 22.26 43.85 -14.48
CA SER B 52 22.31 44.92 -13.50
C SER B 52 21.84 44.46 -12.13
N PHE B 53 22.15 45.26 -11.11
CA PHE B 53 21.79 44.94 -9.74
C PHE B 53 20.29 44.78 -9.54
N PHE B 54 19.51 45.61 -10.23
CA PHE B 54 18.06 45.56 -10.16
C PHE B 54 17.54 44.25 -10.71
N GLN B 55 17.99 43.89 -11.91
CA GLN B 55 17.48 42.69 -12.59
C GLN B 55 17.94 41.40 -11.91
N LEU B 56 19.15 41.42 -11.35
CA LEU B 56 19.68 40.26 -10.63
C LEU B 56 18.90 40.02 -9.33
N GLY B 57 18.57 41.10 -8.64
CA GLY B 57 17.71 41.05 -7.45
C GLY B 57 16.27 40.80 -7.82
N GLY B 58 15.88 41.25 -9.01
CA GLY B 58 14.50 41.15 -9.51
C GLY B 58 14.12 39.81 -10.07
N ILE B 59 15.05 38.86 -9.99
CA ILE B 59 14.74 37.47 -10.29
C ILE B 59 13.98 36.91 -9.10
N HIS B 60 14.54 37.09 -7.90
CA HIS B 60 14.03 36.51 -6.66
C HIS B 60 12.52 36.71 -6.49
N GLY B 61 12.11 37.94 -6.20
CA GLY B 61 10.70 38.25 -6.11
C GLY B 61 10.28 39.18 -7.23
N LEU B 62 9.69 40.30 -6.82
CA LEU B 62 9.25 41.36 -7.73
C LEU B 62 10.47 42.02 -8.39
N PRO B 63 10.31 42.50 -9.64
CA PRO B 63 9.11 42.44 -10.46
C PRO B 63 8.82 41.02 -10.97
N TYR B 64 7.58 40.78 -11.37
CA TYR B 64 7.19 39.50 -11.95
C TYR B 64 7.26 39.57 -13.47
N THR B 65 8.48 39.67 -13.99
CA THR B 65 8.77 39.72 -15.42
C THR B 65 9.98 38.82 -15.77
N GLU B 66 9.85 38.03 -16.83
CA GLU B 66 10.90 37.08 -17.27
C GLU B 66 12.33 37.67 -17.24
N TRP B 67 13.32 36.81 -16.97
CA TRP B 67 14.72 37.26 -16.90
C TRP B 67 15.63 36.64 -17.97
N ALA B 68 16.22 37.53 -18.78
CA ALA B 68 17.18 37.17 -19.84
C ALA B 68 16.66 36.04 -20.72
N LYS B 69 15.48 36.25 -21.30
CA LYS B 69 14.88 35.27 -22.19
C LYS B 69 14.85 35.79 -23.62
N ALA B 70 15.31 34.97 -24.55
CA ALA B 70 15.38 35.35 -25.96
C ALA B 70 13.99 35.57 -26.58
N GLN B 71 13.02 34.80 -26.11
CA GLN B 71 11.64 34.90 -26.58
C GLN B 71 10.63 34.83 -25.42
N PRO B 72 9.67 35.78 -25.40
CA PRO B 72 8.64 35.85 -24.36
C PRO B 72 7.49 34.86 -24.60
N GLN B 73 6.88 34.41 -23.51
CA GLN B 73 5.79 33.45 -23.56
C GLN B 73 4.43 34.13 -23.77
N LEU B 74 3.45 33.37 -24.25
CA LEU B 74 2.13 33.89 -24.56
C LEU B 74 1.42 34.47 -23.34
N HIS B 75 1.42 33.71 -22.24
CA HIS B 75 0.83 34.14 -20.98
C HIS B 75 1.75 33.74 -19.83
N LEU B 76 2.34 34.74 -19.17
CA LEU B 76 3.33 34.51 -18.13
C LEU B 76 2.70 34.37 -16.75
N TYR B 77 3.10 33.35 -16.01
CA TYR B 77 2.66 33.22 -14.62
C TYR B 77 3.47 34.16 -13.74
N LYS B 78 2.82 35.26 -13.36
CA LYS B 78 3.46 36.33 -12.61
C LYS B 78 3.57 35.95 -11.13
N ALA B 79 4.76 35.47 -10.75
CA ALA B 79 5.05 35.06 -9.37
C ALA B 79 6.57 34.97 -9.18
N ASN B 80 6.99 34.76 -7.93
CA ASN B 80 8.41 34.61 -7.59
C ASN B 80 9.11 33.53 -8.40
N TYR B 81 10.34 33.82 -8.81
CA TYR B 81 11.20 32.79 -9.41
C TYR B 81 11.67 31.82 -8.35
N CYS B 82 12.04 32.34 -7.18
CA CYS B 82 12.61 31.52 -6.10
C CYS B 82 11.64 30.47 -5.60
N THR B 83 12.19 29.35 -5.14
CA THR B 83 11.39 28.27 -4.58
C THR B 83 11.59 28.20 -3.07
N HIS B 84 10.49 28.37 -2.32
CA HIS B 84 10.54 28.35 -0.87
C HIS B 84 9.57 27.34 -0.30
N GLY B 85 10.03 26.56 0.67
CA GLY B 85 9.21 25.55 1.34
C GLY B 85 9.08 24.25 0.56
N THR B 86 9.97 24.06 -0.41
CA THR B 86 10.00 22.86 -1.21
C THR B 86 11.40 22.27 -1.17
N VAL B 87 11.52 21.00 -1.61
CA VAL B 87 12.79 20.29 -1.60
C VAL B 87 13.90 20.95 -2.43
N LEU B 88 13.51 21.86 -3.33
CA LEU B 88 14.46 22.52 -4.23
C LEU B 88 15.10 23.78 -3.65
N PHE B 89 14.65 24.19 -2.47
CA PHE B 89 15.10 25.44 -1.84
C PHE B 89 16.63 25.65 -1.74
N PRO B 90 17.40 24.63 -1.27
CA PRO B 90 18.85 24.88 -1.17
C PRO B 90 19.56 24.93 -2.53
N THR B 91 19.12 24.08 -3.46
CA THR B 91 19.75 23.92 -4.76
C THR B 91 19.49 25.10 -5.71
N TRP B 92 18.23 25.56 -5.75
CA TRP B 92 17.88 26.70 -6.59
C TRP B 92 18.64 27.94 -6.17
N HIS B 93 18.79 28.12 -4.86
CA HIS B 93 19.50 29.29 -4.30
C HIS B 93 21.02 29.24 -4.53
N ARG B 94 21.56 28.03 -4.71
CA ARG B 94 22.96 27.87 -5.09
C ARG B 94 23.17 28.42 -6.49
N ALA B 95 22.31 28.01 -7.43
CA ALA B 95 22.36 28.49 -8.80
C ALA B 95 22.25 30.01 -8.82
N TYR B 96 21.28 30.52 -8.08
CA TYR B 96 21.01 31.95 -7.98
C TYR B 96 22.23 32.73 -7.46
N GLU B 97 22.90 32.18 -6.46
CA GLU B 97 24.12 32.76 -5.92
C GLU B 97 25.22 32.89 -6.98
N SER B 98 25.38 31.85 -7.80
CA SER B 98 26.38 31.84 -8.86
C SER B 98 26.00 32.70 -10.06
N THR B 99 24.70 32.88 -10.28
CA THR B 99 24.22 33.78 -11.32
C THR B 99 24.65 35.20 -10.96
N TRP B 100 24.40 35.56 -9.70
CA TRP B 100 24.87 36.81 -9.12
C TRP B 100 26.39 36.92 -9.18
N GLU B 101 27.08 35.85 -8.78
CA GLU B 101 28.54 35.88 -8.62
C GLU B 101 29.28 36.04 -9.95
N GLN B 102 28.79 35.40 -11.01
CA GLN B 102 29.43 35.50 -12.32
C GLN B 102 29.35 36.91 -12.89
N THR B 103 28.24 37.60 -12.60
CA THR B 103 28.01 38.97 -13.04
C THR B 103 28.94 39.92 -12.31
N LEU B 104 29.02 39.75 -10.98
CA LEU B 104 29.90 40.54 -10.12
C LEU B 104 31.37 40.31 -10.50
N TRP B 105 31.70 39.07 -10.83
CA TRP B 105 33.06 38.70 -11.21
C TRP B 105 33.48 39.36 -12.53
N GLU B 106 32.58 39.34 -13.51
CA GLU B 106 32.88 39.85 -14.85
C GLU B 106 32.99 41.38 -14.88
N ALA B 107 32.15 42.03 -14.09
CA ALA B 107 32.19 43.48 -13.91
C ALA B 107 33.47 43.91 -13.18
N ALA B 108 33.91 43.09 -12.22
CA ALA B 108 35.16 43.32 -11.50
C ALA B 108 36.37 43.05 -12.38
N GLY B 109 36.20 42.22 -13.40
CA GLY B 109 37.26 41.95 -14.38
C GLY B 109 37.59 43.19 -15.19
N THR B 110 36.55 43.91 -15.61
CA THR B 110 36.69 45.15 -16.37
C THR B 110 37.24 46.28 -15.49
N VAL B 111 36.79 46.33 -14.24
CA VAL B 111 37.23 47.32 -13.26
C VAL B 111 38.73 47.24 -12.99
N ALA B 112 39.24 46.03 -12.79
CA ALA B 112 40.65 45.79 -12.51
C ALA B 112 41.59 46.25 -13.63
N GLN B 113 41.06 46.34 -14.84
CA GLN B 113 41.84 46.79 -16.00
C GLN B 113 42.21 48.27 -15.91
N ARG B 114 41.47 49.02 -15.09
CA ARG B 114 41.60 50.48 -15.04
C ARG B 114 42.73 51.02 -14.17
N PHE B 115 43.24 50.21 -13.25
CA PHE B 115 44.35 50.60 -12.36
C PHE B 115 45.63 50.89 -13.14
N THR B 116 46.32 51.97 -12.78
CA THR B 116 47.54 52.38 -13.47
C THR B 116 48.78 52.46 -12.57
N THR B 117 48.75 51.73 -11.46
CA THR B 117 49.93 51.63 -10.58
C THR B 117 50.80 50.45 -11.02
N SER B 118 52.00 50.35 -10.44
CA SER B 118 52.94 49.29 -10.80
C SER B 118 52.49 47.89 -10.38
N ASP B 119 51.68 47.81 -9.32
CA ASP B 119 51.17 46.54 -8.83
C ASP B 119 49.85 46.11 -9.51
N GLN B 120 49.65 46.58 -10.74
CA GLN B 120 48.46 46.24 -11.54
C GLN B 120 48.32 44.73 -11.79
N ALA B 121 49.45 44.03 -11.79
CA ALA B 121 49.46 42.57 -11.93
C ALA B 121 48.85 41.89 -10.70
N GLU B 122 49.06 42.48 -9.54
CA GLU B 122 48.43 42.03 -8.29
C GLU B 122 46.94 42.40 -8.27
N TRP B 123 46.58 43.45 -9.00
CA TRP B 123 45.19 43.88 -9.12
C TRP B 123 44.39 42.98 -10.05
N ILE B 124 44.96 42.70 -11.22
CA ILE B 124 44.32 41.86 -12.24
C ILE B 124 44.09 40.44 -11.74
N GLN B 125 45.09 39.89 -11.07
CA GLN B 125 45.02 38.55 -10.48
C GLN B 125 43.93 38.47 -9.40
N ALA B 126 43.78 39.56 -8.64
CA ALA B 126 42.78 39.63 -7.56
C ALA B 126 41.36 39.56 -8.10
N ALA B 127 41.15 40.10 -9.30
CA ALA B 127 39.85 40.07 -9.97
C ALA B 127 39.44 38.66 -10.36
N LYS B 128 40.40 37.85 -10.81
CA LYS B 128 40.15 36.45 -11.10
C LYS B 128 39.79 35.72 -9.82
N ASP B 129 40.57 36.00 -8.76
CA ASP B 129 40.42 35.34 -7.46
C ASP B 129 39.22 35.82 -6.63
N LEU B 130 38.53 36.86 -7.11
CA LEU B 130 37.40 37.44 -6.38
C LEU B 130 36.20 36.50 -6.33
N ARG B 131 35.57 36.40 -5.16
CA ARG B 131 34.36 35.64 -4.95
C ARG B 131 33.49 36.35 -3.93
N GLN B 132 32.19 36.09 -3.97
CA GLN B 132 31.24 36.65 -3.01
C GLN B 132 31.54 36.13 -1.61
N PRO B 133 31.78 37.04 -0.65
CA PRO B 133 32.03 36.63 0.73
C PRO B 133 30.74 36.25 1.45
N PHE B 134 30.87 35.64 2.63
CA PHE B 134 29.73 35.23 3.43
C PHE B 134 29.75 35.81 4.84
N TRP B 135 28.58 35.78 5.49
CA TRP B 135 28.47 36.14 6.90
C TRP B 135 28.09 34.90 7.73
N ASP B 136 29.03 34.45 8.56
CA ASP B 136 28.84 33.25 9.37
C ASP B 136 27.94 33.51 10.57
N TRP B 137 26.64 33.38 10.37
CA TRP B 137 25.66 33.68 11.42
C TRP B 137 25.41 32.55 12.42
N GLY B 138 26.29 31.55 12.43
CA GLY B 138 26.23 30.49 13.41
C GLY B 138 27.37 30.53 14.41
N TYR B 139 28.40 31.32 14.10
CA TYR B 139 29.61 31.37 14.91
C TYR B 139 29.56 32.47 15.99
N TRP B 140 29.33 32.04 17.22
CA TRP B 140 29.43 32.92 18.38
C TRP B 140 30.59 32.46 19.27
N PRO B 141 31.64 33.29 19.38
CA PRO B 141 32.88 32.90 20.03
C PRO B 141 32.84 33.08 21.54
N ASN B 142 31.67 32.91 22.14
CA ASN B 142 31.44 33.14 23.57
C ASN B 142 31.85 34.54 24.01
N ASP B 143 31.40 35.54 23.26
CA ASP B 143 31.62 36.96 23.57
C ASP B 143 30.34 37.72 23.28
N PRO B 144 29.70 38.26 24.33
CA PRO B 144 28.41 38.97 24.19
C PRO B 144 28.52 40.26 23.38
N ASP B 145 29.75 40.66 23.05
CA ASP B 145 30.03 41.89 22.31
C ASP B 145 30.17 41.64 20.81
N PHE B 146 30.44 40.39 20.44
CA PHE B 146 30.75 40.00 19.06
C PHE B 146 29.59 40.21 18.08
N ILE B 147 29.94 40.53 16.83
CA ILE B 147 29.00 40.55 15.72
C ILE B 147 29.65 39.95 14.47
N GLY B 148 28.86 39.25 13.67
CA GLY B 148 29.36 38.60 12.45
C GLY B 148 29.62 39.53 11.27
N LEU B 149 29.07 40.74 11.32
CA LEU B 149 29.18 41.68 10.21
C LEU B 149 29.99 42.92 10.59
N PRO B 150 31.03 43.26 9.79
CA PRO B 150 31.87 44.42 10.02
C PRO B 150 31.18 45.74 9.66
N ASP B 151 31.81 46.85 10.06
CA ASP B 151 31.25 48.19 9.85
C ASP B 151 31.06 48.58 8.38
N GLN B 152 31.91 48.05 7.51
CA GLN B 152 31.83 48.34 6.08
C GLN B 152 30.55 47.81 5.43
N VAL B 153 29.79 47.01 6.17
CA VAL B 153 28.55 46.41 5.65
C VAL B 153 27.29 46.95 6.35
N ILE B 154 27.36 47.11 7.67
CA ILE B 154 26.16 47.47 8.46
C ILE B 154 26.12 48.88 9.05
N ARG B 155 27.24 49.60 9.05
CA ARG B 155 27.28 50.94 9.67
C ARG B 155 27.80 52.08 8.79
N ASP B 156 28.95 51.86 8.16
CA ASP B 156 29.66 52.93 7.43
C ASP B 156 28.90 53.44 6.22
N LYS B 157 28.59 54.73 6.24
CA LYS B 157 27.96 55.40 5.10
C LYS B 157 28.98 55.64 3.99
N GLN B 158 30.25 55.61 4.34
CA GLN B 158 31.34 55.74 3.37
C GLN B 158 32.46 54.76 3.64
N VAL B 159 32.88 54.06 2.58
CA VAL B 159 33.96 53.09 2.68
C VAL B 159 35.26 53.59 2.04
N GLU B 160 36.38 53.25 2.66
CA GLU B 160 37.70 53.56 2.11
C GLU B 160 38.15 52.46 1.16
N ILE B 161 38.33 52.84 -0.10
CA ILE B 161 38.88 51.96 -1.13
C ILE B 161 40.09 52.64 -1.73
N THR B 162 40.88 51.88 -2.48
CA THR B 162 42.02 52.45 -3.18
C THR B 162 41.56 52.90 -4.56
N ASP B 163 41.80 54.18 -4.89
CA ASP B 163 41.51 54.69 -6.22
C ASP B 163 42.55 54.16 -7.22
N TYR B 164 42.20 54.23 -8.50
CA TYR B 164 42.96 53.56 -9.56
C TYR B 164 44.44 53.94 -9.68
N ASN B 165 44.84 54.99 -8.97
CA ASN B 165 46.22 55.44 -8.94
C ASN B 165 46.82 55.45 -7.52
N GLY B 166 46.67 54.34 -6.80
CA GLY B 166 47.31 54.16 -5.49
C GLY B 166 46.76 54.96 -4.32
N THR B 167 46.08 56.07 -4.62
CA THR B 167 45.56 56.97 -3.59
C THR B 167 44.30 56.41 -2.92
N LYS B 168 44.17 56.67 -1.62
CA LYS B 168 43.00 56.23 -0.85
C LYS B 168 41.89 57.27 -0.92
N ILE B 169 40.68 56.81 -1.22
CA ILE B 169 39.51 57.70 -1.35
C ILE B 169 38.28 57.18 -0.61
N GLU B 170 37.36 58.09 -0.30
CA GLU B 170 36.05 57.72 0.23
C GLU B 170 34.96 57.81 -0.84
N VAL B 171 34.06 56.84 -0.85
CA VAL B 171 32.92 56.81 -1.78
C VAL B 171 31.68 56.38 -1.04
N GLU B 172 30.51 56.62 -1.65
CA GLU B 172 29.25 56.14 -1.09
C GLU B 172 29.30 54.63 -0.93
N ASN B 173 28.73 54.14 0.16
CA ASN B 173 28.75 52.71 0.43
C ASN B 173 27.67 51.95 -0.36
N PRO B 174 28.10 51.17 -1.37
CA PRO B 174 27.15 50.43 -2.20
C PRO B 174 26.58 49.19 -1.51
N ILE B 175 27.14 48.81 -0.36
CA ILE B 175 26.67 47.64 0.37
C ILE B 175 25.54 48.01 1.34
N LEU B 176 25.74 49.09 2.09
CA LEU B 176 24.80 49.54 3.13
C LEU B 176 23.36 49.64 2.64
N HIS B 177 23.16 50.30 1.50
CA HIS B 177 21.86 50.35 0.83
C HIS B 177 22.04 50.11 -0.67
N TYR B 178 20.92 49.95 -1.36
CA TYR B 178 20.89 50.10 -2.81
C TYR B 178 19.84 51.16 -3.11
N LYS B 179 20.22 52.20 -3.85
CA LYS B 179 19.30 53.25 -4.25
C LYS B 179 18.58 52.85 -5.54
N PHE B 180 17.26 52.81 -5.46
CA PHE B 180 16.40 52.51 -6.62
C PHE B 180 16.41 53.68 -7.60
N HIS B 181 16.40 53.37 -8.89
CA HIS B 181 16.22 54.39 -9.92
C HIS B 181 15.33 53.90 -11.08
N PRO B 182 14.00 54.02 -10.93
CA PRO B 182 13.32 54.44 -9.71
C PRO B 182 12.82 53.23 -8.92
N ILE B 183 11.96 53.45 -7.93
CA ILE B 183 11.22 52.37 -7.26
C ILE B 183 10.53 51.55 -8.35
N GLU B 184 10.50 50.22 -8.17
CA GLU B 184 9.77 49.34 -9.10
C GLU B 184 8.27 49.59 -9.01
N PRO B 185 7.63 49.95 -10.15
CA PRO B 185 6.21 50.29 -10.22
C PRO B 185 5.25 49.29 -9.57
N THR B 186 5.57 47.99 -9.66
CA THR B 186 4.67 46.95 -9.13
C THR B 186 4.78 46.74 -7.61
N PHE B 187 5.59 47.53 -6.92
CA PHE B 187 5.66 47.48 -5.44
C PHE B 187 4.40 48.07 -4.80
N GLU B 188 3.92 47.42 -3.75
CA GLU B 188 2.73 47.87 -3.01
C GLU B 188 3.06 48.16 -1.54
N GLY B 189 2.41 49.18 -0.98
CA GLY B 189 2.56 49.51 0.44
C GLY B 189 3.75 50.37 0.77
N ASP B 190 4.48 50.01 1.83
CA ASP B 190 5.68 50.73 2.26
C ASP B 190 6.79 50.69 1.20
N PHE B 191 6.87 49.56 0.49
CA PHE B 191 7.89 49.33 -0.53
C PHE B 191 7.69 50.22 -1.76
N ALA B 192 6.52 50.85 -1.85
CA ALA B 192 6.23 51.83 -2.88
C ALA B 192 6.70 53.23 -2.47
N GLN B 193 7.05 53.38 -1.19
CA GLN B 193 7.49 54.67 -0.63
C GLN B 193 8.92 54.63 -0.09
N TRP B 194 9.72 53.70 -0.59
CA TRP B 194 11.12 53.58 -0.17
C TRP B 194 12.08 53.65 -1.36
N GLN B 195 12.81 54.76 -1.46
CA GLN B 195 13.72 55.01 -2.58
C GLN B 195 15.05 54.26 -2.47
N THR B 196 15.29 53.65 -1.31
CA THR B 196 16.43 52.76 -1.11
C THR B 196 15.99 51.48 -0.40
N THR B 197 16.93 50.56 -0.19
CA THR B 197 16.68 49.37 0.63
C THR B 197 16.75 49.77 2.10
N MET B 198 15.89 49.17 2.92
CA MET B 198 15.77 49.53 4.32
C MET B 198 15.92 48.31 5.23
N ARG B 199 16.80 48.43 6.22
CA ARG B 199 17.06 47.34 7.18
C ARG B 199 16.43 47.65 8.53
N TYR B 200 15.75 46.66 9.10
CA TYR B 200 15.17 46.73 10.46
C TYR B 200 14.38 48.02 10.70
N PRO B 201 13.27 48.23 9.96
CA PRO B 201 12.51 49.47 10.07
C PRO B 201 11.86 49.65 11.44
N ASP B 202 11.63 50.91 11.82
CA ASP B 202 10.91 51.23 13.07
C ASP B 202 9.46 51.60 12.79
N VAL B 203 8.81 52.28 13.73
CA VAL B 203 7.39 52.64 13.63
C VAL B 203 7.15 53.71 12.57
N GLN B 204 8.11 54.63 12.44
CA GLN B 204 8.00 55.77 11.52
C GLN B 204 8.58 55.46 10.13
N LYS B 205 8.76 54.17 9.84
CA LYS B 205 9.31 53.68 8.57
C LYS B 205 10.74 54.16 8.26
N GLN B 206 11.59 54.17 9.28
CA GLN B 206 13.03 54.41 9.11
C GLN B 206 13.86 53.29 9.70
N GLU B 207 15.12 53.21 9.28
CA GLU B 207 16.03 52.16 9.71
C GLU B 207 16.48 52.29 11.18
N ASN B 208 16.19 51.25 11.96
CA ASN B 208 16.67 51.13 13.33
C ASN B 208 17.92 50.25 13.33
N ILE B 209 19.02 50.78 12.78
CA ILE B 209 20.29 50.04 12.61
C ILE B 209 20.96 49.63 13.93
N GLU B 210 20.90 50.51 14.92
CA GLU B 210 21.48 50.21 16.24
C GLU B 210 20.66 49.20 17.02
N GLY B 211 19.35 49.17 16.75
CA GLY B 211 18.47 48.14 17.29
C GLY B 211 18.69 46.80 16.60
N MET B 212 19.00 46.87 15.31
CA MET B 212 19.29 45.68 14.50
C MET B 212 20.53 44.96 15.02
N ILE B 213 21.58 45.73 15.27
CA ILE B 213 22.86 45.20 15.74
C ILE B 213 22.75 44.62 17.14
N ALA B 214 22.04 45.32 18.02
CA ALA B 214 21.77 44.86 19.38
C ALA B 214 20.97 43.55 19.38
N GLY B 215 20.11 43.38 18.37
CA GLY B 215 19.33 42.16 18.22
C GLY B 215 20.19 41.00 17.74
N ILE B 216 21.06 41.29 16.78
CA ILE B 216 22.01 40.31 16.23
C ILE B 216 22.96 39.77 17.30
N LYS B 217 23.41 40.65 18.19
CA LYS B 217 24.29 40.26 19.30
C LYS B 217 23.59 39.36 20.31
N ALA B 218 22.35 39.73 20.66
CA ALA B 218 21.59 39.02 21.68
C ALA B 218 21.15 37.63 21.24
N ALA B 219 20.85 37.48 19.95
CA ALA B 219 20.43 36.19 19.40
C ALA B 219 21.62 35.29 19.03
N ALA B 220 22.82 35.87 18.95
CA ALA B 220 24.03 35.15 18.52
C ALA B 220 24.33 33.85 19.28
N PRO B 221 24.12 33.83 20.62
CA PRO B 221 24.23 32.55 21.34
C PRO B 221 23.21 31.52 20.85
N GLY B 222 21.96 31.96 20.69
CA GLY B 222 20.89 31.08 20.23
C GLY B 222 21.21 30.39 18.92
N PHE B 223 21.76 31.15 17.98
CA PHE B 223 22.09 30.65 16.64
C PHE B 223 23.32 29.74 16.58
N ARG B 224 24.21 29.81 17.56
CA ARG B 224 25.32 28.87 17.65
C ARG B 224 24.76 27.48 17.95
N GLU B 225 23.84 27.41 18.91
CA GLU B 225 23.17 26.18 19.29
C GLU B 225 22.28 25.67 18.16
N TRP B 226 21.59 26.59 17.48
CA TRP B 226 20.64 26.25 16.41
C TRP B 226 21.33 25.74 15.14
N THR B 227 22.39 26.44 14.72
CA THR B 227 23.15 26.04 13.53
C THR B 227 23.76 24.64 13.73
N PHE B 228 24.37 24.42 14.90
CA PHE B 228 24.98 23.13 15.24
C PHE B 228 23.96 21.99 15.24
N ASN B 229 22.79 22.23 15.82
CA ASN B 229 21.67 21.29 15.77
C ASN B 229 21.23 21.00 14.34
N MET B 230 21.19 22.03 13.50
CA MET B 230 20.74 21.90 12.12
C MET B 230 21.66 21.02 11.27
N LEU B 231 22.97 21.23 11.43
CA LEU B 231 23.98 20.51 10.64
C LEU B 231 24.20 19.07 11.06
N THR B 232 23.98 18.76 12.34
CA THR B 232 24.33 17.44 12.88
C THR B 232 23.13 16.55 13.24
N LYS B 233 21.94 17.16 13.37
CA LYS B 233 20.71 16.43 13.73
C LYS B 233 19.92 15.90 12.52
N ASN B 234 19.89 16.65 11.42
CA ASN B 234 19.22 16.20 10.20
C ASN B 234 20.09 15.18 9.44
N TYR B 235 19.48 14.05 9.09
CA TYR B 235 20.17 12.99 8.33
C TYR B 235 19.50 12.70 7.00
N THR B 236 18.31 13.26 6.80
CA THR B 236 17.56 13.12 5.54
C THR B 236 17.40 14.48 4.86
N TRP B 237 17.37 14.46 3.53
CA TRP B 237 17.24 15.69 2.75
C TRP B 237 15.94 16.43 3.07
N GLU B 238 14.85 15.69 3.22
CA GLU B 238 13.53 16.26 3.51
C GLU B 238 13.55 17.20 4.72
N LEU B 239 14.12 16.75 5.83
CA LEU B 239 14.11 17.50 7.09
C LEU B 239 15.19 18.59 7.18
N PHE B 240 16.09 18.61 6.21
CA PHE B 240 17.19 19.59 6.17
C PHE B 240 16.91 20.72 5.18
N SER B 241 16.25 20.39 4.07
CA SER B 241 16.11 21.33 2.95
C SER B 241 15.07 22.43 3.16
N ASN B 242 13.84 22.05 3.50
CA ASN B 242 12.71 22.99 3.56
C ASN B 242 12.07 23.15 4.94
N HIS B 243 11.20 24.16 5.07
CA HIS B 243 10.54 24.47 6.34
C HIS B 243 9.18 23.78 6.58
N GLY B 244 8.76 22.93 5.64
CA GLY B 244 7.57 22.10 5.83
C GLY B 244 6.34 22.57 5.08
N ALA B 245 5.36 21.68 4.95
CA ALA B 245 4.08 21.98 4.30
C ALA B 245 3.31 23.04 5.07
N VAL B 246 3.36 22.94 6.40
CA VAL B 246 2.92 24.02 7.29
C VAL B 246 4.19 24.65 7.83
N VAL B 247 4.46 25.90 7.44
CA VAL B 247 5.71 26.58 7.79
C VAL B 247 5.97 26.58 9.31
N GLY B 248 6.99 25.81 9.71
CA GLY B 248 7.30 25.58 11.12
C GLY B 248 7.33 24.10 11.50
N ALA B 249 6.93 23.25 10.53
CA ALA B 249 6.88 21.79 10.74
C ALA B 249 8.28 21.20 10.89
N HIS B 250 9.17 21.55 9.95
CA HIS B 250 10.58 21.22 10.07
C HIS B 250 11.29 22.42 10.70
N ALA B 251 11.29 22.45 12.04
CA ALA B 251 11.81 23.57 12.81
C ALA B 251 13.34 23.69 12.75
N ASN B 252 14.00 22.58 12.48
CA ASN B 252 15.46 22.50 12.56
C ASN B 252 16.18 22.51 11.20
N SER B 253 15.47 22.86 10.15
CA SER B 253 16.00 22.82 8.78
C SER B 253 16.85 24.04 8.40
N LEU B 254 17.55 23.96 7.28
CA LEU B 254 18.39 25.05 6.78
C LEU B 254 17.54 26.30 6.54
N GLU B 255 16.40 26.10 5.89
CA GLU B 255 15.50 27.19 5.54
C GLU B 255 14.95 27.91 6.77
N MET B 256 14.43 27.15 7.74
CA MET B 256 13.77 27.73 8.91
C MET B 256 14.73 28.61 9.72
N VAL B 257 15.98 28.18 9.85
CA VAL B 257 17.03 28.96 10.49
C VAL B 257 17.33 30.21 9.65
N HIS B 258 17.39 29.99 8.33
CA HIS B 258 17.60 31.05 7.34
C HIS B 258 16.45 32.07 7.28
N ASN B 259 15.24 31.63 7.62
CA ASN B 259 14.08 32.54 7.75
C ASN B 259 14.22 33.52 8.92
N THR B 260 14.72 33.03 10.06
CA THR B 260 14.87 33.84 11.28
C THR B 260 16.06 34.78 11.20
N VAL B 261 17.01 34.46 10.31
CA VAL B 261 18.15 35.34 10.07
C VAL B 261 17.72 36.52 9.18
N HIS B 262 16.89 36.22 8.18
CA HIS B 262 16.26 37.25 7.33
C HIS B 262 15.49 38.27 8.18
N PHE B 263 14.88 37.80 9.27
CA PHE B 263 14.12 38.67 10.18
C PHE B 263 15.01 39.45 11.15
N LEU B 264 16.24 38.99 11.37
CA LEU B 264 17.21 39.71 12.19
C LEU B 264 17.62 41.03 11.55
N ILE B 265 17.70 41.03 10.21
CA ILE B 265 18.05 42.23 9.45
C ILE B 265 16.80 42.98 8.98
N GLY B 266 15.71 42.25 8.75
CA GLY B 266 14.56 42.83 8.07
C GLY B 266 13.33 43.15 8.88
N ARG B 267 13.19 42.55 10.06
CA ARG B 267 11.94 42.65 10.80
C ARG B 267 12.11 42.69 12.32
N ASP B 268 11.78 43.84 12.92
CA ASP B 268 11.67 43.98 14.36
C ASP B 268 10.43 43.19 14.79
N PRO B 269 10.62 42.10 15.56
CA PRO B 269 9.50 41.20 15.90
C PRO B 269 8.62 41.71 17.06
N THR B 270 9.13 42.70 17.78
CA THR B 270 8.44 43.30 18.91
C THR B 270 7.38 44.29 18.43
N LEU B 271 7.58 44.79 17.20
CA LEU B 271 6.76 45.85 16.63
C LEU B 271 5.40 45.33 16.18
N ASP B 272 4.34 45.98 16.64
CA ASP B 272 2.97 45.56 16.34
C ASP B 272 2.11 46.75 15.89
N PRO B 273 1.64 46.75 14.63
CA PRO B 273 1.81 45.68 13.63
C PRO B 273 3.18 45.73 12.97
N LEU B 274 3.62 44.57 12.45
CA LEU B 274 4.95 44.43 11.85
C LEU B 274 5.15 45.39 10.69
N VAL B 275 6.32 46.00 10.64
CA VAL B 275 6.73 46.82 9.50
C VAL B 275 7.98 46.19 8.89
N PRO B 276 7.80 45.21 7.98
CA PRO B 276 8.96 44.51 7.44
C PRO B 276 9.75 45.37 6.46
N GLY B 277 11.06 45.28 6.55
CA GLY B 277 11.94 45.92 5.57
C GLY B 277 12.11 45.02 4.37
N HIS B 278 13.02 45.40 3.49
CA HIS B 278 13.28 44.63 2.28
C HIS B 278 13.71 43.19 2.57
N MET B 279 14.72 43.03 3.43
CA MET B 279 15.21 41.70 3.81
C MET B 279 14.20 40.88 4.62
N GLY B 280 13.19 41.56 5.16
CA GLY B 280 12.12 40.92 5.93
C GLY B 280 10.96 40.44 5.09
N SER B 281 10.98 40.79 3.80
CA SER B 281 9.93 40.39 2.86
C SER B 281 10.52 39.59 1.70
N VAL B 282 9.92 38.43 1.42
CA VAL B 282 10.42 37.52 0.38
C VAL B 282 10.49 38.15 -1.02
N PRO B 283 9.42 38.86 -1.45
CA PRO B 283 9.43 39.44 -2.79
C PRO B 283 10.38 40.63 -2.99
N HIS B 284 10.95 41.14 -1.89
CA HIS B 284 11.77 42.34 -1.95
C HIS B 284 13.21 42.10 -1.51
N ALA B 285 13.44 40.95 -0.88
CA ALA B 285 14.69 40.67 -0.16
C ALA B 285 16.00 40.81 -0.95
N ALA B 286 15.99 40.40 -2.22
CA ALA B 286 17.21 40.29 -3.01
C ALA B 286 17.75 41.60 -3.58
N PHE B 287 17.13 42.71 -3.18
CA PHE B 287 17.60 44.05 -3.54
C PHE B 287 18.58 44.59 -2.51
N ASP B 288 18.59 43.97 -1.33
CA ASP B 288 19.51 44.36 -0.27
C ASP B 288 20.81 43.58 -0.44
N PRO B 289 21.93 44.29 -0.75
CA PRO B 289 23.22 43.66 -1.03
C PRO B 289 23.63 42.58 -0.01
N ILE B 290 23.28 42.79 1.25
CA ILE B 290 23.58 41.84 2.33
C ILE B 290 22.97 40.46 2.08
N PHE B 291 21.93 40.43 1.26
CA PHE B 291 21.28 39.20 0.80
C PHE B 291 22.34 38.20 0.32
N TRP B 292 23.24 38.69 -0.52
CA TRP B 292 24.25 37.86 -1.16
C TRP B 292 25.27 37.28 -0.19
N MET B 293 25.50 37.99 0.92
CA MET B 293 26.36 37.51 2.00
C MET B 293 25.62 36.45 2.81
N HIS B 294 24.30 36.61 2.89
CA HIS B 294 23.44 35.70 3.64
C HIS B 294 23.23 34.38 2.89
N HIS B 295 23.03 34.47 1.57
CA HIS B 295 22.85 33.27 0.78
C HIS B 295 24.15 32.64 0.28
N CYS B 296 25.27 33.25 0.62
CA CYS B 296 26.56 32.61 0.48
C CYS B 296 26.80 31.67 1.66
N ASN B 297 26.34 32.09 2.84
CA ASN B 297 26.47 31.28 4.06
C ASN B 297 25.44 30.17 4.15
N VAL B 298 24.30 30.33 3.48
CA VAL B 298 23.33 29.24 3.31
C VAL B 298 23.96 28.18 2.40
N ASP B 299 24.65 28.63 1.35
CA ASP B 299 25.30 27.73 0.41
C ASP B 299 26.54 27.07 1.02
N ARG B 300 27.17 27.75 1.97
CA ARG B 300 28.30 27.18 2.70
C ARG B 300 27.82 26.06 3.63
N LEU B 301 26.78 26.35 4.41
CA LEU B 301 26.20 25.37 5.32
C LEU B 301 25.55 24.19 4.58
N LEU B 302 25.22 24.39 3.31
CA LEU B 302 24.74 23.31 2.44
C LEU B 302 25.92 22.44 2.04
N ALA B 303 27.06 23.07 1.77
CA ALA B 303 28.28 22.35 1.42
C ALA B 303 28.86 21.61 2.61
N LEU B 304 28.68 22.16 3.80
CA LEU B 304 29.15 21.51 5.02
C LEU B 304 28.34 20.25 5.35
N TRP B 305 27.02 20.34 5.16
CA TRP B 305 26.12 19.21 5.41
C TRP B 305 26.26 18.12 4.34
N GLN B 306 26.56 18.52 3.11
CA GLN B 306 26.76 17.58 2.01
C GLN B 306 28.01 16.73 2.28
N THR B 307 29.03 17.36 2.83
CA THR B 307 30.31 16.70 3.09
C THR B 307 30.17 15.61 4.16
N MET B 308 29.38 15.89 5.19
CA MET B 308 29.08 14.92 6.25
C MET B 308 28.09 13.86 5.75
N ASN B 309 26.91 14.29 5.33
CA ASN B 309 25.89 13.41 4.77
C ASN B 309 26.07 13.30 3.25
N TYR B 310 27.17 12.69 2.83
CA TYR B 310 27.48 12.59 1.40
C TYR B 310 26.63 11.55 0.68
N ASP B 311 26.44 11.77 -0.62
CA ASP B 311 25.59 10.96 -1.48
C ASP B 311 24.11 11.00 -1.07
N VAL B 312 23.79 11.84 -0.11
CA VAL B 312 22.40 12.07 0.30
C VAL B 312 22.01 13.46 -0.17
N TYR B 313 21.20 13.51 -1.23
CA TYR B 313 20.87 14.74 -1.93
C TYR B 313 19.35 14.84 -2.11
N VAL B 314 18.91 15.65 -3.06
CA VAL B 314 17.50 15.99 -3.25
C VAL B 314 16.58 14.77 -3.33
N SER B 315 15.60 14.72 -2.43
CA SER B 315 14.57 13.69 -2.44
C SER B 315 13.28 14.25 -3.02
N GLU B 316 12.36 13.36 -3.41
CA GLU B 316 11.13 13.76 -4.08
C GLU B 316 10.12 14.37 -3.11
N GLY B 317 9.74 15.62 -3.38
CA GLY B 317 8.70 16.33 -2.62
C GLY B 317 7.65 16.98 -3.50
N MET B 318 6.68 17.65 -2.89
CA MET B 318 5.61 18.31 -3.63
C MET B 318 5.89 19.79 -3.87
N ASN B 319 5.29 20.32 -4.92
CA ASN B 319 5.26 21.78 -5.19
C ASN B 319 3.86 22.31 -4.98
N ARG B 320 3.63 22.93 -3.82
CA ARG B 320 2.30 23.45 -3.47
C ARG B 320 2.08 24.88 -3.92
N GLU B 321 3.14 25.70 -3.87
CA GLU B 321 3.07 27.08 -4.36
C GLU B 321 3.56 27.21 -5.79
N ALA B 322 2.77 27.91 -6.60
CA ALA B 322 3.12 28.18 -7.99
C ALA B 322 4.24 29.22 -8.07
N THR B 323 5.37 28.82 -8.64
CA THR B 323 6.50 29.72 -8.88
C THR B 323 6.68 29.86 -10.39
N MET B 324 7.27 30.97 -10.83
CA MET B 324 7.35 31.32 -12.26
C MET B 324 7.84 30.19 -13.17
N GLY B 325 8.64 29.28 -12.62
CA GLY B 325 9.17 28.17 -13.40
C GLY B 325 8.52 26.82 -13.15
N LEU B 326 7.77 26.71 -12.05
CA LEU B 326 7.25 25.41 -11.62
C LEU B 326 5.73 25.35 -11.50
N ILE B 327 5.14 24.40 -12.24
CA ILE B 327 3.72 24.07 -12.18
C ILE B 327 3.27 23.74 -10.75
N PRO B 328 2.18 24.36 -10.28
CA PRO B 328 1.61 23.97 -8.99
C PRO B 328 1.01 22.56 -9.06
N GLY B 329 1.38 21.70 -8.12
CA GLY B 329 0.87 20.34 -8.05
C GLY B 329 1.82 19.24 -8.53
N GLN B 330 2.92 19.63 -9.16
CA GLN B 330 3.88 18.66 -9.68
C GLN B 330 4.80 18.13 -8.58
N VAL B 331 5.48 17.03 -8.88
CA VAL B 331 6.54 16.49 -8.01
C VAL B 331 7.88 17.11 -8.42
N LEU B 332 8.74 17.34 -7.43
CA LEU B 332 10.06 17.91 -7.66
C LEU B 332 11.16 16.89 -7.39
N THR B 333 12.06 16.70 -8.37
CA THR B 333 13.19 15.80 -8.22
C THR B 333 14.52 16.54 -8.45
N GLU B 334 15.60 15.78 -8.59
CA GLU B 334 16.92 16.35 -8.86
C GLU B 334 17.04 16.80 -10.32
N ASP B 335 16.09 16.36 -11.15
CA ASP B 335 16.07 16.68 -12.59
C ASP B 335 15.14 17.86 -12.94
N SER B 336 14.45 18.40 -11.94
CA SER B 336 13.52 19.53 -12.13
C SER B 336 14.24 20.84 -12.50
N PRO B 337 13.63 21.63 -13.40
CA PRO B 337 14.23 22.86 -13.94
C PRO B 337 14.36 23.99 -12.92
N LEU B 338 15.52 24.64 -12.89
CA LEU B 338 15.75 25.76 -12.00
C LEU B 338 15.73 27.08 -12.77
N GLU B 339 14.53 27.59 -13.02
CA GLU B 339 14.33 28.80 -13.81
C GLU B 339 14.67 30.05 -13.00
N PRO B 340 15.26 31.08 -13.65
CA PRO B 340 15.53 31.20 -15.08
C PRO B 340 16.97 30.83 -15.48
N PHE B 341 17.60 29.93 -14.73
CA PHE B 341 19.01 29.61 -14.92
C PHE B 341 19.24 28.54 -15.99
N TYR B 342 19.99 28.90 -17.02
CA TYR B 342 20.27 28.00 -18.14
C TYR B 342 21.77 27.73 -18.32
N THR B 343 22.10 26.57 -18.86
CA THR B 343 23.49 26.18 -19.13
C THR B 343 23.98 26.79 -20.46
N LYS B 344 25.29 26.71 -20.69
CA LYS B 344 25.90 27.20 -21.93
C LYS B 344 25.32 26.53 -23.17
N ASN B 345 24.79 25.31 -23.00
CA ASN B 345 24.17 24.56 -24.10
C ASN B 345 22.68 24.86 -24.28
N GLN B 346 22.17 25.77 -23.45
CA GLN B 346 20.76 26.18 -23.43
C GLN B 346 19.83 25.09 -22.87
N ASP B 347 20.25 24.51 -21.75
CA ASP B 347 19.41 23.59 -20.98
C ASP B 347 19.05 24.27 -19.67
N PRO B 348 17.86 23.97 -19.12
CA PRO B 348 17.57 24.47 -17.77
C PRO B 348 18.49 23.78 -16.77
N TRP B 349 19.10 24.55 -15.89
CA TRP B 349 19.93 24.00 -14.82
C TRP B 349 19.13 23.09 -13.89
N GLN B 350 19.76 21.99 -13.47
CA GLN B 350 19.15 21.03 -12.55
C GLN B 350 19.94 20.98 -11.25
N SER B 351 19.32 20.45 -10.20
CA SER B 351 19.99 20.25 -8.92
C SER B 351 21.12 19.24 -9.11
N ASP B 352 20.79 18.18 -9.84
CA ASP B 352 21.72 17.15 -10.29
C ASP B 352 23.04 17.75 -10.82
N ASP B 353 22.93 18.84 -11.58
CA ASP B 353 24.07 19.42 -12.26
C ASP B 353 24.99 20.22 -11.35
N LEU B 354 24.45 20.70 -10.22
CA LEU B 354 25.22 21.55 -9.30
C LEU B 354 25.41 20.97 -7.89
N GLU B 355 25.29 19.66 -7.78
CA GLU B 355 25.55 18.94 -6.52
C GLU B 355 26.97 19.19 -6.04
N ASP B 356 27.93 18.96 -6.93
CA ASP B 356 29.33 19.29 -6.68
C ASP B 356 29.50 20.80 -6.89
N TRP B 357 29.46 21.56 -5.80
CA TRP B 357 29.54 23.03 -5.85
C TRP B 357 30.72 23.60 -6.63
N GLU B 358 31.87 22.89 -6.58
CA GLU B 358 33.09 23.31 -7.29
C GLU B 358 32.91 23.47 -8.81
N THR B 359 31.85 22.85 -9.34
CA THR B 359 31.52 22.94 -10.78
C THR B 359 31.13 24.37 -11.20
N LEU B 360 30.90 25.23 -10.22
CA LEU B 360 30.57 26.64 -10.45
C LEU B 360 31.77 27.54 -10.22
N GLY B 361 32.89 26.94 -9.82
CA GLY B 361 34.17 27.63 -9.72
C GLY B 361 34.54 28.18 -8.35
N PHE B 362 33.93 27.62 -7.30
CA PHE B 362 34.22 28.08 -5.95
C PHE B 362 34.33 26.93 -4.96
N SER B 363 34.95 27.22 -3.81
CA SER B 363 34.96 26.33 -2.65
C SER B 363 34.84 27.20 -1.39
N TYR B 364 35.12 26.60 -0.23
CA TYR B 364 35.05 27.30 1.05
C TYR B 364 36.28 27.02 1.89
N PRO B 365 36.68 27.99 2.75
CA PRO B 365 37.91 27.80 3.55
C PRO B 365 37.83 26.59 4.47
N ASP B 366 36.62 26.13 4.74
CA ASP B 366 36.37 24.96 5.59
C ASP B 366 37.02 23.69 5.05
N PHE B 367 37.07 23.57 3.72
CA PHE B 367 37.52 22.34 3.06
C PHE B 367 39.01 22.37 2.67
N ASP B 368 39.67 23.49 2.94
CA ASP B 368 41.10 23.67 2.67
C ASP B 368 42.01 22.54 3.20
N PRO B 369 41.87 22.18 4.50
CA PRO B 369 42.78 21.16 5.04
C PRO B 369 42.51 19.73 4.55
N VAL B 370 41.28 19.43 4.13
CA VAL B 370 40.96 18.06 3.70
C VAL B 370 40.64 17.90 2.22
N LYS B 371 40.89 18.96 1.46
CA LYS B 371 40.76 18.89 0.01
C LYS B 371 41.58 17.72 -0.53
N GLY B 372 40.95 16.92 -1.38
CA GLY B 372 41.62 15.80 -2.05
C GLY B 372 41.42 14.43 -1.40
N LYS B 373 41.03 14.46 -0.13
CA LYS B 373 40.78 13.23 0.62
C LYS B 373 39.44 12.62 0.20
N SER B 374 39.16 11.42 0.69
CA SER B 374 37.95 10.70 0.34
C SER B 374 36.70 11.31 0.98
N LYS B 375 35.52 10.89 0.50
CA LYS B 375 34.25 11.30 1.10
C LYS B 375 34.17 10.88 2.56
N GLU B 376 34.70 9.69 2.85
CA GLU B 376 34.75 9.18 4.21
C GLU B 376 35.65 10.06 5.10
N GLU B 377 36.86 10.35 4.63
CA GLU B 377 37.81 11.18 5.38
C GLU B 377 37.26 12.58 5.69
N LYS B 378 36.63 13.18 4.68
CA LYS B 378 36.03 14.50 4.80
C LYS B 378 34.82 14.50 5.73
N SER B 379 34.07 13.39 5.71
CA SER B 379 32.94 13.20 6.61
C SER B 379 33.41 13.17 8.06
N VAL B 380 34.56 12.54 8.28
CA VAL B 380 35.17 12.45 9.61
C VAL B 380 35.66 13.84 10.05
N TYR B 381 36.48 14.48 9.23
CA TYR B 381 37.08 15.76 9.57
C TYR B 381 36.05 16.86 9.81
N ILE B 382 35.29 17.19 8.76
CA ILE B 382 34.30 18.28 8.82
C ILE B 382 33.39 18.16 10.05
N ASN B 383 32.95 16.94 10.36
CA ASN B 383 32.12 16.71 11.54
C ASN B 383 32.78 17.13 12.86
N ASP B 384 34.10 16.98 12.95
CA ASP B 384 34.88 17.47 14.09
C ASP B 384 35.03 19.00 14.04
N TRP B 385 35.25 19.51 12.83
CA TRP B 385 35.35 20.94 12.58
C TRP B 385 34.07 21.68 12.97
N VAL B 386 32.92 21.10 12.60
CA VAL B 386 31.60 21.61 12.98
C VAL B 386 31.42 21.62 14.51
N HIS B 387 31.90 20.58 15.17
CA HIS B 387 31.85 20.47 16.63
C HIS B 387 32.78 21.45 17.34
N LYS B 388 33.97 21.66 16.78
CA LYS B 388 34.95 22.62 17.31
C LYS B 388 34.50 24.07 17.11
N HIS B 389 33.79 24.32 16.00
CA HIS B 389 33.45 25.68 15.60
C HIS B 389 32.14 26.19 16.20
N TYR B 390 31.09 25.38 16.13
CA TYR B 390 29.78 25.76 16.66
C TYR B 390 29.40 25.06 17.97
N GLY B 391 30.41 24.73 18.76
CA GLY B 391 30.22 23.98 20.01
C GLY B 391 30.90 24.61 21.21
N SER C 1 -22.17 -35.74 -0.55
CA SER C 1 -23.03 -36.96 -0.43
C SER C 1 -23.21 -37.38 1.04
N ASP C 2 -24.38 -37.98 1.30
CA ASP C 2 -24.73 -38.59 2.61
C ASP C 2 -24.45 -37.70 3.84
N LYS C 3 -24.17 -38.36 4.96
CA LYS C 3 -23.82 -37.67 6.21
C LYS C 3 -22.31 -37.47 6.29
N LYS C 4 -21.90 -36.39 6.96
CA LYS C 4 -20.50 -36.14 7.25
C LYS C 4 -20.21 -36.56 8.68
N SER C 5 -21.04 -36.07 9.60
CA SER C 5 -20.92 -36.35 11.02
C SER C 5 -22.08 -37.24 11.49
N LEU C 6 -21.79 -38.17 12.39
CA LEU C 6 -22.80 -39.08 12.93
C LEU C 6 -23.62 -38.45 14.04
N MET C 7 -22.98 -37.62 14.87
CA MET C 7 -23.66 -36.92 15.97
C MET C 7 -23.61 -35.41 15.77
N PRO C 8 -24.67 -34.84 15.15
CA PRO C 8 -24.73 -33.40 14.91
C PRO C 8 -24.88 -32.58 16.19
N LEU C 9 -24.31 -31.38 16.18
CA LEU C 9 -24.49 -30.43 17.27
C LEU C 9 -25.80 -29.65 17.08
N VAL C 10 -26.82 -30.02 17.86
CA VAL C 10 -28.12 -29.32 17.83
C VAL C 10 -28.31 -28.41 19.04
N GLY C 11 -27.52 -28.69 20.09
CA GLY C 11 -27.66 -27.98 21.37
C GLY C 11 -28.86 -28.50 22.14
N ILE C 12 -29.38 -27.68 23.04
CA ILE C 12 -30.53 -28.07 23.86
C ILE C 12 -31.82 -27.51 23.28
N PRO C 13 -32.77 -28.40 22.91
CA PRO C 13 -34.10 -27.97 22.48
C PRO C 13 -35.00 -27.62 23.67
N GLY C 14 -36.03 -26.82 23.42
CA GLY C 14 -36.99 -26.43 24.46
C GLY C 14 -36.79 -25.02 24.99
N GLU C 15 -37.30 -24.78 26.18
CA GLU C 15 -37.16 -23.47 26.83
C GLU C 15 -35.71 -23.15 27.17
N ILE C 16 -35.32 -21.89 26.94
CA ILE C 16 -33.98 -21.41 27.26
C ILE C 16 -33.81 -21.33 28.77
N LYS C 17 -32.91 -22.16 29.30
CA LYS C 17 -32.61 -22.20 30.73
C LYS C 17 -31.19 -21.75 31.00
N ASN C 18 -30.94 -21.29 32.23
CA ASN C 18 -29.66 -20.71 32.61
C ASN C 18 -28.56 -21.72 32.94
N ARG C 19 -27.32 -21.35 32.61
CA ARG C 19 -26.14 -22.05 33.11
C ARG C 19 -25.80 -21.42 34.45
N LEU C 20 -25.91 -22.21 35.52
CA LEU C 20 -25.82 -21.67 36.88
C LEU C 20 -24.39 -21.60 37.41
N ASN C 21 -24.19 -20.78 38.44
CA ASN C 21 -22.91 -20.71 39.14
C ASN C 21 -22.67 -21.98 39.94
N ILE C 22 -21.46 -22.52 39.85
CA ILE C 22 -21.11 -23.75 40.55
C ILE C 22 -21.35 -23.68 42.07
N LEU C 23 -21.21 -22.48 42.64
CA LEU C 23 -21.49 -22.24 44.06
C LEU C 23 -22.97 -22.38 44.39
N ASP C 24 -23.84 -22.04 43.43
CA ASP C 24 -25.28 -22.21 43.58
C ASP C 24 -25.75 -23.59 43.10
N PHE C 25 -25.10 -24.09 42.06
CA PHE C 25 -25.46 -25.37 41.44
C PHE C 25 -25.41 -26.52 42.43
N VAL C 26 -24.35 -26.55 43.25
CA VAL C 26 -24.11 -27.64 44.20
C VAL C 26 -25.10 -27.68 45.37
N LYS C 27 -25.76 -26.55 45.63
CA LYS C 27 -26.75 -26.45 46.69
C LYS C 27 -28.14 -26.90 46.21
N ASN C 28 -28.27 -27.06 44.89
CA ASN C 28 -29.50 -27.58 44.29
C ASN C 28 -29.43 -29.10 44.24
N ASP C 29 -30.30 -29.76 44.99
CA ASP C 29 -30.27 -31.22 45.10
C ASP C 29 -30.72 -31.92 43.81
N LYS C 30 -31.62 -31.27 43.07
CA LYS C 30 -32.15 -31.80 41.82
C LYS C 30 -31.10 -31.78 40.71
N PHE C 31 -30.45 -30.63 40.54
CA PHE C 31 -29.42 -30.44 39.50
C PHE C 31 -28.11 -31.17 39.82
N PHE C 32 -27.68 -31.11 41.09
CA PHE C 32 -26.39 -31.66 41.49
C PHE C 32 -26.35 -33.17 41.36
N THR C 33 -27.41 -33.84 41.80
CA THR C 33 -27.51 -35.30 41.70
C THR C 33 -27.58 -35.74 40.24
N LEU C 34 -28.46 -35.09 39.47
CA LEU C 34 -28.59 -35.34 38.03
C LEU C 34 -27.27 -35.20 37.28
N TYR C 35 -26.44 -34.25 37.71
CA TYR C 35 -25.13 -34.00 37.12
C TYR C 35 -24.18 -35.16 37.42
N VAL C 36 -24.12 -35.55 38.69
CA VAL C 36 -23.23 -36.63 39.13
C VAL C 36 -23.58 -37.95 38.44
N ARG C 37 -24.86 -38.30 38.45
CA ARG C 37 -25.35 -39.55 37.86
C ARG C 37 -25.10 -39.61 36.35
N ALA C 38 -25.49 -38.54 35.64
CA ALA C 38 -25.28 -38.46 34.19
C ALA C 38 -23.80 -38.50 33.82
N LEU C 39 -22.94 -37.94 34.68
CA LEU C 39 -21.50 -37.95 34.47
C LEU C 39 -20.90 -39.34 34.71
N GLN C 40 -21.53 -40.10 35.61
CA GLN C 40 -21.16 -41.50 35.84
C GLN C 40 -21.51 -42.37 34.64
N VAL C 41 -22.59 -42.03 33.95
CA VAL C 41 -23.02 -42.72 32.74
C VAL C 41 -21.98 -42.49 31.63
N LEU C 42 -21.58 -41.23 31.45
CA LEU C 42 -20.63 -40.85 30.41
C LEU C 42 -19.23 -41.44 30.61
N GLN C 43 -18.80 -41.58 31.86
CA GLN C 43 -17.48 -42.12 32.17
C GLN C 43 -17.42 -43.64 32.01
N ALA C 44 -18.51 -44.31 32.36
CA ALA C 44 -18.58 -45.78 32.33
C ALA C 44 -18.79 -46.32 30.91
N ARG C 45 -19.19 -45.46 29.98
CA ARG C 45 -19.33 -45.83 28.57
C ARG C 45 -17.99 -46.21 27.94
N ASP C 46 -18.01 -47.21 27.06
CA ASP C 46 -16.82 -47.69 26.35
C ASP C 46 -16.03 -46.53 25.75
N GLN C 47 -14.70 -46.63 25.83
CA GLN C 47 -13.81 -45.53 25.39
C GLN C 47 -13.77 -45.28 23.88
N SER C 48 -14.27 -46.23 23.09
CA SER C 48 -14.38 -46.08 21.64
C SER C 48 -15.79 -45.62 21.21
N ASP C 49 -16.63 -45.29 22.19
CA ASP C 49 -17.97 -44.78 21.95
C ASP C 49 -17.96 -43.26 21.88
N TYR C 50 -18.49 -42.71 20.78
CA TYR C 50 -18.43 -41.28 20.47
C TYR C 50 -19.27 -40.36 21.37
N SER C 51 -20.14 -40.94 22.19
CA SER C 51 -20.89 -40.17 23.18
C SER C 51 -20.31 -40.37 24.58
N SER C 52 -19.11 -40.97 24.64
CA SER C 52 -18.42 -41.20 25.91
C SER C 52 -17.59 -40.01 26.36
N PHE C 53 -17.39 -39.92 27.68
CA PHE C 53 -16.54 -38.89 28.28
C PHE C 53 -15.18 -38.84 27.59
N PHE C 54 -14.60 -40.00 27.34
CA PHE C 54 -13.29 -40.10 26.71
C PHE C 54 -13.26 -39.48 25.31
N GLN C 55 -14.23 -39.84 24.48
CA GLN C 55 -14.27 -39.35 23.10
C GLN C 55 -14.65 -37.89 23.01
N LEU C 56 -15.48 -37.42 23.95
CA LEU C 56 -15.81 -36.01 24.04
C LEU C 56 -14.56 -35.21 24.43
N GLY C 57 -13.87 -35.66 25.47
CA GLY C 57 -12.62 -35.05 25.93
C GLY C 57 -11.48 -35.19 24.93
N GLY C 58 -11.47 -36.33 24.23
CA GLY C 58 -10.46 -36.63 23.21
C GLY C 58 -10.51 -35.74 21.98
N ILE C 59 -11.70 -35.17 21.70
CA ILE C 59 -11.85 -34.20 20.62
C ILE C 59 -10.79 -33.10 20.75
N HIS C 60 -10.80 -32.43 21.92
CA HIS C 60 -9.94 -31.28 22.19
C HIS C 60 -8.46 -31.45 21.87
N GLY C 61 -7.93 -32.66 22.09
CA GLY C 61 -6.53 -32.96 21.79
C GLY C 61 -6.32 -34.41 21.42
N LEU C 62 -5.55 -35.11 22.24
CA LEU C 62 -5.27 -36.52 22.06
C LEU C 62 -6.48 -37.38 22.47
N PRO C 63 -6.71 -38.53 21.80
CA PRO C 63 -5.98 -39.09 20.66
C PRO C 63 -6.25 -38.33 19.35
N TYR C 64 -5.32 -38.46 18.40
CA TYR C 64 -5.43 -37.77 17.11
C TYR C 64 -6.20 -38.61 16.08
N THR C 65 -7.51 -38.72 16.29
CA THR C 65 -8.41 -39.52 15.48
C THR C 65 -9.73 -38.79 15.27
N GLU C 66 -10.35 -38.96 14.10
CA GLU C 66 -11.62 -38.28 13.75
C GLU C 66 -12.76 -38.65 14.70
N TRP C 67 -13.57 -37.65 15.07
CA TRP C 67 -14.71 -37.86 15.97
C TRP C 67 -16.03 -37.99 15.21
N ALA C 68 -16.70 -39.12 15.43
CA ALA C 68 -18.09 -39.37 14.98
C ALA C 68 -18.34 -39.02 13.52
N LYS C 69 -17.48 -39.51 12.63
CA LYS C 69 -17.65 -39.27 11.21
C LYS C 69 -18.19 -40.51 10.51
N ALA C 70 -19.01 -40.28 9.48
CA ALA C 70 -19.68 -41.37 8.75
C ALA C 70 -18.71 -42.14 7.87
N GLN C 71 -17.76 -41.44 7.28
CA GLN C 71 -16.70 -42.06 6.46
C GLN C 71 -15.36 -41.37 6.62
N PRO C 72 -14.30 -42.16 6.90
CA PRO C 72 -12.97 -41.63 7.22
C PRO C 72 -12.28 -40.92 6.04
N GLN C 73 -11.13 -40.31 6.32
CA GLN C 73 -10.34 -39.63 5.29
C GLN C 73 -9.17 -40.52 4.84
N LEU C 74 -8.69 -40.28 3.63
CA LEU C 74 -7.59 -41.07 3.03
C LEU C 74 -6.30 -40.88 3.82
N HIS C 75 -5.96 -39.62 4.05
CA HIS C 75 -4.82 -39.28 4.90
C HIS C 75 -5.27 -38.22 5.91
N LEU C 76 -5.23 -38.60 7.18
CA LEU C 76 -5.72 -37.79 8.28
C LEU C 76 -4.59 -36.96 8.88
N TYR C 77 -4.85 -35.66 9.05
CA TYR C 77 -3.88 -34.81 9.75
C TYR C 77 -4.00 -35.01 11.26
N LYS C 78 -3.02 -35.70 11.82
CA LYS C 78 -3.05 -36.09 13.22
C LYS C 78 -2.58 -34.94 14.11
N ALA C 79 -3.54 -34.11 14.53
CA ALA C 79 -3.28 -32.96 15.40
C ALA C 79 -4.56 -32.54 16.14
N ASN C 80 -4.43 -31.56 17.02
CA ASN C 80 -5.55 -31.06 17.82
C ASN C 80 -6.75 -30.65 16.97
N TYR C 81 -7.93 -30.72 17.56
CA TYR C 81 -9.14 -30.20 16.94
C TYR C 81 -9.38 -28.76 17.35
N CYS C 82 -9.03 -28.45 18.60
CA CYS C 82 -9.22 -27.11 19.17
C CYS C 82 -8.27 -26.10 18.55
N THR C 83 -8.81 -24.91 18.27
CA THR C 83 -8.01 -23.83 17.67
C THR C 83 -7.53 -22.81 18.71
N HIS C 84 -6.22 -22.80 18.94
CA HIS C 84 -5.61 -21.94 19.96
C HIS C 84 -4.66 -20.91 19.35
N GLY C 85 -4.70 -19.69 19.87
CA GLY C 85 -3.92 -18.58 19.33
C GLY C 85 -4.45 -18.05 18.01
N THR C 86 -5.75 -18.26 17.78
CA THR C 86 -6.41 -17.81 16.56
C THR C 86 -7.67 -17.04 16.89
N VAL C 87 -8.14 -16.26 15.92
CA VAL C 87 -9.36 -15.48 16.07
C VAL C 87 -10.62 -16.34 16.31
N LEU C 88 -10.49 -17.64 16.08
CA LEU C 88 -11.60 -18.58 16.27
C LEU C 88 -11.62 -19.24 17.65
N PHE C 89 -10.65 -18.89 18.51
CA PHE C 89 -10.54 -19.47 19.85
C PHE C 89 -11.82 -19.42 20.69
N PRO C 90 -12.41 -18.21 20.90
CA PRO C 90 -13.61 -18.14 21.74
C PRO C 90 -14.81 -18.86 21.14
N THR C 91 -14.89 -18.89 19.81
CA THR C 91 -16.06 -19.43 19.11
C THR C 91 -16.04 -20.94 18.93
N TRP C 92 -14.85 -21.52 18.80
CA TRP C 92 -14.72 -22.97 18.69
C TRP C 92 -15.15 -23.64 19.99
N HIS C 93 -14.78 -23.03 21.11
CA HIS C 93 -15.09 -23.57 22.42
C HIS C 93 -16.56 -23.36 22.82
N ARG C 94 -17.26 -22.47 22.11
CA ARG C 94 -18.72 -22.32 22.29
C ARG C 94 -19.46 -23.51 21.69
N ALA C 95 -18.99 -23.99 20.54
CA ALA C 95 -19.53 -25.18 19.91
C ALA C 95 -19.10 -26.42 20.70
N TYR C 96 -17.84 -26.43 21.13
CA TYR C 96 -17.28 -27.52 21.91
C TYR C 96 -18.03 -27.72 23.23
N GLU C 97 -18.33 -26.61 23.90
CA GLU C 97 -19.06 -26.65 25.17
C GLU C 97 -20.45 -27.24 24.97
N SER C 98 -21.13 -26.80 23.90
CA SER C 98 -22.48 -27.25 23.59
C SER C 98 -22.52 -28.70 23.10
N THR C 99 -21.43 -29.15 22.47
CA THR C 99 -21.28 -30.55 22.07
C THR C 99 -21.18 -31.46 23.31
N TRP C 100 -20.49 -30.98 24.34
CA TRP C 100 -20.47 -31.66 25.62
C TRP C 100 -21.84 -31.60 26.31
N GLU C 101 -22.41 -30.41 26.33
CA GLU C 101 -23.69 -30.15 27.01
C GLU C 101 -24.83 -31.03 26.47
N GLN C 102 -24.92 -31.15 25.14
CA GLN C 102 -25.99 -31.96 24.53
C GLN C 102 -25.82 -33.45 24.78
N THR C 103 -24.61 -33.86 25.17
CA THR C 103 -24.35 -35.26 25.51
C THR C 103 -24.71 -35.53 26.98
N LEU C 104 -24.44 -34.55 27.83
CA LEU C 104 -24.77 -34.62 29.25
C LEU C 104 -26.28 -34.49 29.48
N TRP C 105 -26.91 -33.59 28.73
CA TRP C 105 -28.35 -33.33 28.84
C TRP C 105 -29.20 -34.53 28.44
N GLU C 106 -28.79 -35.23 27.38
CA GLU C 106 -29.49 -36.45 26.94
C GLU C 106 -29.11 -37.67 27.77
N ALA C 107 -27.95 -37.60 28.43
CA ALA C 107 -27.55 -38.60 29.42
C ALA C 107 -28.30 -38.40 30.74
N ALA C 108 -28.60 -37.15 31.06
CA ALA C 108 -29.38 -36.80 32.25
C ALA C 108 -30.87 -37.03 32.06
N GLY C 109 -31.30 -37.09 30.80
CA GLY C 109 -32.70 -37.33 30.46
C GLY C 109 -33.17 -38.72 30.83
N THR C 110 -32.35 -39.72 30.49
CA THR C 110 -32.65 -41.12 30.80
C THR C 110 -32.50 -41.44 32.29
N VAL C 111 -31.62 -40.69 32.96
CA VAL C 111 -31.41 -40.82 34.41
C VAL C 111 -32.66 -40.41 35.20
N ALA C 112 -33.34 -39.36 34.75
CA ALA C 112 -34.55 -38.84 35.41
C ALA C 112 -35.73 -39.80 35.35
N GLN C 113 -35.80 -40.59 34.28
CA GLN C 113 -36.85 -41.60 34.10
C GLN C 113 -36.72 -42.73 35.12
N ARG C 114 -35.47 -43.05 35.49
CA ARG C 114 -35.16 -44.10 36.46
C ARG C 114 -35.71 -43.86 37.86
N PHE C 115 -35.81 -42.58 38.26
CA PHE C 115 -36.31 -42.21 39.60
C PHE C 115 -37.69 -42.79 39.87
N THR C 116 -37.87 -43.27 41.11
CA THR C 116 -39.04 -44.05 41.46
C THR C 116 -39.96 -43.40 42.50
N THR C 117 -39.51 -42.30 43.10
CA THR C 117 -40.32 -41.57 44.08
C THR C 117 -41.47 -40.81 43.42
N SER C 118 -42.36 -40.27 44.26
CA SER C 118 -43.54 -39.54 43.81
C SER C 118 -43.20 -38.23 43.10
N ASP C 119 -42.06 -37.64 43.44
CA ASP C 119 -41.64 -36.35 42.88
C ASP C 119 -40.86 -36.47 41.56
N GLN C 120 -41.12 -37.54 40.80
CA GLN C 120 -40.46 -37.77 39.52
C GLN C 120 -40.85 -36.74 38.45
N ALA C 121 -41.98 -36.07 38.66
CA ALA C 121 -42.40 -34.94 37.82
C ALA C 121 -41.41 -33.79 37.96
N GLU C 122 -40.90 -33.61 39.18
CA GLU C 122 -39.88 -32.60 39.46
C GLU C 122 -38.48 -33.07 39.08
N TRP C 123 -38.30 -34.39 38.93
CA TRP C 123 -37.03 -34.97 38.49
C TRP C 123 -36.88 -34.92 36.97
N ILE C 124 -37.96 -35.26 36.25
CA ILE C 124 -38.01 -35.14 34.79
C ILE C 124 -37.77 -33.68 34.35
N GLN C 125 -38.43 -32.75 35.03
CA GLN C 125 -38.34 -31.32 34.73
C GLN C 125 -36.93 -30.76 35.00
N ALA C 126 -36.33 -31.19 36.09
CA ALA C 126 -34.95 -30.82 36.43
C ALA C 126 -33.96 -31.29 35.37
N ALA C 127 -34.25 -32.45 34.76
CA ALA C 127 -33.38 -33.04 33.74
C ALA C 127 -33.36 -32.21 32.46
N LYS C 128 -34.53 -31.80 31.99
CA LYS C 128 -34.60 -30.94 30.80
C LYS C 128 -34.12 -29.52 31.08
N ASP C 129 -34.15 -29.12 32.35
CA ASP C 129 -33.67 -27.80 32.78
C ASP C 129 -32.17 -27.80 33.11
N LEU C 130 -31.55 -28.99 33.08
CA LEU C 130 -30.15 -29.13 33.47
C LEU C 130 -29.21 -28.55 32.42
N ARG C 131 -28.25 -27.76 32.91
CA ARG C 131 -27.20 -27.14 32.09
C ARG C 131 -25.86 -27.17 32.82
N GLN C 132 -24.78 -27.00 32.07
CA GLN C 132 -23.42 -27.00 32.61
C GLN C 132 -23.15 -25.79 33.53
N PRO C 133 -22.63 -26.03 34.75
CA PRO C 133 -22.32 -24.92 35.64
C PRO C 133 -20.96 -24.26 35.35
N PHE C 134 -20.79 -23.01 35.77
CA PHE C 134 -19.56 -22.25 35.51
C PHE C 134 -18.82 -21.84 36.76
N TRP C 135 -17.48 -21.87 36.69
CA TRP C 135 -16.65 -21.34 37.76
C TRP C 135 -16.26 -19.92 37.42
N ASP C 136 -16.87 -18.98 38.13
CA ASP C 136 -16.60 -17.56 37.95
C ASP C 136 -15.25 -17.18 38.56
N TRP C 137 -14.17 -17.46 37.83
CA TRP C 137 -12.80 -17.23 38.32
C TRP C 137 -12.33 -15.78 38.24
N GLY C 138 -13.29 -14.86 38.15
CA GLY C 138 -13.00 -13.44 38.15
C GLY C 138 -13.60 -12.74 39.35
N TYR C 139 -14.40 -13.46 40.14
CA TYR C 139 -15.08 -12.84 41.28
C TYR C 139 -14.35 -13.06 42.60
N TRP C 140 -14.09 -11.94 43.29
CA TRP C 140 -13.49 -11.95 44.63
C TRP C 140 -14.17 -10.90 45.51
N PRO C 141 -14.91 -11.35 46.53
CA PRO C 141 -15.69 -10.47 47.39
C PRO C 141 -14.86 -9.92 48.56
N ASN C 142 -13.60 -9.60 48.27
CA ASN C 142 -12.67 -8.99 49.23
C ASN C 142 -12.33 -9.86 50.46
N ASP C 143 -12.56 -11.17 50.35
CA ASP C 143 -12.31 -12.12 51.43
C ASP C 143 -11.12 -13.02 51.12
N PRO C 144 -10.03 -12.90 51.91
CA PRO C 144 -8.81 -13.72 51.74
C PRO C 144 -9.05 -15.22 51.81
N ASP C 145 -10.20 -15.63 52.34
CA ASP C 145 -10.57 -17.04 52.47
C ASP C 145 -11.35 -17.60 51.28
N PHE C 146 -11.97 -16.72 50.51
CA PHE C 146 -12.86 -17.10 49.41
C PHE C 146 -12.21 -17.94 48.32
N ILE C 147 -12.96 -18.92 47.82
CA ILE C 147 -12.62 -19.67 46.62
C ILE C 147 -13.88 -19.84 45.76
N GLY C 148 -13.71 -19.73 44.44
CA GLY C 148 -14.84 -19.85 43.52
C GLY C 148 -15.34 -21.27 43.29
N LEU C 149 -14.75 -22.23 44.00
CA LEU C 149 -15.06 -23.65 43.81
C LEU C 149 -15.34 -24.38 45.13
N PRO C 150 -16.53 -25.02 45.24
CA PRO C 150 -16.92 -25.79 46.43
C PRO C 150 -16.15 -27.11 46.58
N ASP C 151 -16.29 -27.74 47.74
CA ASP C 151 -15.61 -29.01 48.05
C ASP C 151 -16.10 -30.18 47.18
N GLN C 152 -17.29 -30.05 46.61
CA GLN C 152 -17.85 -31.09 45.75
C GLN C 152 -17.12 -31.18 44.41
N VAL C 153 -16.16 -30.28 44.18
CA VAL C 153 -15.45 -30.20 42.90
C VAL C 153 -13.95 -30.46 43.04
N ILE C 154 -13.37 -30.11 44.19
CA ILE C 154 -11.91 -30.14 44.35
C ILE C 154 -11.37 -30.88 45.59
N ARG C 155 -12.26 -31.37 46.45
CA ARG C 155 -11.83 -31.96 47.72
C ARG C 155 -12.39 -33.36 48.03
N ASP C 156 -13.72 -33.45 48.10
CA ASP C 156 -14.39 -34.67 48.59
C ASP C 156 -14.26 -35.84 47.64
N LYS C 157 -13.85 -36.99 48.17
CA LYS C 157 -13.73 -38.23 47.40
C LYS C 157 -15.10 -38.87 47.14
N GLN C 158 -16.01 -38.72 48.10
CA GLN C 158 -17.39 -39.12 47.93
C GLN C 158 -18.32 -37.92 48.00
N VAL C 159 -19.21 -37.80 47.02
CA VAL C 159 -20.24 -36.77 47.03
C VAL C 159 -21.59 -37.36 47.43
N GLU C 160 -22.36 -36.56 48.18
CA GLU C 160 -23.66 -37.00 48.69
C GLU C 160 -24.77 -36.71 47.68
N ILE C 161 -25.33 -37.78 47.11
CA ILE C 161 -26.36 -37.69 46.08
C ILE C 161 -27.64 -38.42 46.49
N THR C 162 -28.74 -38.09 45.82
CA THR C 162 -30.04 -38.70 46.11
C THR C 162 -30.35 -39.88 45.17
N ASP C 163 -30.44 -41.07 45.75
CA ASP C 163 -30.73 -42.29 45.00
C ASP C 163 -32.18 -42.32 44.50
N TYR C 164 -32.46 -43.21 43.55
CA TYR C 164 -33.74 -43.22 42.84
C TYR C 164 -34.97 -43.47 43.71
N ASN C 165 -34.75 -43.95 44.93
CA ASN C 165 -35.82 -44.13 45.91
C ASN C 165 -35.75 -43.10 47.07
N GLY C 166 -35.15 -41.95 46.80
CA GLY C 166 -35.12 -40.83 47.73
C GLY C 166 -34.08 -40.88 48.84
N THR C 167 -33.28 -41.94 48.85
CA THR C 167 -32.29 -42.17 49.90
C THR C 167 -30.98 -41.41 49.65
N LYS C 168 -30.51 -40.70 50.68
CA LYS C 168 -29.24 -39.97 50.62
C LYS C 168 -28.08 -40.97 50.65
N ILE C 169 -27.34 -41.04 49.55
CA ILE C 169 -26.24 -42.00 49.44
C ILE C 169 -24.92 -41.34 49.07
N GLU C 170 -23.85 -42.11 49.21
CA GLU C 170 -22.52 -41.70 48.80
C GLU C 170 -22.06 -42.52 47.58
N VAL C 171 -21.39 -41.87 46.65
CA VAL C 171 -20.79 -42.54 45.49
C VAL C 171 -19.40 -41.96 45.23
N GLU C 172 -18.60 -42.70 44.45
CA GLU C 172 -17.32 -42.19 43.94
C GLU C 172 -17.55 -40.87 43.20
N ASN C 173 -16.70 -39.88 43.49
CA ASN C 173 -16.81 -38.56 42.87
C ASN C 173 -16.44 -38.60 41.39
N PRO C 174 -17.39 -38.23 40.51
CA PRO C 174 -17.13 -38.17 39.08
C PRO C 174 -16.55 -36.81 38.62
N ILE C 175 -16.61 -35.81 39.50
CA ILE C 175 -16.11 -34.47 39.19
C ILE C 175 -14.61 -34.34 39.45
N LEU C 176 -14.12 -35.01 40.49
CA LEU C 176 -12.71 -34.91 40.91
C LEU C 176 -11.73 -35.49 39.89
N HIS C 177 -11.92 -36.76 39.54
CA HIS C 177 -11.07 -37.44 38.57
C HIS C 177 -11.89 -38.05 37.44
N TYR C 178 -11.22 -38.35 36.34
CA TYR C 178 -11.71 -39.34 35.38
C TYR C 178 -10.70 -40.49 35.27
N LYS C 179 -11.13 -41.70 35.58
CA LYS C 179 -10.26 -42.87 35.48
C LYS C 179 -10.25 -43.42 34.06
N PHE C 180 -9.07 -43.36 33.43
CA PHE C 180 -8.86 -43.90 32.09
C PHE C 180 -8.99 -45.41 32.11
N HIS C 181 -9.69 -45.95 31.11
CA HIS C 181 -9.81 -47.40 30.93
C HIS C 181 -9.74 -47.78 29.45
N PRO C 182 -8.51 -47.99 28.93
CA PRO C 182 -7.26 -47.86 29.65
C PRO C 182 -6.63 -46.48 29.43
N ILE C 183 -5.34 -46.35 29.74
CA ILE C 183 -4.57 -45.16 29.36
C ILE C 183 -4.40 -45.17 27.84
N GLU C 184 -4.72 -44.05 27.20
CA GLU C 184 -4.57 -43.90 25.74
C GLU C 184 -3.11 -44.10 25.33
N PRO C 185 -2.85 -45.09 24.46
CA PRO C 185 -1.48 -45.46 24.06
C PRO C 185 -0.65 -44.31 23.47
N THR C 186 -1.31 -43.35 22.82
CA THR C 186 -0.60 -42.20 22.23
C THR C 186 -0.27 -41.10 23.25
N PHE C 187 -0.67 -41.31 24.51
CA PHE C 187 -0.22 -40.46 25.62
C PHE C 187 1.25 -40.73 25.89
N GLU C 188 2.05 -39.66 25.99
CA GLU C 188 3.48 -39.79 26.24
C GLU C 188 3.92 -39.18 27.57
N GLY C 189 5.10 -39.59 28.02
CA GLY C 189 5.69 -39.08 29.27
C GLY C 189 4.92 -39.51 30.50
N ASP C 190 4.72 -38.55 31.40
CA ASP C 190 3.98 -38.77 32.65
C ASP C 190 2.54 -39.22 32.43
N PHE C 191 1.96 -38.82 31.30
CA PHE C 191 0.56 -39.07 30.99
C PHE C 191 0.30 -40.53 30.62
N ALA C 192 1.36 -41.23 30.22
CA ALA C 192 1.31 -42.67 29.99
C ALA C 192 1.35 -43.44 31.32
N GLN C 193 1.65 -42.73 32.41
CA GLN C 193 1.83 -43.36 33.74
C GLN C 193 0.79 -42.94 34.79
N TRP C 194 -0.09 -42.01 34.44
CA TRP C 194 -1.21 -41.64 35.31
C TRP C 194 -2.48 -42.34 34.85
N GLN C 195 -3.07 -43.14 35.72
CA GLN C 195 -4.33 -43.83 35.41
C GLN C 195 -5.53 -42.91 35.43
N THR C 196 -5.44 -41.85 36.23
CA THR C 196 -6.52 -40.88 36.38
C THR C 196 -6.02 -39.47 36.06
N THR C 197 -6.93 -38.49 36.06
CA THR C 197 -6.54 -37.10 35.88
C THR C 197 -5.89 -36.55 37.15
N MET C 198 -4.80 -35.83 36.98
CA MET C 198 -4.05 -35.27 38.10
C MET C 198 -4.08 -33.74 38.07
N ARG C 199 -4.32 -33.16 39.24
CA ARG C 199 -4.37 -31.71 39.41
C ARG C 199 -3.23 -31.24 40.31
N TYR C 200 -2.43 -30.29 39.79
CA TYR C 200 -1.30 -29.70 40.51
C TYR C 200 -0.31 -30.79 41.00
N PRO C 201 0.48 -31.37 40.08
CA PRO C 201 1.45 -32.39 40.50
C PRO C 201 2.57 -31.83 41.39
N ASP C 202 3.03 -32.62 42.35
CA ASP C 202 4.27 -32.29 43.07
C ASP C 202 5.47 -32.91 42.34
N VAL C 203 6.60 -33.04 43.02
CA VAL C 203 7.81 -33.59 42.38
C VAL C 203 7.67 -35.09 42.12
N GLN C 204 6.96 -35.78 43.01
CA GLN C 204 6.76 -37.22 42.94
C GLN C 204 5.61 -37.63 42.02
N LYS C 205 5.13 -36.69 41.21
CA LYS C 205 4.06 -36.94 40.23
C LYS C 205 2.71 -37.31 40.88
N GLN C 206 2.31 -36.53 41.88
CA GLN C 206 1.11 -36.80 42.68
C GLN C 206 0.28 -35.53 42.90
N GLU C 207 -0.98 -35.69 43.31
CA GLU C 207 -1.90 -34.57 43.45
C GLU C 207 -1.69 -33.69 44.70
N ASN C 208 -0.98 -32.58 44.52
CA ASN C 208 -0.81 -31.56 45.57
C ASN C 208 -2.05 -30.66 45.68
N ILE C 209 -3.16 -31.25 46.12
CA ILE C 209 -4.46 -30.58 46.16
C ILE C 209 -4.45 -29.38 47.11
N GLU C 210 -3.88 -29.55 48.30
CA GLU C 210 -3.85 -28.49 49.31
C GLU C 210 -2.97 -27.30 48.92
N GLY C 211 -1.95 -27.55 48.10
CA GLY C 211 -1.12 -26.49 47.53
C GLY C 211 -1.83 -25.78 46.38
N MET C 212 -2.74 -26.50 45.73
CA MET C 212 -3.51 -25.97 44.60
C MET C 212 -4.51 -24.92 45.06
N ILE C 213 -5.25 -25.23 46.13
CA ILE C 213 -6.27 -24.34 46.68
C ILE C 213 -5.66 -23.04 47.24
N ALA C 214 -4.55 -23.17 47.96
CA ALA C 214 -3.81 -22.03 48.48
C ALA C 214 -3.28 -21.14 47.35
N GLY C 215 -3.04 -21.74 46.20
CA GLY C 215 -2.61 -21.03 45.00
C GLY C 215 -3.76 -20.28 44.34
N ILE C 216 -4.92 -20.93 44.28
CA ILE C 216 -6.15 -20.33 43.77
C ILE C 216 -6.60 -19.17 44.66
N LYS C 217 -6.36 -19.29 45.97
CA LYS C 217 -6.72 -18.25 46.93
C LYS C 217 -5.90 -16.96 46.80
N ALA C 218 -4.60 -17.10 46.59
CA ALA C 218 -3.69 -15.94 46.49
C ALA C 218 -3.80 -15.21 45.16
N ALA C 219 -4.27 -15.89 44.13
CA ALA C 219 -4.39 -15.30 42.79
C ALA C 219 -5.77 -14.66 42.56
N ALA C 220 -6.71 -14.94 43.46
CA ALA C 220 -8.09 -14.43 43.38
C ALA C 220 -8.23 -12.91 43.24
N PRO C 221 -7.50 -12.12 44.08
CA PRO C 221 -7.55 -10.67 43.89
C PRO C 221 -6.99 -10.25 42.53
N GLY C 222 -5.85 -10.84 42.16
CA GLY C 222 -5.25 -10.61 40.85
C GLY C 222 -6.17 -10.91 39.69
N PHE C 223 -6.92 -12.00 39.79
CA PHE C 223 -7.85 -12.40 38.72
C PHE C 223 -9.14 -11.58 38.63
N ARG C 224 -9.51 -10.90 39.73
CA ARG C 224 -10.62 -9.95 39.68
C ARG C 224 -10.22 -8.70 38.91
N GLU C 225 -9.03 -8.19 39.21
CA GLU C 225 -8.44 -7.02 38.57
C GLU C 225 -8.21 -7.25 37.07
N TRP C 226 -7.85 -8.49 36.72
CA TRP C 226 -7.41 -8.84 35.38
C TRP C 226 -8.55 -9.23 34.44
N THR C 227 -9.59 -9.86 34.99
CA THR C 227 -10.80 -10.17 34.22
C THR C 227 -11.57 -8.88 33.93
N PHE C 228 -11.56 -7.97 34.89
CA PHE C 228 -12.19 -6.64 34.72
C PHE C 228 -11.55 -5.86 33.58
N ASN C 229 -10.21 -5.87 33.53
CA ASN C 229 -9.49 -5.17 32.47
C ASN C 229 -9.64 -5.86 31.13
N MET C 230 -9.75 -7.18 31.16
CA MET C 230 -10.00 -7.98 29.97
C MET C 230 -11.36 -7.61 29.36
N LEU C 231 -12.38 -7.54 30.22
CA LEU C 231 -13.75 -7.29 29.79
C LEU C 231 -14.05 -5.85 29.39
N THR C 232 -13.42 -4.89 30.07
CA THR C 232 -13.78 -3.48 29.92
C THR C 232 -12.74 -2.62 29.21
N LYS C 233 -11.66 -3.24 28.76
CA LYS C 233 -10.60 -2.50 28.05
C LYS C 233 -10.24 -3.10 26.68
N ASN C 234 -10.90 -4.21 26.33
CA ASN C 234 -10.80 -4.79 24.99
C ASN C 234 -11.96 -4.32 24.10
N TYR C 235 -11.63 -3.64 23.01
CA TYR C 235 -12.66 -3.08 22.12
C TYR C 235 -12.63 -3.66 20.72
N THR C 236 -11.56 -4.41 20.41
CA THR C 236 -11.40 -5.02 19.09
C THR C 236 -11.19 -6.53 19.23
N TRP C 237 -12.03 -7.30 18.54
CA TRP C 237 -12.01 -8.77 18.60
C TRP C 237 -10.59 -9.36 18.61
N GLU C 238 -9.73 -8.91 17.69
CA GLU C 238 -8.35 -9.36 17.60
C GLU C 238 -7.63 -9.30 18.96
N LEU C 239 -7.71 -8.16 19.64
CA LEU C 239 -7.04 -7.98 20.93
C LEU C 239 -7.75 -8.68 22.09
N PHE C 240 -8.98 -9.11 21.87
CA PHE C 240 -9.79 -9.77 22.89
C PHE C 240 -9.73 -11.29 22.81
N SER C 241 -9.87 -11.83 21.60
CA SER C 241 -10.09 -13.27 21.39
C SER C 241 -8.86 -14.17 21.58
N ASN C 242 -7.71 -13.76 21.06
CA ASN C 242 -6.53 -14.62 21.07
C ASN C 242 -5.27 -14.00 21.69
N HIS C 243 -4.34 -14.86 22.09
CA HIS C 243 -3.13 -14.44 22.82
C HIS C 243 -1.92 -14.06 21.95
N GLY C 244 -2.17 -13.74 20.68
CA GLY C 244 -1.13 -13.24 19.78
C GLY C 244 -0.23 -14.29 19.17
N ALA C 245 0.34 -13.97 18.01
CA ALA C 245 1.22 -14.86 17.24
C ALA C 245 2.36 -15.45 18.09
N VAL C 246 3.03 -14.59 18.85
CA VAL C 246 3.97 -15.02 19.88
C VAL C 246 3.18 -15.08 21.18
N VAL C 247 3.13 -16.26 21.80
CA VAL C 247 2.38 -16.47 23.04
C VAL C 247 2.83 -15.48 24.13
N GLY C 248 1.98 -14.48 24.37
CA GLY C 248 2.29 -13.40 25.32
C GLY C 248 2.26 -12.04 24.65
N ALA C 249 1.65 -11.97 23.47
CA ALA C 249 1.57 -10.73 22.71
C ALA C 249 0.40 -9.87 23.19
N HIS C 250 -0.76 -10.50 23.33
CA HIS C 250 -1.94 -9.81 23.85
C HIS C 250 -2.17 -10.27 25.29
N ALA C 251 -1.61 -9.52 26.23
CA ALA C 251 -1.61 -9.87 27.66
C ALA C 251 -2.98 -9.75 28.32
N ASN C 252 -3.88 -9.02 27.67
CA ASN C 252 -5.18 -8.70 28.25
C ASN C 252 -6.36 -9.45 27.61
N SER C 253 -6.04 -10.48 26.83
CA SER C 253 -7.04 -11.23 26.05
C SER C 253 -7.78 -12.29 26.85
N LEU C 254 -8.99 -12.63 26.42
CA LEU C 254 -9.78 -13.72 27.00
C LEU C 254 -8.94 -14.99 27.12
N GLU C 255 -8.16 -15.28 26.07
CA GLU C 255 -7.37 -16.50 26.00
C GLU C 255 -6.24 -16.53 27.02
N MET C 256 -5.45 -15.46 27.07
CA MET C 256 -4.32 -15.37 28.00
C MET C 256 -4.72 -15.57 29.46
N VAL C 257 -5.78 -14.89 29.90
CA VAL C 257 -6.30 -15.05 31.26
C VAL C 257 -6.79 -16.49 31.49
N HIS C 258 -7.53 -17.02 30.52
CA HIS C 258 -7.97 -18.41 30.52
C HIS C 258 -6.82 -19.41 30.66
N ASN C 259 -5.69 -19.10 30.02
CA ASN C 259 -4.47 -19.89 30.12
C ASN C 259 -3.91 -19.95 31.54
N THR C 260 -3.82 -18.78 32.19
CA THR C 260 -3.29 -18.70 33.54
C THR C 260 -4.19 -19.43 34.54
N VAL C 261 -5.48 -19.54 34.21
CA VAL C 261 -6.42 -20.30 35.04
C VAL C 261 -6.21 -21.79 34.81
N HIS C 262 -5.85 -22.17 33.58
CA HIS C 262 -5.49 -23.56 33.24
C HIS C 262 -4.35 -24.08 34.11
N PHE C 263 -3.39 -23.20 34.38
CA PHE C 263 -2.21 -23.56 35.16
C PHE C 263 -2.50 -23.62 36.66
N LEU C 264 -3.40 -22.75 37.13
CA LEU C 264 -3.83 -22.78 38.53
C LEU C 264 -4.31 -24.17 38.97
N ILE C 265 -4.97 -24.89 38.08
CA ILE C 265 -5.47 -26.23 38.38
C ILE C 265 -4.45 -27.33 38.07
N GLY C 266 -3.68 -27.16 37.00
CA GLY C 266 -2.81 -28.22 36.50
C GLY C 266 -1.30 -28.05 36.56
N ARG C 267 -0.81 -26.86 36.90
CA ARG C 267 0.65 -26.63 36.88
C ARG C 267 1.13 -25.67 37.98
N ASP C 268 2.00 -26.17 38.86
CA ASP C 268 2.65 -25.32 39.86
C ASP C 268 3.87 -24.65 39.22
N PRO C 269 3.90 -23.30 39.24
CA PRO C 269 4.98 -22.55 38.60
C PRO C 269 6.28 -22.54 39.42
N THR C 270 6.20 -22.97 40.68
CA THR C 270 7.34 -22.94 41.60
C THR C 270 8.29 -24.10 41.38
N LEU C 271 7.78 -25.17 40.77
CA LEU C 271 8.56 -26.38 40.49
C LEU C 271 9.44 -26.26 39.26
N ASP C 272 10.69 -26.68 39.41
CA ASP C 272 11.65 -26.76 38.30
C ASP C 272 12.24 -28.17 38.27
N PRO C 273 11.96 -28.94 37.20
CA PRO C 273 11.14 -28.52 36.05
C PRO C 273 9.64 -28.62 36.34
N LEU C 274 8.85 -27.88 35.56
CA LEU C 274 7.41 -27.91 35.67
C LEU C 274 6.88 -29.31 35.36
N VAL C 275 6.16 -29.90 36.31
CA VAL C 275 5.44 -31.13 36.05
C VAL C 275 3.98 -30.76 35.82
N PRO C 276 3.60 -30.57 34.55
CA PRO C 276 2.23 -30.17 34.30
C PRO C 276 1.27 -31.34 34.37
N GLY C 277 0.20 -31.17 35.14
CA GLY C 277 -0.89 -32.14 35.19
C GLY C 277 -1.70 -32.09 33.90
N HIS C 278 -2.93 -32.59 33.97
CA HIS C 278 -3.77 -32.66 32.79
C HIS C 278 -4.22 -31.28 32.29
N MET C 279 -4.81 -30.48 33.18
CA MET C 279 -5.29 -29.15 32.81
C MET C 279 -4.19 -28.19 32.31
N GLY C 280 -3.00 -28.28 32.89
CA GLY C 280 -1.87 -27.45 32.48
C GLY C 280 -1.17 -27.87 31.19
N SER C 281 -1.86 -28.67 30.37
CA SER C 281 -1.30 -29.21 29.12
C SER C 281 -2.39 -29.38 28.05
N VAL C 282 -2.24 -28.63 26.96
CA VAL C 282 -3.26 -28.53 25.91
C VAL C 282 -3.90 -29.88 25.50
N PRO C 283 -3.12 -30.81 24.92
CA PRO C 283 -3.70 -32.03 24.36
C PRO C 283 -4.29 -32.98 25.40
N HIS C 284 -4.11 -32.68 26.68
CA HIS C 284 -4.56 -33.57 27.77
C HIS C 284 -5.66 -32.95 28.63
N ALA C 285 -5.70 -31.62 28.68
CA ALA C 285 -6.54 -30.85 29.61
C ALA C 285 -8.02 -31.24 29.68
N ALA C 286 -8.59 -31.69 28.57
CA ALA C 286 -10.05 -31.89 28.45
C ALA C 286 -10.59 -33.20 29.06
N PHE C 287 -9.73 -33.96 29.73
CA PHE C 287 -10.18 -35.19 30.40
C PHE C 287 -10.52 -34.92 31.88
N ASP C 288 -10.06 -33.78 32.39
CA ASP C 288 -10.38 -33.33 33.74
C ASP C 288 -11.75 -32.66 33.70
N PRO C 289 -12.74 -33.21 34.44
CA PRO C 289 -14.13 -32.71 34.41
C PRO C 289 -14.29 -31.23 34.76
N ILE C 290 -13.28 -30.62 35.35
CA ILE C 290 -13.29 -29.18 35.67
C ILE C 290 -13.18 -28.31 34.41
N PHE C 291 -12.61 -28.89 33.34
CA PHE C 291 -12.48 -28.22 32.04
C PHE C 291 -13.79 -27.57 31.60
N TRP C 292 -14.90 -28.28 31.82
CA TRP C 292 -16.22 -27.80 31.42
C TRP C 292 -16.77 -26.69 32.33
N MET C 293 -16.25 -26.58 33.54
CA MET C 293 -16.62 -25.48 34.44
C MET C 293 -15.82 -24.24 34.09
N HIS C 294 -14.55 -24.45 33.75
CA HIS C 294 -13.64 -23.41 33.33
C HIS C 294 -14.10 -22.78 32.01
N HIS C 295 -14.45 -23.63 31.04
CA HIS C 295 -14.87 -23.17 29.72
C HIS C 295 -16.34 -22.78 29.61
N CYS C 296 -17.10 -23.00 30.67
CA CYS C 296 -18.44 -22.47 30.75
C CYS C 296 -18.39 -21.02 31.19
N ASN C 297 -17.38 -20.68 32.00
CA ASN C 297 -17.15 -19.29 32.38
C ASN C 297 -16.50 -18.49 31.27
N VAL C 298 -15.64 -19.14 30.49
CA VAL C 298 -15.02 -18.56 29.30
C VAL C 298 -16.10 -18.12 28.30
N ASP C 299 -17.11 -18.97 28.11
CA ASP C 299 -18.21 -18.68 27.21
C ASP C 299 -19.12 -17.57 27.74
N ARG C 300 -19.34 -17.56 29.05
CA ARG C 300 -20.09 -16.50 29.70
C ARG C 300 -19.41 -15.14 29.53
N LEU C 301 -18.08 -15.12 29.69
CA LEU C 301 -17.31 -13.90 29.57
C LEU C 301 -17.33 -13.37 28.13
N LEU C 302 -17.45 -14.28 27.17
CA LEU C 302 -17.66 -13.91 25.77
C LEU C 302 -19.03 -13.28 25.60
N ALA C 303 -20.05 -13.92 26.19
CA ALA C 303 -21.42 -13.42 26.15
C ALA C 303 -21.56 -12.03 26.78
N LEU C 304 -20.81 -11.78 27.85
CA LEU C 304 -20.82 -10.47 28.50
C LEU C 304 -20.14 -9.40 27.63
N TRP C 305 -19.05 -9.79 26.97
CA TRP C 305 -18.28 -8.89 26.11
C TRP C 305 -19.00 -8.61 24.77
N GLN C 306 -19.76 -9.58 24.29
CA GLN C 306 -20.56 -9.42 23.08
C GLN C 306 -21.68 -8.38 23.26
N THR C 307 -22.20 -8.30 24.47
CA THR C 307 -23.31 -7.39 24.76
C THR C 307 -22.84 -5.94 24.87
N MET C 308 -21.77 -5.73 25.64
CA MET C 308 -21.13 -4.41 25.77
C MET C 308 -20.54 -3.92 24.44
N ASN C 309 -20.01 -4.84 23.66
CA ASN C 309 -19.47 -4.54 22.33
C ASN C 309 -20.28 -5.19 21.20
N TYR C 310 -21.57 -4.85 21.12
CA TYR C 310 -22.47 -5.50 20.15
C TYR C 310 -22.13 -5.21 18.68
N ASP C 311 -22.37 -6.21 17.83
CA ASP C 311 -22.02 -6.18 16.40
C ASP C 311 -20.49 -6.15 16.14
N VAL C 312 -19.73 -6.51 17.17
CA VAL C 312 -18.28 -6.72 17.05
C VAL C 312 -18.00 -8.20 17.28
N TYR C 313 -17.51 -8.85 16.25
CA TYR C 313 -17.33 -10.29 16.23
C TYR C 313 -16.02 -10.65 15.53
N VAL C 314 -15.90 -11.91 15.11
CA VAL C 314 -14.70 -12.43 14.46
C VAL C 314 -14.19 -11.52 13.34
N SER C 315 -12.96 -11.06 13.48
CA SER C 315 -12.26 -10.39 12.38
C SER C 315 -11.32 -11.40 11.73
N GLU C 316 -10.88 -11.09 10.51
CA GLU C 316 -9.99 -12.00 9.76
C GLU C 316 -8.62 -12.15 10.42
N GLY C 317 -8.13 -13.39 10.47
CA GLY C 317 -6.84 -13.72 11.07
C GLY C 317 -6.14 -14.87 10.38
N MET C 318 -4.90 -15.13 10.76
CA MET C 318 -4.10 -16.20 10.17
C MET C 318 -4.13 -17.48 11.00
N ASN C 319 -4.06 -18.61 10.30
CA ASN C 319 -3.86 -19.92 10.94
C ASN C 319 -2.41 -20.34 10.76
N ARG C 320 -1.63 -20.22 11.83
CA ARG C 320 -0.19 -20.48 11.79
C ARG C 320 0.18 -21.92 12.13
N GLU C 321 -0.57 -22.52 13.05
CA GLU C 321 -0.44 -23.95 13.35
C GLU C 321 -1.62 -24.72 12.77
N ALA C 322 -1.32 -25.88 12.18
CA ALA C 322 -2.34 -26.73 11.58
C ALA C 322 -3.07 -27.56 12.62
N THR C 323 -4.39 -27.49 12.61
CA THR C 323 -5.19 -28.40 13.42
C THR C 323 -5.91 -29.40 12.52
N MET C 324 -6.74 -30.26 13.12
CA MET C 324 -7.39 -31.35 12.40
C MET C 324 -8.60 -30.90 11.56
N GLY C 325 -8.77 -29.59 11.40
CA GLY C 325 -9.84 -29.06 10.56
C GLY C 325 -9.48 -27.82 9.77
N LEU C 326 -8.26 -27.31 9.99
CA LEU C 326 -7.83 -26.06 9.38
C LEU C 326 -6.44 -26.18 8.77
N ILE C 327 -6.31 -25.71 7.53
CA ILE C 327 -5.06 -25.73 6.78
C ILE C 327 -4.05 -24.73 7.36
N PRO C 328 -2.76 -25.12 7.46
CA PRO C 328 -1.76 -24.14 7.87
C PRO C 328 -1.61 -23.06 6.80
N GLY C 329 -1.61 -21.80 7.23
CA GLY C 329 -1.43 -20.69 6.30
C GLY C 329 -2.72 -20.14 5.72
N GLN C 330 -3.85 -20.74 6.07
CA GLN C 330 -5.15 -20.25 5.60
C GLN C 330 -5.67 -19.08 6.45
N VAL C 331 -6.50 -18.24 5.84
CA VAL C 331 -7.13 -17.11 6.53
C VAL C 331 -8.47 -17.53 7.13
N LEU C 332 -8.67 -17.21 8.40
CA LEU C 332 -9.87 -17.56 9.16
C LEU C 332 -10.83 -16.37 9.25
N THR C 333 -12.10 -16.61 8.91
CA THR C 333 -13.15 -15.58 8.99
C THR C 333 -14.32 -16.07 9.85
N GLU C 334 -15.43 -15.31 9.85
CA GLU C 334 -16.63 -15.71 10.59
C GLU C 334 -17.35 -16.94 9.98
N ASP C 335 -17.00 -17.28 8.73
CA ASP C 335 -17.63 -18.38 7.99
C ASP C 335 -16.81 -19.67 8.00
N SER C 336 -15.66 -19.63 8.67
CA SER C 336 -14.73 -20.77 8.77
C SER C 336 -15.29 -21.98 9.52
N PRO C 337 -14.99 -23.20 9.03
CA PRO C 337 -15.53 -24.41 9.65
C PRO C 337 -14.94 -24.72 11.02
N LEU C 338 -15.80 -25.08 11.97
CA LEU C 338 -15.38 -25.46 13.31
C LEU C 338 -15.41 -26.98 13.45
N GLU C 339 -14.42 -27.64 12.85
CA GLU C 339 -14.32 -29.10 12.90
C GLU C 339 -14.00 -29.56 14.32
N PRO C 340 -14.63 -30.67 14.77
CA PRO C 340 -15.54 -31.51 14.00
C PRO C 340 -17.01 -31.30 14.41
N PHE C 341 -17.53 -30.10 14.19
CA PHE C 341 -18.93 -29.83 14.56
C PHE C 341 -19.80 -29.57 13.34
N TYR C 342 -20.97 -30.20 13.34
CA TYR C 342 -21.89 -30.18 12.20
C TYR C 342 -23.34 -29.96 12.64
N THR C 343 -24.10 -29.22 11.84
CA THR C 343 -25.51 -28.91 12.15
C THR C 343 -26.42 -30.09 11.80
N LYS C 344 -27.68 -30.00 12.21
CA LYS C 344 -28.69 -31.02 11.89
C LYS C 344 -28.77 -31.33 10.39
N ASN C 345 -28.34 -30.35 9.58
CA ASN C 345 -28.38 -30.44 8.12
C ASN C 345 -27.03 -30.78 7.47
N GLN C 346 -26.08 -31.22 8.29
CA GLN C 346 -24.78 -31.73 7.83
C GLN C 346 -23.89 -30.67 7.17
N ASP C 347 -24.08 -29.42 7.59
CA ASP C 347 -23.17 -28.32 7.30
C ASP C 347 -22.21 -28.21 8.50
N PRO C 348 -20.93 -27.85 8.25
CA PRO C 348 -20.06 -27.61 9.41
C PRO C 348 -20.45 -26.31 10.13
N TRP C 349 -20.41 -26.32 11.45
CA TRP C 349 -20.74 -25.13 12.24
C TRP C 349 -19.76 -23.99 11.98
N GLN C 350 -20.29 -22.77 12.01
CA GLN C 350 -19.50 -21.58 11.72
C GLN C 350 -19.64 -20.59 12.87
N SER C 351 -18.68 -19.68 12.99
CA SER C 351 -18.73 -18.66 14.04
C SER C 351 -19.98 -17.80 13.88
N ASP C 352 -20.25 -17.41 12.64
CA ASP C 352 -21.47 -16.71 12.24
C ASP C 352 -22.74 -17.39 12.81
N ASP C 353 -22.78 -18.72 12.76
CA ASP C 353 -23.95 -19.50 13.19
C ASP C 353 -24.25 -19.42 14.69
N LEU C 354 -23.20 -19.25 15.49
CA LEU C 354 -23.33 -19.24 16.95
C LEU C 354 -22.92 -17.91 17.60
N GLU C 355 -23.29 -16.81 16.97
CA GLU C 355 -23.08 -15.50 17.57
C GLU C 355 -24.14 -15.22 18.63
N ASP C 356 -25.36 -15.70 18.39
CA ASP C 356 -26.46 -15.59 19.34
C ASP C 356 -26.57 -16.88 20.15
N TRP C 357 -25.77 -16.99 21.21
CA TRP C 357 -25.62 -18.21 22.02
C TRP C 357 -26.91 -18.97 22.35
N GLU C 358 -28.01 -18.23 22.52
CA GLU C 358 -29.32 -18.81 22.80
C GLU C 358 -29.76 -19.83 21.75
N THR C 359 -29.21 -19.71 20.54
CA THR C 359 -29.46 -20.68 19.46
C THR C 359 -29.07 -22.11 19.88
N LEU C 360 -28.17 -22.21 20.85
CA LEU C 360 -27.74 -23.48 21.42
C LEU C 360 -28.50 -23.84 22.70
N GLY C 361 -29.49 -23.02 23.04
CA GLY C 361 -30.44 -23.33 24.11
C GLY C 361 -30.03 -23.02 25.54
N PHE C 362 -29.20 -21.99 25.73
CA PHE C 362 -28.79 -21.57 27.06
C PHE C 362 -28.62 -20.07 27.17
N SER C 363 -28.62 -19.56 28.40
CA SER C 363 -28.23 -18.18 28.70
C SER C 363 -27.63 -18.10 30.11
N TYR C 364 -27.30 -16.90 30.56
CA TYR C 364 -26.63 -16.72 31.85
C TYR C 364 -27.37 -15.73 32.76
N PRO C 365 -27.45 -16.04 34.07
CA PRO C 365 -28.09 -15.22 35.11
C PRO C 365 -27.90 -13.71 34.95
N ASP C 366 -26.74 -13.29 34.46
CA ASP C 366 -26.40 -11.87 34.29
C ASP C 366 -27.28 -11.20 33.24
N PHE C 367 -27.87 -12.00 32.36
CA PHE C 367 -28.71 -11.53 31.25
C PHE C 367 -30.20 -11.55 31.55
N ASP C 368 -30.57 -12.13 32.70
CA ASP C 368 -31.98 -12.22 33.12
C ASP C 368 -32.73 -10.88 33.15
N PRO C 369 -32.22 -9.87 33.88
CA PRO C 369 -32.98 -8.63 34.05
C PRO C 369 -33.14 -7.80 32.79
N VAL C 370 -32.33 -8.09 31.76
CA VAL C 370 -32.44 -7.36 30.48
C VAL C 370 -33.00 -8.20 29.32
N LYS C 371 -33.79 -9.22 29.65
CA LYS C 371 -34.50 -10.00 28.65
C LYS C 371 -35.42 -9.12 27.82
N GLY C 372 -35.42 -9.34 26.51
CA GLY C 372 -36.27 -8.60 25.57
C GLY C 372 -35.97 -7.11 25.43
N LYS C 373 -34.75 -6.71 25.77
CA LYS C 373 -34.34 -5.30 25.69
C LYS C 373 -33.33 -5.04 24.55
N SER C 374 -33.16 -3.76 24.22
CA SER C 374 -32.33 -3.35 23.09
C SER C 374 -30.84 -3.52 23.36
N LYS C 375 -30.08 -3.66 22.29
CA LYS C 375 -28.62 -3.77 22.34
C LYS C 375 -28.00 -2.58 23.06
N GLU C 376 -28.69 -1.45 23.01
CA GLU C 376 -28.28 -0.24 23.71
C GLU C 376 -28.49 -0.41 25.23
N GLU C 377 -29.73 -0.67 25.63
CA GLU C 377 -30.11 -0.85 27.04
C GLU C 377 -29.33 -1.96 27.74
N LYS C 378 -29.14 -3.08 27.04
CA LYS C 378 -28.37 -4.23 27.54
C LYS C 378 -26.91 -3.84 27.80
N SER C 379 -26.35 -3.03 26.90
CA SER C 379 -24.95 -2.61 26.98
C SER C 379 -24.69 -1.72 28.19
N VAL C 380 -25.57 -0.74 28.42
CA VAL C 380 -25.47 0.12 29.60
C VAL C 380 -25.53 -0.73 30.87
N TYR C 381 -26.60 -1.52 30.99
CA TYR C 381 -26.87 -2.35 32.17
C TYR C 381 -25.71 -3.29 32.52
N ILE C 382 -25.23 -4.05 31.54
CA ILE C 382 -24.19 -5.04 31.77
C ILE C 382 -22.81 -4.41 31.97
N ASN C 383 -22.62 -3.20 31.45
CA ASN C 383 -21.40 -2.45 31.74
C ASN C 383 -21.37 -1.94 33.18
N ASP C 384 -22.55 -1.60 33.71
CA ASP C 384 -22.71 -1.22 35.10
C ASP C 384 -22.58 -2.44 36.02
N TRP C 385 -23.22 -3.53 35.61
CA TRP C 385 -23.21 -4.81 36.34
C TRP C 385 -21.80 -5.36 36.49
N VAL C 386 -21.00 -5.23 35.43
CA VAL C 386 -19.60 -5.65 35.48
C VAL C 386 -18.76 -4.75 36.38
N HIS C 387 -19.06 -3.45 36.38
CA HIS C 387 -18.44 -2.51 37.31
C HIS C 387 -18.84 -2.80 38.76
N LYS C 388 -20.10 -3.20 38.95
CA LYS C 388 -20.61 -3.52 40.29
C LYS C 388 -20.15 -4.91 40.78
N HIS C 389 -19.91 -5.82 39.86
CA HIS C 389 -19.58 -7.21 40.19
C HIS C 389 -18.08 -7.52 40.22
N TYR C 390 -17.33 -6.98 39.26
CA TYR C 390 -15.90 -7.22 39.14
C TYR C 390 -15.02 -5.98 39.30
N GLY C 391 -15.57 -4.93 39.91
CA GLY C 391 -14.87 -3.64 40.06
C GLY C 391 -13.46 -3.72 40.57
N SER D 1 -34.42 3.95 26.96
CA SER D 1 -34.24 4.17 25.48
C SER D 1 -35.57 4.15 24.73
N ASP D 2 -36.64 3.84 25.45
CA ASP D 2 -38.02 3.85 24.93
C ASP D 2 -38.20 2.95 23.70
N LYS D 3 -39.28 3.19 22.96
CA LYS D 3 -39.47 2.57 21.66
C LYS D 3 -39.12 3.61 20.59
N LYS D 4 -38.49 3.14 19.50
CA LYS D 4 -38.09 4.04 18.44
C LYS D 4 -39.04 3.93 17.25
N SER D 5 -39.37 2.70 16.85
CA SER D 5 -40.35 2.46 15.80
C SER D 5 -41.69 2.05 16.42
N LEU D 6 -42.76 2.65 15.93
CA LEU D 6 -44.11 2.38 16.43
C LEU D 6 -44.72 1.14 15.77
N MET D 7 -44.10 0.70 14.68
CA MET D 7 -44.46 -0.57 14.04
C MET D 7 -43.17 -1.34 13.73
N PRO D 8 -42.78 -2.26 14.62
CA PRO D 8 -41.55 -3.02 14.36
C PRO D 8 -41.72 -3.98 13.18
N LEU D 9 -40.59 -4.38 12.60
CA LEU D 9 -40.56 -5.43 11.60
C LEU D 9 -40.35 -6.79 12.29
N VAL D 10 -41.31 -7.69 12.12
CA VAL D 10 -41.26 -9.03 12.71
C VAL D 10 -41.57 -10.12 11.69
N GLY D 11 -41.98 -9.69 10.49
CA GLY D 11 -42.39 -10.61 9.43
C GLY D 11 -43.66 -11.36 9.79
N ILE D 12 -43.80 -12.57 9.26
CA ILE D 12 -44.97 -13.40 9.50
C ILE D 12 -44.63 -14.54 10.46
N PRO D 13 -45.32 -14.61 11.61
CA PRO D 13 -45.12 -15.71 12.55
C PRO D 13 -45.84 -16.98 12.11
N GLY D 14 -45.53 -18.10 12.74
CA GLY D 14 -46.16 -19.38 12.45
C GLY D 14 -45.31 -20.25 11.55
N GLU D 15 -45.97 -21.11 10.77
CA GLU D 15 -45.30 -21.99 9.83
C GLU D 15 -44.77 -21.20 8.64
N ILE D 16 -43.73 -21.74 7.99
CA ILE D 16 -43.13 -21.10 6.83
C ILE D 16 -43.90 -21.52 5.57
N LYS D 17 -44.59 -20.55 4.98
CA LYS D 17 -45.38 -20.78 3.77
C LYS D 17 -44.82 -19.99 2.58
N ASN D 18 -44.96 -20.55 1.38
CA ASN D 18 -44.31 -20.02 0.18
C ASN D 18 -44.92 -18.73 -0.38
N ARG D 19 -44.05 -17.86 -0.88
CA ARG D 19 -44.45 -16.74 -1.71
C ARG D 19 -44.63 -17.29 -3.12
N LEU D 20 -45.82 -17.14 -3.68
CA LEU D 20 -46.18 -17.85 -4.91
C LEU D 20 -45.95 -17.05 -6.19
N ASN D 21 -45.82 -17.75 -7.32
CA ASN D 21 -45.78 -17.13 -8.64
C ASN D 21 -47.13 -16.53 -8.98
N ILE D 22 -47.13 -15.31 -9.51
CA ILE D 22 -48.36 -14.57 -9.78
C ILE D 22 -49.31 -15.34 -10.72
N LEU D 23 -48.77 -15.97 -11.75
CA LEU D 23 -49.58 -16.78 -12.69
C LEU D 23 -50.41 -17.85 -11.98
N ASP D 24 -49.86 -18.41 -10.91
CA ASP D 24 -50.55 -19.40 -10.08
C ASP D 24 -51.47 -18.72 -9.07
N PHE D 25 -50.94 -17.67 -8.42
CA PHE D 25 -51.64 -16.96 -7.35
C PHE D 25 -53.05 -16.54 -7.76
N VAL D 26 -53.17 -15.98 -8.95
CA VAL D 26 -54.44 -15.49 -9.48
C VAL D 26 -55.46 -16.61 -9.72
N LYS D 27 -54.97 -17.82 -9.96
CA LYS D 27 -55.84 -19.00 -10.17
C LYS D 27 -56.33 -19.60 -8.85
N ASN D 28 -55.67 -19.23 -7.74
CA ASN D 28 -56.10 -19.62 -6.40
C ASN D 28 -57.12 -18.61 -5.90
N ASP D 29 -58.38 -19.06 -5.81
CA ASP D 29 -59.50 -18.17 -5.49
C ASP D 29 -59.41 -17.55 -4.09
N LYS D 30 -59.00 -18.35 -3.12
CA LYS D 30 -58.91 -17.90 -1.72
C LYS D 30 -57.80 -16.87 -1.50
N PHE D 31 -56.60 -17.15 -2.00
CA PHE D 31 -55.49 -16.22 -1.86
C PHE D 31 -55.74 -14.91 -2.62
N PHE D 32 -56.34 -15.02 -3.81
CA PHE D 32 -56.57 -13.85 -4.66
C PHE D 32 -57.64 -12.90 -4.12
N THR D 33 -58.75 -13.45 -3.64
CA THR D 33 -59.80 -12.67 -2.99
C THR D 33 -59.23 -11.96 -1.75
N LEU D 34 -58.51 -12.72 -0.92
CA LEU D 34 -57.85 -12.17 0.27
C LEU D 34 -56.89 -11.04 -0.04
N TYR D 35 -56.06 -11.21 -1.08
CA TYR D 35 -55.12 -10.17 -1.52
C TYR D 35 -55.85 -8.90 -1.97
N VAL D 36 -56.96 -9.08 -2.70
CA VAL D 36 -57.75 -7.97 -3.21
C VAL D 36 -58.51 -7.25 -2.09
N ARG D 37 -59.07 -8.03 -1.17
CA ARG D 37 -59.80 -7.46 -0.04
C ARG D 37 -58.87 -6.72 0.91
N ALA D 38 -57.74 -7.34 1.22
CA ALA D 38 -56.73 -6.75 2.10
C ALA D 38 -56.13 -5.49 1.49
N LEU D 39 -55.95 -5.51 0.16
CA LEU D 39 -55.43 -4.33 -0.55
C LEU D 39 -56.43 -3.18 -0.52
N GLN D 40 -57.71 -3.50 -0.65
CA GLN D 40 -58.79 -2.51 -0.53
C GLN D 40 -58.84 -1.88 0.86
N VAL D 41 -58.42 -2.64 1.88
CA VAL D 41 -58.36 -2.16 3.27
C VAL D 41 -57.19 -1.18 3.47
N LEU D 42 -56.02 -1.52 2.95
CA LEU D 42 -54.84 -0.66 3.01
C LEU D 42 -55.01 0.65 2.23
N GLN D 43 -55.71 0.57 1.10
CA GLN D 43 -55.92 1.72 0.22
C GLN D 43 -56.94 2.72 0.77
N ALA D 44 -57.98 2.20 1.44
CA ALA D 44 -59.04 3.03 2.01
C ALA D 44 -58.57 3.84 3.22
N ARG D 45 -57.58 3.31 3.93
CA ARG D 45 -57.05 3.93 5.15
C ARG D 45 -56.47 5.31 4.93
N ASP D 46 -56.61 6.17 5.95
CA ASP D 46 -56.09 7.54 5.94
C ASP D 46 -54.60 7.56 5.59
N GLN D 47 -54.19 8.53 4.78
CA GLN D 47 -52.82 8.61 4.27
C GLN D 47 -51.79 9.10 5.30
N SER D 48 -52.25 9.40 6.50
CA SER D 48 -51.37 9.72 7.63
C SER D 48 -51.14 8.50 8.52
N ASP D 49 -51.98 7.49 8.36
CA ASP D 49 -51.86 6.24 9.10
C ASP D 49 -50.68 5.40 8.59
N TYR D 50 -49.76 5.06 9.50
CA TYR D 50 -48.52 4.37 9.15
C TYR D 50 -48.68 2.93 8.64
N SER D 51 -49.92 2.43 8.63
CA SER D 51 -50.21 1.11 8.07
C SER D 51 -51.15 1.20 6.86
N SER D 52 -51.12 2.35 6.19
CA SER D 52 -51.88 2.55 4.96
C SER D 52 -50.99 2.34 3.73
N PHE D 53 -51.62 2.11 2.57
CA PHE D 53 -50.90 1.90 1.31
C PHE D 53 -49.94 3.05 1.02
N PHE D 54 -50.39 4.27 1.33
CA PHE D 54 -49.61 5.48 1.13
C PHE D 54 -48.35 5.49 1.99
N GLN D 55 -48.52 5.36 3.31
CA GLN D 55 -47.40 5.48 4.24
C GLN D 55 -46.34 4.38 4.07
N LEU D 56 -46.75 3.21 3.60
CA LEU D 56 -45.80 2.14 3.28
C LEU D 56 -45.11 2.40 1.94
N GLY D 57 -45.89 2.85 0.96
CA GLY D 57 -45.36 3.20 -0.36
C GLY D 57 -44.50 4.44 -0.34
N GLY D 58 -44.76 5.31 0.64
CA GLY D 58 -44.02 6.54 0.82
C GLY D 58 -42.65 6.35 1.44
N ILE D 59 -42.47 5.23 2.15
CA ILE D 59 -41.18 4.90 2.78
C ILE D 59 -40.06 5.07 1.76
N HIS D 60 -40.14 4.28 0.68
CA HIS D 60 -39.19 4.29 -0.41
C HIS D 60 -38.55 5.66 -0.67
N GLY D 61 -39.38 6.64 -1.02
CA GLY D 61 -38.93 8.01 -1.26
C GLY D 61 -39.89 9.05 -0.70
N LEU D 62 -40.60 9.72 -1.61
CA LEU D 62 -41.51 10.82 -1.27
C LEU D 62 -42.82 10.32 -0.65
N PRO D 63 -43.34 11.02 0.38
CA PRO D 63 -42.80 12.25 0.99
C PRO D 63 -41.61 11.99 1.91
N TYR D 64 -40.75 12.98 2.06
CA TYR D 64 -39.58 12.84 2.93
C TYR D 64 -39.91 13.15 4.39
N THR D 65 -40.74 12.29 4.98
CA THR D 65 -41.09 12.33 6.39
C THR D 65 -40.67 11.00 7.01
N GLU D 66 -40.44 10.99 8.32
CA GLU D 66 -40.07 9.76 9.03
C GLU D 66 -41.26 8.80 9.13
N TRP D 67 -41.01 7.50 8.90
CA TRP D 67 -42.06 6.49 8.98
C TRP D 67 -42.11 5.84 10.36
N ALA D 68 -43.31 5.86 10.96
CA ALA D 68 -43.60 5.21 12.25
C ALA D 68 -42.56 5.42 13.35
N LYS D 69 -42.15 6.68 13.57
CA LYS D 69 -41.19 6.99 14.61
C LYS D 69 -41.88 7.59 15.84
N ALA D 70 -41.54 7.07 17.02
CA ALA D 70 -42.17 7.47 18.27
C ALA D 70 -41.74 8.86 18.75
N GLN D 71 -40.51 9.24 18.42
CA GLN D 71 -39.99 10.57 18.73
C GLN D 71 -39.26 11.16 17.53
N PRO D 72 -39.64 12.39 17.12
CA PRO D 72 -39.11 13.00 15.90
C PRO D 72 -37.67 13.48 16.02
N GLN D 73 -36.96 13.53 14.89
CA GLN D 73 -35.58 14.06 14.84
C GLN D 73 -35.61 15.59 14.97
N LEU D 74 -34.50 16.18 15.41
CA LEU D 74 -34.40 17.64 15.55
C LEU D 74 -34.38 18.32 14.18
N HIS D 75 -33.45 17.90 13.33
CA HIS D 75 -33.41 18.28 11.92
C HIS D 75 -33.33 17.02 11.07
N LEU D 76 -34.32 16.83 10.20
CA LEU D 76 -34.47 15.60 9.41
C LEU D 76 -33.93 15.75 7.99
N TYR D 77 -32.97 14.90 7.62
CA TYR D 77 -32.43 14.90 6.26
C TYR D 77 -33.45 14.38 5.27
N LYS D 78 -34.02 15.30 4.50
CA LYS D 78 -35.11 15.01 3.58
C LYS D 78 -34.61 14.32 2.31
N ALA D 79 -34.68 12.98 2.30
CA ALA D 79 -34.28 12.16 1.16
C ALA D 79 -34.88 10.76 1.28
N ASN D 80 -34.76 9.96 0.21
CA ASN D 80 -35.28 8.59 0.17
C ASN D 80 -34.84 7.75 1.36
N TYR D 81 -35.67 6.78 1.74
CA TYR D 81 -35.28 5.78 2.73
C TYR D 81 -34.50 4.65 2.06
N CYS D 82 -34.91 4.31 0.83
CA CYS D 82 -34.31 3.20 0.10
C CYS D 82 -32.86 3.48 -0.30
N THR D 83 -32.04 2.45 -0.19
CA THR D 83 -30.65 2.55 -0.62
C THR D 83 -30.46 1.91 -2.00
N HIS D 84 -29.98 2.72 -2.95
CA HIS D 84 -29.78 2.29 -4.32
C HIS D 84 -28.35 2.60 -4.79
N GLY D 85 -27.77 1.67 -5.54
CA GLY D 85 -26.37 1.78 -5.96
C GLY D 85 -25.38 1.50 -4.84
N THR D 86 -25.84 0.80 -3.80
CA THR D 86 -24.98 0.43 -2.67
C THR D 86 -25.08 -1.06 -2.37
N VAL D 87 -24.11 -1.57 -1.62
CA VAL D 87 -24.03 -2.99 -1.26
C VAL D 87 -25.21 -3.49 -0.41
N LEU D 88 -26.02 -2.55 0.10
CA LEU D 88 -27.17 -2.89 0.94
C LEU D 88 -28.47 -3.02 0.15
N PHE D 89 -28.43 -2.63 -1.12
CA PHE D 89 -29.59 -2.64 -2.02
C PHE D 89 -30.49 -3.88 -1.89
N PRO D 90 -29.96 -5.09 -2.14
CA PRO D 90 -30.84 -6.26 -2.12
C PRO D 90 -31.41 -6.52 -0.73
N THR D 91 -30.62 -6.22 0.30
CA THR D 91 -30.96 -6.50 1.69
C THR D 91 -31.94 -5.49 2.28
N TRP D 92 -31.74 -4.20 1.99
CA TRP D 92 -32.67 -3.18 2.42
C TRP D 92 -34.04 -3.45 1.84
N HIS D 93 -34.07 -3.83 0.56
CA HIS D 93 -35.31 -4.11 -0.15
C HIS D 93 -35.95 -5.42 0.30
N ARG D 94 -35.16 -6.29 0.96
CA ARG D 94 -35.67 -7.51 1.58
C ARG D 94 -36.50 -7.16 2.82
N ALA D 95 -35.98 -6.24 3.63
CA ALA D 95 -36.67 -5.78 4.83
C ALA D 95 -37.92 -4.98 4.48
N TYR D 96 -37.80 -4.12 3.47
CA TYR D 96 -38.91 -3.34 2.95
C TYR D 96 -40.08 -4.22 2.52
N GLU D 97 -39.77 -5.26 1.76
CA GLU D 97 -40.75 -6.25 1.30
C GLU D 97 -41.56 -6.89 2.43
N SER D 98 -40.89 -7.23 3.54
CA SER D 98 -41.53 -7.88 4.68
C SER D 98 -42.32 -6.91 5.57
N THR D 99 -41.97 -5.63 5.51
CA THR D 99 -42.73 -4.59 6.18
C THR D 99 -44.09 -4.45 5.49
N TRP D 100 -44.07 -4.60 4.16
CA TRP D 100 -45.29 -4.64 3.36
C TRP D 100 -46.10 -5.89 3.69
N GLU D 101 -45.45 -7.05 3.62
CA GLU D 101 -46.12 -8.32 3.85
C GLU D 101 -46.78 -8.44 5.23
N GLN D 102 -46.12 -7.91 6.27
CA GLN D 102 -46.67 -7.97 7.63
C GLN D 102 -47.91 -7.07 7.79
N THR D 103 -47.99 -6.03 6.96
CA THR D 103 -49.11 -5.11 7.00
C THR D 103 -50.29 -5.70 6.23
N LEU D 104 -49.99 -6.28 5.08
CA LEU D 104 -50.99 -6.93 4.23
C LEU D 104 -51.54 -8.22 4.84
N TRP D 105 -50.67 -8.93 5.57
CA TRP D 105 -51.03 -10.19 6.22
C TRP D 105 -51.97 -9.96 7.40
N GLU D 106 -51.68 -8.93 8.19
CA GLU D 106 -52.52 -8.55 9.32
C GLU D 106 -53.84 -7.95 8.85
N ALA D 107 -53.81 -7.25 7.72
CA ALA D 107 -55.02 -6.79 7.06
C ALA D 107 -55.84 -7.97 6.56
N ALA D 108 -55.15 -9.05 6.19
CA ALA D 108 -55.80 -10.28 5.70
C ALA D 108 -56.45 -11.08 6.83
N GLY D 109 -55.93 -10.94 8.05
CA GLY D 109 -56.46 -11.64 9.21
C GLY D 109 -57.85 -11.18 9.60
N THR D 110 -58.09 -9.87 9.51
CA THR D 110 -59.37 -9.27 9.86
C THR D 110 -60.43 -9.42 8.75
N VAL D 111 -59.97 -9.74 7.54
CA VAL D 111 -60.85 -10.00 6.41
C VAL D 111 -61.40 -11.43 6.44
N ALA D 112 -60.53 -12.37 6.85
CA ALA D 112 -60.93 -13.77 7.01
C ALA D 112 -62.07 -13.96 8.01
N GLN D 113 -62.04 -13.17 9.09
CA GLN D 113 -63.06 -13.21 10.13
C GLN D 113 -64.41 -12.72 9.59
N ARG D 114 -64.37 -11.83 8.60
CA ARG D 114 -65.58 -11.26 8.00
C ARG D 114 -66.37 -12.22 7.11
N PHE D 115 -65.74 -13.32 6.69
CA PHE D 115 -66.38 -14.33 5.85
C PHE D 115 -67.48 -15.08 6.59
N THR D 116 -68.55 -15.38 5.87
CA THR D 116 -69.77 -15.92 6.48
C THR D 116 -70.34 -17.12 5.71
N THR D 117 -69.58 -18.21 5.72
CA THR D 117 -70.02 -19.50 5.18
C THR D 117 -69.41 -20.62 6.03
N SER D 118 -69.66 -21.87 5.64
CA SER D 118 -69.13 -23.03 6.38
C SER D 118 -67.62 -23.16 6.29
N ASP D 119 -67.05 -22.71 5.17
CA ASP D 119 -65.62 -22.83 4.91
C ASP D 119 -64.81 -21.63 5.41
N GLN D 120 -65.31 -20.97 6.45
CA GLN D 120 -64.63 -19.81 7.06
C GLN D 120 -63.29 -20.20 7.71
N ALA D 121 -63.17 -21.46 8.12
CA ALA D 121 -61.92 -22.01 8.65
C ALA D 121 -60.86 -22.11 7.56
N GLU D 122 -61.28 -22.48 6.35
CA GLU D 122 -60.42 -22.49 5.17
C GLU D 122 -60.03 -21.09 4.76
N TRP D 123 -60.93 -20.13 5.00
CA TRP D 123 -60.67 -18.71 4.75
C TRP D 123 -59.72 -18.12 5.79
N ILE D 124 -59.82 -18.62 7.03
CA ILE D 124 -58.95 -18.22 8.13
C ILE D 124 -57.53 -18.76 7.92
N GLN D 125 -57.43 -20.05 7.61
CA GLN D 125 -56.15 -20.70 7.38
C GLN D 125 -55.41 -20.10 6.18
N ALA D 126 -56.15 -19.79 5.12
CA ALA D 126 -55.58 -19.14 3.94
C ALA D 126 -55.01 -17.77 4.30
N ALA D 127 -55.71 -17.04 5.16
CA ALA D 127 -55.28 -15.70 5.61
C ALA D 127 -53.93 -15.72 6.34
N LYS D 128 -53.70 -16.75 7.15
CA LYS D 128 -52.40 -16.91 7.80
C LYS D 128 -51.37 -17.49 6.82
N ASP D 129 -51.85 -18.15 5.77
CA ASP D 129 -50.98 -18.73 4.75
C ASP D 129 -50.73 -17.80 3.56
N LEU D 130 -51.37 -16.62 3.59
CA LEU D 130 -51.19 -15.62 2.54
C LEU D 130 -49.75 -15.10 2.50
N ARG D 131 -49.20 -15.01 1.30
CA ARG D 131 -47.89 -14.42 1.07
C ARG D 131 -47.89 -13.62 -0.24
N GLN D 132 -47.06 -12.57 -0.30
CA GLN D 132 -46.95 -11.73 -1.49
C GLN D 132 -46.50 -12.55 -2.70
N PRO D 133 -47.24 -12.44 -3.82
CA PRO D 133 -46.84 -13.11 -5.05
C PRO D 133 -45.73 -12.37 -5.79
N PHE D 134 -44.98 -13.10 -6.61
CA PHE D 134 -43.92 -12.51 -7.44
C PHE D 134 -44.20 -12.66 -8.93
N TRP D 135 -43.63 -11.75 -9.70
CA TRP D 135 -43.66 -11.84 -11.16
C TRP D 135 -42.30 -12.33 -11.65
N ASP D 136 -42.28 -13.55 -12.19
CA ASP D 136 -41.05 -14.16 -12.70
C ASP D 136 -40.67 -13.61 -14.08
N TRP D 137 -40.04 -12.43 -14.07
CA TRP D 137 -39.65 -11.75 -15.30
C TRP D 137 -38.38 -12.31 -15.96
N GLY D 138 -37.89 -13.44 -15.44
CA GLY D 138 -36.74 -14.11 -16.03
C GLY D 138 -37.14 -15.35 -16.82
N TYR D 139 -38.39 -15.77 -16.69
CA TYR D 139 -38.90 -16.98 -17.35
C TYR D 139 -39.53 -16.65 -18.70
N TRP D 140 -39.09 -17.38 -19.73
CA TRP D 140 -39.69 -17.30 -21.06
C TRP D 140 -39.71 -18.69 -21.70
N PRO D 141 -40.92 -19.28 -21.84
CA PRO D 141 -41.11 -20.64 -22.33
C PRO D 141 -40.99 -20.76 -23.86
N ASN D 142 -40.10 -19.97 -24.44
CA ASN D 142 -39.84 -20.00 -25.88
C ASN D 142 -41.06 -19.66 -26.75
N ASP D 143 -42.06 -19.01 -26.13
CA ASP D 143 -43.29 -18.63 -26.81
C ASP D 143 -43.36 -17.11 -26.93
N PRO D 144 -43.28 -16.58 -28.17
CA PRO D 144 -43.25 -15.12 -28.39
C PRO D 144 -44.49 -14.41 -27.87
N ASP D 145 -45.55 -15.17 -27.59
CA ASP D 145 -46.82 -14.62 -27.15
C ASP D 145 -46.92 -14.49 -25.61
N PHE D 146 -46.02 -15.18 -24.91
CA PHE D 146 -46.06 -15.31 -23.43
C PHE D 146 -45.88 -14.00 -22.65
N ILE D 147 -46.56 -13.93 -21.51
CA ILE D 147 -46.45 -12.83 -20.56
C ILE D 147 -46.32 -13.36 -19.14
N GLY D 148 -45.45 -12.74 -18.34
CA GLY D 148 -45.28 -13.11 -16.94
C GLY D 148 -46.40 -12.62 -16.04
N LEU D 149 -47.13 -11.62 -16.51
CA LEU D 149 -48.20 -10.99 -15.75
C LEU D 149 -49.59 -11.33 -16.32
N PRO D 150 -50.51 -11.81 -15.46
CA PRO D 150 -51.86 -12.15 -15.90
C PRO D 150 -52.78 -10.93 -15.94
N ASP D 151 -53.98 -11.10 -16.51
CA ASP D 151 -54.93 -10.00 -16.71
C ASP D 151 -55.39 -9.30 -15.43
N GLN D 152 -55.28 -9.99 -14.29
CA GLN D 152 -55.73 -9.41 -13.01
C GLN D 152 -54.76 -8.36 -12.45
N VAL D 153 -53.62 -8.19 -13.11
CA VAL D 153 -52.60 -7.25 -12.64
C VAL D 153 -52.45 -6.04 -13.59
N ILE D 154 -52.51 -6.29 -14.90
CA ILE D 154 -52.14 -5.29 -15.91
C ILE D 154 -53.24 -4.78 -16.86
N ARG D 155 -54.37 -5.49 -16.94
CA ARG D 155 -55.44 -5.09 -17.87
C ARG D 155 -56.79 -4.73 -17.24
N ASP D 156 -57.28 -5.60 -16.35
CA ASP D 156 -58.67 -5.54 -15.89
C ASP D 156 -59.03 -4.36 -15.00
N LYS D 157 -60.07 -3.63 -15.41
CA LYS D 157 -60.67 -2.55 -14.62
C LYS D 157 -61.38 -3.15 -13.40
N GLN D 158 -62.09 -4.25 -13.63
CA GLN D 158 -62.74 -4.98 -12.56
C GLN D 158 -62.15 -6.37 -12.44
N VAL D 159 -61.97 -6.83 -11.20
CA VAL D 159 -61.51 -8.18 -10.92
C VAL D 159 -62.60 -9.00 -10.24
N GLU D 160 -62.73 -10.26 -10.64
CA GLU D 160 -63.74 -11.14 -10.06
C GLU D 160 -63.21 -11.82 -8.80
N ILE D 161 -63.97 -11.69 -7.71
CA ILE D 161 -63.64 -12.30 -6.43
C ILE D 161 -64.88 -12.94 -5.80
N THR D 162 -64.73 -13.49 -4.60
CA THR D 162 -65.84 -14.04 -3.84
C THR D 162 -66.26 -13.06 -2.74
N ASP D 163 -67.56 -12.78 -2.66
CA ASP D 163 -68.12 -11.99 -1.55
C ASP D 163 -68.14 -12.87 -0.29
N TYR D 164 -68.37 -12.24 0.86
CA TYR D 164 -68.29 -12.92 2.16
C TYR D 164 -69.37 -13.99 2.37
N ASN D 165 -70.38 -14.00 1.51
CA ASN D 165 -71.48 -14.97 1.59
C ASN D 165 -71.46 -16.02 0.46
N GLY D 166 -70.29 -16.22 -0.13
CA GLY D 166 -70.11 -17.24 -1.16
C GLY D 166 -70.41 -16.80 -2.59
N THR D 167 -71.13 -15.69 -2.72
CA THR D 167 -71.51 -15.14 -4.04
C THR D 167 -70.31 -14.57 -4.77
N LYS D 168 -70.27 -14.74 -6.09
CA LYS D 168 -69.24 -14.12 -6.92
C LYS D 168 -69.65 -12.70 -7.29
N ILE D 169 -68.77 -11.74 -7.04
CA ILE D 169 -69.00 -10.35 -7.43
C ILE D 169 -67.81 -9.77 -8.19
N GLU D 170 -68.00 -8.57 -8.76
CA GLU D 170 -66.91 -7.80 -9.35
C GLU D 170 -66.63 -6.56 -8.49
N VAL D 171 -65.36 -6.19 -8.36
CA VAL D 171 -64.97 -4.98 -7.64
C VAL D 171 -63.92 -4.16 -8.41
N GLU D 172 -63.84 -2.86 -8.06
CA GLU D 172 -62.79 -1.97 -8.58
C GLU D 172 -61.42 -2.56 -8.30
N ASN D 173 -60.64 -2.78 -9.35
CA ASN D 173 -59.32 -3.43 -9.23
C ASN D 173 -58.31 -2.60 -8.44
N PRO D 174 -57.86 -3.12 -7.29
CA PRO D 174 -56.89 -2.42 -6.47
C PRO D 174 -55.43 -2.64 -6.88
N ILE D 175 -55.18 -3.62 -7.76
CA ILE D 175 -53.82 -3.93 -8.22
C ILE D 175 -53.39 -3.06 -9.42
N LEU D 176 -54.37 -2.66 -10.24
CA LEU D 176 -54.13 -1.89 -11.45
C LEU D 176 -53.68 -0.47 -11.14
N HIS D 177 -54.45 0.23 -10.29
CA HIS D 177 -54.12 1.58 -9.87
C HIS D 177 -54.17 1.73 -8.36
N TYR D 178 -53.52 2.78 -7.87
CA TYR D 178 -53.80 3.32 -6.54
C TYR D 178 -54.27 4.76 -6.71
N LYS D 179 -55.41 5.10 -6.10
CA LYS D 179 -55.85 6.50 -6.10
C LYS D 179 -55.35 7.20 -4.83
N PHE D 180 -54.51 8.21 -5.05
CA PHE D 180 -54.05 9.11 -4.01
C PHE D 180 -55.24 9.89 -3.45
N HIS D 181 -55.39 9.91 -2.13
CA HIS D 181 -56.43 10.69 -1.47
C HIS D 181 -55.88 11.46 -0.25
N PRO D 182 -55.27 12.63 -0.50
CA PRO D 182 -55.08 13.22 -1.81
C PRO D 182 -53.68 12.95 -2.38
N ILE D 183 -53.35 13.66 -3.46
CA ILE D 183 -51.99 13.63 -4.03
C ILE D 183 -51.03 14.22 -3.00
N GLU D 184 -49.81 13.67 -2.94
CA GLU D 184 -48.77 14.21 -2.09
C GLU D 184 -48.39 15.63 -2.55
N PRO D 185 -48.51 16.61 -1.64
CA PRO D 185 -48.22 18.02 -1.94
C PRO D 185 -46.80 18.31 -2.41
N THR D 186 -45.85 17.46 -2.02
CA THR D 186 -44.44 17.66 -2.36
C THR D 186 -44.00 16.93 -3.64
N PHE D 187 -44.97 16.34 -4.34
CA PHE D 187 -44.77 15.76 -5.68
C PHE D 187 -44.56 16.91 -6.68
N GLU D 188 -43.55 16.78 -7.53
CA GLU D 188 -43.20 17.82 -8.50
C GLU D 188 -43.15 17.30 -9.93
N GLY D 189 -43.52 18.15 -10.87
CA GLY D 189 -43.57 17.80 -12.29
C GLY D 189 -44.90 17.17 -12.65
N ASP D 190 -44.85 16.12 -13.46
CA ASP D 190 -46.04 15.41 -13.90
C ASP D 190 -46.77 14.65 -12.79
N PHE D 191 -46.09 14.41 -11.67
CA PHE D 191 -46.65 13.61 -10.57
C PHE D 191 -47.55 14.41 -9.65
N ALA D 192 -47.55 15.72 -9.85
CA ALA D 192 -48.47 16.63 -9.17
C ALA D 192 -49.78 16.75 -9.95
N GLN D 193 -49.81 16.12 -11.13
CA GLN D 193 -50.98 16.20 -12.01
C GLN D 193 -51.61 14.83 -12.32
N TRP D 194 -51.20 13.80 -11.58
CA TRP D 194 -51.80 12.48 -11.69
C TRP D 194 -52.53 12.08 -10.41
N GLN D 195 -53.86 11.98 -10.50
CA GLN D 195 -54.70 11.54 -9.37
C GLN D 195 -54.41 10.10 -8.95
N THR D 196 -54.04 9.28 -9.92
CA THR D 196 -53.80 7.85 -9.70
C THR D 196 -52.37 7.46 -10.14
N THR D 197 -51.97 6.22 -9.87
CA THR D 197 -50.70 5.71 -10.41
C THR D 197 -50.82 5.54 -11.92
N MET D 198 -49.78 5.91 -12.64
CA MET D 198 -49.77 5.75 -14.08
C MET D 198 -48.64 4.81 -14.48
N ARG D 199 -48.99 3.81 -15.30
CA ARG D 199 -48.03 2.89 -15.88
C ARG D 199 -47.83 3.20 -17.36
N TYR D 200 -46.56 3.23 -17.78
CA TYR D 200 -46.17 3.40 -19.19
C TYR D 200 -46.94 4.53 -19.89
N PRO D 201 -46.66 5.79 -19.53
CA PRO D 201 -47.40 6.92 -20.11
C PRO D 201 -47.05 7.20 -21.56
N ASP D 202 -47.96 7.88 -22.27
CA ASP D 202 -47.69 8.36 -23.63
C ASP D 202 -47.46 9.87 -23.66
N VAL D 203 -47.28 10.42 -24.86
CA VAL D 203 -46.91 11.83 -25.03
C VAL D 203 -47.94 12.79 -24.42
N GLN D 204 -49.16 12.29 -24.21
CA GLN D 204 -50.25 13.08 -23.62
C GLN D 204 -50.47 12.77 -22.14
N LYS D 205 -49.48 12.12 -21.51
CA LYS D 205 -49.52 11.77 -20.08
C LYS D 205 -50.65 10.80 -19.70
N GLN D 206 -50.90 9.81 -20.54
CA GLN D 206 -51.94 8.81 -20.31
C GLN D 206 -51.37 7.40 -20.36
N GLU D 207 -52.05 6.47 -19.69
CA GLU D 207 -51.60 5.08 -19.60
C GLU D 207 -51.68 4.32 -20.93
N ASN D 208 -50.50 4.06 -21.50
CA ASN D 208 -50.36 3.22 -22.69
C ASN D 208 -50.09 1.76 -22.27
N ILE D 209 -51.16 1.04 -21.98
CA ILE D 209 -51.08 -0.34 -21.49
C ILE D 209 -50.70 -1.33 -22.60
N GLU D 210 -51.45 -1.30 -23.70
CA GLU D 210 -51.21 -2.25 -24.80
C GLU D 210 -49.85 -2.04 -25.46
N GLY D 211 -49.32 -0.82 -25.37
CA GLY D 211 -47.94 -0.55 -25.74
C GLY D 211 -47.00 -1.19 -24.72
N MET D 212 -47.35 -1.04 -23.44
CA MET D 212 -46.56 -1.58 -22.33
C MET D 212 -46.40 -3.09 -22.48
N ILE D 213 -47.54 -3.78 -22.61
CA ILE D 213 -47.56 -5.24 -22.76
C ILE D 213 -46.71 -5.71 -23.94
N ALA D 214 -46.80 -4.99 -25.06
CA ALA D 214 -46.01 -5.29 -26.25
C ALA D 214 -44.51 -5.19 -25.97
N GLY D 215 -44.13 -4.22 -25.14
CA GLY D 215 -42.73 -4.04 -24.75
C GLY D 215 -42.23 -5.15 -23.85
N ILE D 216 -43.09 -5.60 -22.93
CA ILE D 216 -42.79 -6.71 -22.03
C ILE D 216 -42.64 -8.01 -22.81
N LYS D 217 -43.46 -8.19 -23.83
CA LYS D 217 -43.45 -9.40 -24.66
C LYS D 217 -42.17 -9.54 -25.48
N ALA D 218 -41.66 -8.44 -26.00
CA ALA D 218 -40.49 -8.45 -26.87
C ALA D 218 -39.17 -8.53 -26.11
N ALA D 219 -39.15 -7.97 -24.91
CA ALA D 219 -37.95 -7.98 -24.06
C ALA D 219 -37.79 -9.30 -23.29
N ALA D 220 -38.87 -10.09 -23.25
CA ALA D 220 -38.90 -11.35 -22.50
C ALA D 220 -37.76 -12.35 -22.80
N PRO D 221 -37.46 -12.62 -24.08
CA PRO D 221 -36.33 -13.52 -24.38
C PRO D 221 -34.98 -12.92 -23.99
N GLY D 222 -34.87 -11.60 -24.09
CA GLY D 222 -33.69 -10.87 -23.67
C GLY D 222 -33.47 -10.92 -22.17
N PHE D 223 -34.57 -11.03 -21.40
CA PHE D 223 -34.48 -11.11 -19.94
C PHE D 223 -34.26 -12.52 -19.41
N ARG D 224 -34.64 -13.54 -20.19
CA ARG D 224 -34.29 -14.91 -19.84
C ARG D 224 -32.79 -15.12 -19.97
N GLU D 225 -32.21 -14.56 -21.04
CA GLU D 225 -30.78 -14.61 -21.31
C GLU D 225 -30.00 -13.81 -20.29
N TRP D 226 -30.59 -12.71 -19.82
CA TRP D 226 -29.92 -11.74 -18.94
C TRP D 226 -30.06 -12.06 -17.45
N THR D 227 -31.21 -12.60 -17.04
CA THR D 227 -31.42 -13.07 -15.67
C THR D 227 -30.50 -14.26 -15.38
N PHE D 228 -30.35 -15.14 -16.38
CA PHE D 228 -29.50 -16.33 -16.26
C PHE D 228 -28.05 -15.95 -16.02
N ASN D 229 -27.54 -15.00 -16.82
CA ASN D 229 -26.17 -14.52 -16.68
C ASN D 229 -25.97 -13.72 -15.41
N MET D 230 -27.04 -13.06 -14.95
CA MET D 230 -27.04 -12.34 -13.68
C MET D 230 -26.90 -13.32 -12.50
N LEU D 231 -27.55 -14.47 -12.63
CA LEU D 231 -27.49 -15.49 -11.60
C LEU D 231 -26.19 -16.28 -11.58
N THR D 232 -25.60 -16.51 -12.75
CA THR D 232 -24.52 -17.51 -12.87
C THR D 232 -23.11 -16.98 -13.14
N LYS D 233 -22.99 -15.75 -13.64
CA LYS D 233 -21.68 -15.16 -13.91
C LYS D 233 -21.22 -14.20 -12.82
N ASN D 234 -22.09 -13.95 -11.85
CA ASN D 234 -21.75 -13.13 -10.69
C ASN D 234 -21.35 -14.00 -9.50
N TYR D 235 -20.14 -13.79 -8.99
CA TYR D 235 -19.60 -14.60 -7.91
C TYR D 235 -19.25 -13.78 -6.67
N THR D 236 -19.15 -12.47 -6.86
CA THR D 236 -18.87 -11.55 -5.77
C THR D 236 -20.09 -10.68 -5.49
N TRP D 237 -20.37 -10.45 -4.20
CA TRP D 237 -21.51 -9.63 -3.79
C TRP D 237 -21.45 -8.23 -4.39
N GLU D 238 -20.24 -7.66 -4.46
CA GLU D 238 -20.05 -6.32 -5.03
C GLU D 238 -20.62 -6.23 -6.45
N LEU D 239 -20.30 -7.22 -7.28
CA LEU D 239 -20.78 -7.25 -8.66
C LEU D 239 -22.22 -7.78 -8.76
N PHE D 240 -22.72 -8.34 -7.67
CA PHE D 240 -24.09 -8.85 -7.65
C PHE D 240 -25.10 -7.81 -7.15
N SER D 241 -24.77 -7.15 -6.03
CA SER D 241 -25.72 -6.28 -5.33
C SER D 241 -26.08 -4.97 -6.03
N ASN D 242 -25.08 -4.19 -6.45
CA ASN D 242 -25.33 -2.83 -6.93
C ASN D 242 -24.89 -2.51 -8.35
N HIS D 243 -25.58 -1.57 -8.98
CA HIS D 243 -25.33 -1.17 -10.37
C HIS D 243 -24.04 -0.34 -10.62
N GLY D 244 -23.18 -0.23 -9.61
CA GLY D 244 -21.91 0.45 -9.76
C GLY D 244 -21.93 1.93 -9.41
N ALA D 245 -20.74 2.49 -9.21
CA ALA D 245 -20.58 3.91 -8.85
C ALA D 245 -21.29 4.85 -9.80
N VAL D 246 -21.15 4.57 -11.10
CA VAL D 246 -21.89 5.26 -12.16
C VAL D 246 -22.94 4.28 -12.69
N VAL D 247 -24.19 4.74 -12.81
CA VAL D 247 -25.31 3.88 -13.22
C VAL D 247 -25.08 3.21 -14.59
N GLY D 248 -24.46 2.02 -14.56
CA GLY D 248 -24.12 1.28 -15.77
C GLY D 248 -22.77 0.56 -15.72
N ALA D 249 -22.05 0.77 -14.62
CA ALA D 249 -20.72 0.16 -14.41
C ALA D 249 -20.83 -1.36 -14.34
N HIS D 250 -21.71 -1.85 -13.49
CA HIS D 250 -21.95 -3.28 -13.35
C HIS D 250 -23.22 -3.64 -14.10
N ALA D 251 -23.06 -4.00 -15.38
CA ALA D 251 -24.17 -4.26 -16.30
C ALA D 251 -24.89 -5.58 -16.03
N ASN D 252 -24.27 -6.45 -15.23
CA ASN D 252 -24.86 -7.74 -14.91
C ASN D 252 -25.40 -7.90 -13.48
N SER D 253 -25.40 -6.82 -12.71
CA SER D 253 -25.89 -6.86 -11.33
C SER D 253 -27.41 -7.09 -11.25
N LEU D 254 -27.85 -7.60 -10.10
CA LEU D 254 -29.26 -7.83 -9.81
C LEU D 254 -30.07 -6.52 -9.87
N GLU D 255 -29.45 -5.43 -9.40
CA GLU D 255 -30.04 -4.10 -9.43
C GLU D 255 -30.22 -3.59 -10.86
N MET D 256 -29.15 -3.68 -11.66
CA MET D 256 -29.15 -3.18 -13.05
C MET D 256 -30.28 -3.81 -13.87
N VAL D 257 -30.41 -5.13 -13.78
CA VAL D 257 -31.51 -5.84 -14.44
C VAL D 257 -32.84 -5.36 -13.87
N HIS D 258 -32.93 -5.33 -12.54
CA HIS D 258 -34.11 -4.80 -11.83
C HIS D 258 -34.51 -3.38 -12.27
N ASN D 259 -33.52 -2.55 -12.59
CA ASN D 259 -33.75 -1.19 -13.07
C ASN D 259 -34.50 -1.17 -14.41
N THR D 260 -34.08 -2.02 -15.34
CA THR D 260 -34.69 -2.11 -16.67
C THR D 260 -36.14 -2.60 -16.60
N VAL D 261 -36.42 -3.46 -15.63
CA VAL D 261 -37.77 -4.01 -15.42
C VAL D 261 -38.74 -2.90 -15.01
N HIS D 262 -38.27 -2.00 -14.15
CA HIS D 262 -39.04 -0.82 -13.73
C HIS D 262 -39.47 0.01 -14.93
N PHE D 263 -38.59 0.10 -15.93
CA PHE D 263 -38.87 0.86 -17.15
C PHE D 263 -39.80 0.12 -18.13
N LEU D 264 -39.87 -1.21 -18.01
CA LEU D 264 -40.84 -1.99 -18.79
C LEU D 264 -42.27 -1.68 -18.37
N ILE D 265 -42.45 -1.41 -17.08
CA ILE D 265 -43.75 -1.00 -16.55
C ILE D 265 -43.84 0.52 -16.35
N GLY D 266 -42.71 1.21 -16.45
CA GLY D 266 -42.65 2.63 -16.10
C GLY D 266 -42.39 3.67 -17.18
N ARG D 267 -41.52 3.37 -18.13
CA ARG D 267 -41.01 4.39 -19.06
C ARG D 267 -40.82 3.88 -20.48
N ASP D 268 -41.49 4.54 -21.44
CA ASP D 268 -41.31 4.24 -22.86
C ASP D 268 -39.96 4.80 -23.33
N PRO D 269 -39.03 3.92 -23.76
CA PRO D 269 -37.67 4.33 -24.11
C PRO D 269 -37.53 4.99 -25.47
N THR D 270 -38.61 4.98 -26.25
CA THR D 270 -38.62 5.51 -27.62
C THR D 270 -39.04 6.99 -27.69
N LEU D 271 -39.65 7.46 -26.61
CA LEU D 271 -40.21 8.82 -26.54
C LEU D 271 -39.16 9.88 -26.22
N ASP D 272 -39.28 11.02 -26.90
CA ASP D 272 -38.45 12.19 -26.63
C ASP D 272 -39.39 13.38 -26.37
N PRO D 273 -39.39 13.90 -25.13
CA PRO D 273 -38.60 13.45 -23.98
C PRO D 273 -39.27 12.33 -23.19
N LEU D 274 -38.47 11.58 -22.43
CA LEU D 274 -38.95 10.48 -21.60
C LEU D 274 -39.99 10.95 -20.60
N VAL D 275 -41.17 10.33 -20.66
CA VAL D 275 -42.22 10.58 -19.68
C VAL D 275 -42.39 9.35 -18.80
N PRO D 276 -41.64 9.30 -17.68
CA PRO D 276 -41.74 8.13 -16.81
C PRO D 276 -43.01 8.13 -15.95
N GLY D 277 -43.66 6.99 -15.86
CA GLY D 277 -44.74 6.78 -14.89
C GLY D 277 -44.16 6.73 -13.50
N HIS D 278 -44.95 6.29 -12.53
CA HIS D 278 -44.46 6.13 -11.18
C HIS D 278 -43.35 5.09 -11.14
N MET D 279 -43.60 3.92 -11.72
CA MET D 279 -42.62 2.83 -11.72
C MET D 279 -41.26 3.16 -12.36
N GLY D 280 -41.25 4.10 -13.31
CA GLY D 280 -40.03 4.53 -13.99
C GLY D 280 -39.27 5.61 -13.24
N SER D 281 -39.74 5.94 -12.04
CA SER D 281 -39.12 6.99 -11.23
C SER D 281 -38.96 6.56 -9.77
N VAL D 282 -37.71 6.53 -9.32
CA VAL D 282 -37.36 6.07 -7.97
C VAL D 282 -38.26 6.60 -6.85
N PRO D 283 -38.41 7.95 -6.73
CA PRO D 283 -39.18 8.50 -5.61
C PRO D 283 -40.70 8.27 -5.65
N HIS D 284 -41.21 7.70 -6.74
CA HIS D 284 -42.66 7.53 -6.89
C HIS D 284 -43.09 6.06 -7.05
N ALA D 285 -42.12 5.20 -7.35
CA ALA D 285 -42.37 3.82 -7.79
C ALA D 285 -43.10 2.88 -6.80
N ALA D 286 -42.95 3.12 -5.50
CA ALA D 286 -43.50 2.21 -4.49
C ALA D 286 -45.01 2.31 -4.29
N PHE D 287 -45.64 3.29 -4.93
CA PHE D 287 -47.09 3.50 -4.84
C PHE D 287 -47.87 2.62 -5.82
N ASP D 288 -47.19 2.16 -6.87
CA ASP D 288 -47.79 1.27 -7.87
C ASP D 288 -47.76 -0.17 -7.36
N PRO D 289 -48.95 -0.76 -7.06
CA PRO D 289 -49.06 -2.08 -6.40
C PRO D 289 -48.18 -3.19 -7.00
N ILE D 290 -47.81 -3.04 -8.27
CA ILE D 290 -46.95 -4.00 -8.96
C ILE D 290 -45.49 -3.95 -8.45
N PHE D 291 -45.16 -2.88 -7.72
CA PHE D 291 -43.84 -2.74 -7.08
C PHE D 291 -43.52 -3.94 -6.21
N TRP D 292 -44.56 -4.46 -5.56
CA TRP D 292 -44.41 -5.51 -4.56
C TRP D 292 -44.29 -6.91 -5.17
N MET D 293 -44.76 -7.06 -6.40
CA MET D 293 -44.57 -8.30 -7.13
C MET D 293 -43.15 -8.34 -7.66
N HIS D 294 -42.76 -7.27 -8.37
CA HIS D 294 -41.45 -7.14 -8.96
C HIS D 294 -40.35 -7.38 -7.92
N HIS D 295 -40.49 -6.76 -6.75
CA HIS D 295 -39.47 -6.84 -5.70
C HIS D 295 -39.51 -8.15 -4.92
N CYS D 296 -40.63 -8.86 -4.99
CA CYS D 296 -40.72 -10.20 -4.43
C CYS D 296 -39.86 -11.16 -5.27
N ASN D 297 -39.79 -10.90 -6.57
CA ASN D 297 -38.94 -11.66 -7.47
C ASN D 297 -37.48 -11.26 -7.37
N VAL D 298 -37.25 -9.98 -7.08
CA VAL D 298 -35.91 -9.46 -6.77
C VAL D 298 -35.34 -10.21 -5.57
N ASP D 299 -36.16 -10.36 -4.53
CA ASP D 299 -35.78 -11.10 -3.34
C ASP D 299 -35.56 -12.58 -3.65
N ARG D 300 -36.48 -13.17 -4.41
CA ARG D 300 -36.35 -14.56 -4.85
C ARG D 300 -35.00 -14.80 -5.54
N LEU D 301 -34.70 -13.98 -6.55
CA LEU D 301 -33.46 -14.10 -7.32
C LEU D 301 -32.22 -13.94 -6.43
N LEU D 302 -32.38 -13.19 -5.35
CA LEU D 302 -31.32 -13.05 -4.34
C LEU D 302 -31.20 -14.32 -3.50
N ALA D 303 -32.34 -14.89 -3.11
CA ALA D 303 -32.38 -16.14 -2.34
C ALA D 303 -31.83 -17.32 -3.12
N LEU D 304 -32.08 -17.34 -4.44
CA LEU D 304 -31.45 -18.29 -5.33
C LEU D 304 -29.94 -18.14 -5.25
N TRP D 305 -29.44 -16.94 -5.56
CA TRP D 305 -28.00 -16.65 -5.59
C TRP D 305 -27.32 -16.92 -4.25
N GLN D 306 -28.07 -16.69 -3.17
CA GLN D 306 -27.59 -16.99 -1.83
C GLN D 306 -27.33 -18.48 -1.67
N THR D 307 -28.23 -19.31 -2.18
CA THR D 307 -28.10 -20.76 -2.08
C THR D 307 -26.90 -21.27 -2.89
N MET D 308 -26.77 -20.77 -4.12
CA MET D 308 -25.69 -21.20 -5.02
C MET D 308 -24.32 -20.70 -4.57
N ASN D 309 -24.29 -19.42 -4.15
CA ASN D 309 -23.09 -18.85 -3.55
C ASN D 309 -23.31 -18.65 -2.05
N TYR D 310 -23.36 -19.76 -1.33
CA TYR D 310 -23.60 -19.73 0.12
C TYR D 310 -22.36 -19.26 0.89
N ASP D 311 -22.61 -18.63 2.04
CA ASP D 311 -21.57 -18.02 2.88
C ASP D 311 -20.80 -16.92 2.13
N VAL D 312 -21.49 -16.28 1.20
CA VAL D 312 -20.99 -15.09 0.51
C VAL D 312 -22.09 -14.04 0.63
N TYR D 313 -21.77 -12.96 1.34
CA TYR D 313 -22.77 -11.95 1.67
C TYR D 313 -22.21 -10.54 1.50
N VAL D 314 -22.89 -9.55 2.07
CA VAL D 314 -22.52 -8.14 1.96
C VAL D 314 -21.03 -7.92 2.20
N SER D 315 -20.37 -7.28 1.24
CA SER D 315 -19.00 -6.81 1.43
C SER D 315 -19.00 -5.31 1.77
N GLU D 316 -17.84 -4.77 2.11
CA GLU D 316 -17.76 -3.34 2.45
C GLU D 316 -17.76 -2.46 1.21
N GLY D 317 -18.72 -1.52 1.17
CA GLY D 317 -18.84 -0.57 0.07
C GLY D 317 -19.12 0.84 0.56
N MET D 318 -18.99 1.81 -0.35
CA MET D 318 -19.20 3.22 -0.01
C MET D 318 -20.67 3.61 -0.12
N ASN D 319 -21.02 4.67 0.61
CA ASN D 319 -22.32 5.31 0.48
C ASN D 319 -22.15 6.74 -0.02
N ARG D 320 -22.37 6.94 -1.32
CA ARG D 320 -22.13 8.24 -1.92
C ARG D 320 -23.31 9.20 -1.78
N GLU D 321 -24.50 8.75 -2.15
CA GLU D 321 -25.70 9.55 -1.93
C GLU D 321 -26.23 9.34 -0.51
N ALA D 322 -26.65 10.44 0.12
CA ALA D 322 -27.21 10.39 1.46
C ALA D 322 -28.68 9.99 1.41
N THR D 323 -29.05 9.02 2.24
CA THR D 323 -30.46 8.63 2.39
C THR D 323 -30.93 8.92 3.82
N MET D 324 -32.19 8.63 4.11
CA MET D 324 -32.82 9.03 5.39
C MET D 324 -32.40 8.20 6.61
N GLY D 325 -31.35 7.40 6.47
CA GLY D 325 -30.79 6.66 7.61
C GLY D 325 -29.28 6.53 7.59
N LEU D 326 -28.66 6.92 6.47
CA LEU D 326 -27.23 6.70 6.25
C LEU D 326 -26.47 7.99 5.92
N ILE D 327 -25.37 8.21 6.64
CA ILE D 327 -24.52 9.40 6.48
C ILE D 327 -23.80 9.36 5.12
N PRO D 328 -23.85 10.48 4.37
CA PRO D 328 -23.11 10.55 3.11
C PRO D 328 -21.61 10.42 3.34
N GLY D 329 -21.02 9.34 2.83
CA GLY D 329 -19.58 9.13 2.97
C GLY D 329 -19.17 8.02 3.91
N GLN D 330 -20.14 7.44 4.62
CA GLN D 330 -19.87 6.32 5.52
C GLN D 330 -19.64 5.01 4.77
N VAL D 331 -18.99 4.07 5.42
CA VAL D 331 -18.82 2.72 4.90
C VAL D 331 -20.00 1.86 5.33
N LEU D 332 -20.52 1.05 4.41
CA LEU D 332 -21.62 0.14 4.73
C LEU D 332 -21.13 -1.30 4.84
N THR D 333 -21.56 -1.98 5.91
CA THR D 333 -21.22 -3.37 6.18
C THR D 333 -22.49 -4.18 6.46
N GLU D 334 -22.33 -5.43 6.88
CA GLU D 334 -23.46 -6.29 7.24
C GLU D 334 -24.22 -5.75 8.48
N ASP D 335 -23.51 -4.94 9.27
CA ASP D 335 -24.01 -4.42 10.54
C ASP D 335 -24.65 -3.03 10.39
N SER D 336 -24.68 -2.52 9.17
CA SER D 336 -25.27 -1.22 8.88
C SER D 336 -26.80 -1.23 9.00
N PRO D 337 -27.37 -0.19 9.65
CA PRO D 337 -28.80 -0.17 9.96
C PRO D 337 -29.66 0.03 8.72
N LEU D 338 -30.80 -0.66 8.67
CA LEU D 338 -31.73 -0.53 7.56
C LEU D 338 -32.95 0.27 8.00
N GLU D 339 -32.85 1.59 7.93
CA GLU D 339 -33.90 2.49 8.41
C GLU D 339 -35.08 2.49 7.43
N PRO D 340 -36.33 2.60 7.95
CA PRO D 340 -36.73 2.77 9.35
C PRO D 340 -37.27 1.48 9.96
N PHE D 341 -36.73 0.34 9.51
CA PHE D 341 -37.18 -0.97 9.98
C PHE D 341 -36.42 -1.39 11.26
N TYR D 342 -37.18 -1.72 12.29
CA TYR D 342 -36.68 -2.03 13.62
C TYR D 342 -37.22 -3.38 14.12
N THR D 343 -36.46 -4.06 14.98
CA THR D 343 -36.89 -5.35 15.53
C THR D 343 -37.83 -5.18 16.72
N LYS D 344 -38.53 -6.25 17.08
CA LYS D 344 -39.41 -6.26 18.27
C LYS D 344 -38.66 -5.87 19.54
N ASN D 345 -37.33 -5.88 19.46
CA ASN D 345 -36.47 -5.43 20.56
C ASN D 345 -35.95 -4.01 20.38
N GLN D 346 -36.54 -3.28 19.42
CA GLN D 346 -36.20 -1.87 19.15
C GLN D 346 -34.73 -1.65 18.71
N ASP D 347 -34.16 -2.68 18.08
CA ASP D 347 -32.85 -2.63 17.43
C ASP D 347 -33.06 -2.40 15.94
N PRO D 348 -32.24 -1.52 15.32
CA PRO D 348 -32.38 -1.31 13.88
C PRO D 348 -31.98 -2.55 13.09
N TRP D 349 -32.90 -3.06 12.26
CA TRP D 349 -32.64 -4.24 11.43
C TRP D 349 -31.33 -4.11 10.65
N GLN D 350 -30.68 -5.24 10.44
CA GLN D 350 -29.39 -5.28 9.75
C GLN D 350 -29.40 -6.32 8.63
N SER D 351 -28.51 -6.15 7.67
CA SER D 351 -28.39 -7.09 6.55
C SER D 351 -28.01 -8.46 7.09
N ASP D 352 -27.06 -8.46 8.03
CA ASP D 352 -26.65 -9.61 8.82
C ASP D 352 -27.85 -10.37 9.42
N ASP D 353 -28.83 -9.62 9.94
CA ASP D 353 -29.99 -10.20 10.63
C ASP D 353 -30.96 -10.94 9.70
N LEU D 354 -31.07 -10.47 8.46
CA LEU D 354 -31.99 -11.07 7.49
C LEU D 354 -31.29 -11.89 6.40
N GLU D 355 -30.12 -12.44 6.71
CA GLU D 355 -29.39 -13.31 5.79
C GLU D 355 -30.21 -14.57 5.48
N ASP D 356 -30.76 -15.20 6.50
CA ASP D 356 -31.71 -16.29 6.34
C ASP D 356 -33.13 -15.73 6.18
N TRP D 357 -33.61 -15.72 4.95
CA TRP D 357 -34.92 -15.15 4.62
C TRP D 357 -36.07 -15.79 5.40
N GLU D 358 -35.91 -17.04 5.78
CA GLU D 358 -36.95 -17.81 6.46
C GLU D 358 -37.22 -17.29 7.87
N THR D 359 -36.28 -16.55 8.43
CA THR D 359 -36.44 -15.96 9.75
C THR D 359 -37.53 -14.88 9.75
N LEU D 360 -37.89 -14.40 8.56
CA LEU D 360 -38.95 -13.40 8.38
C LEU D 360 -40.31 -14.04 8.15
N GLY D 361 -40.30 -15.34 7.87
CA GLY D 361 -41.54 -16.12 7.73
C GLY D 361 -41.99 -16.40 6.30
N PHE D 362 -41.02 -16.49 5.38
CA PHE D 362 -41.34 -16.83 4.00
C PHE D 362 -40.26 -17.66 3.32
N SER D 363 -40.69 -18.42 2.30
CA SER D 363 -39.79 -19.14 1.42
C SER D 363 -40.32 -19.06 -0.02
N TYR D 364 -39.69 -19.80 -0.93
CA TYR D 364 -40.09 -19.84 -2.32
C TYR D 364 -40.23 -21.29 -2.81
N PRO D 365 -41.09 -21.55 -3.82
CA PRO D 365 -41.34 -22.93 -4.23
C PRO D 365 -40.09 -23.65 -4.75
N ASP D 366 -39.14 -22.89 -5.27
CA ASP D 366 -37.86 -23.42 -5.76
C ASP D 366 -37.12 -24.20 -4.68
N PHE D 367 -37.39 -23.87 -3.43
CA PHE D 367 -36.65 -24.42 -2.29
C PHE D 367 -37.37 -25.57 -1.60
N ASP D 368 -38.48 -26.01 -2.19
CA ASP D 368 -39.24 -27.16 -1.65
C ASP D 368 -38.44 -28.46 -1.66
N PRO D 369 -37.91 -28.88 -2.84
CA PRO D 369 -37.28 -30.20 -2.96
C PRO D 369 -35.96 -30.37 -2.21
N VAL D 370 -35.41 -29.30 -1.65
CA VAL D 370 -34.16 -29.39 -0.88
C VAL D 370 -34.25 -28.89 0.56
N LYS D 371 -35.47 -28.81 1.08
CA LYS D 371 -35.71 -28.51 2.49
C LYS D 371 -34.95 -29.52 3.35
N GLY D 372 -34.06 -29.03 4.19
CA GLY D 372 -33.32 -29.88 5.12
C GLY D 372 -31.97 -30.34 4.64
N LYS D 373 -31.72 -30.24 3.34
CA LYS D 373 -30.45 -30.67 2.75
C LYS D 373 -29.32 -29.67 2.98
N SER D 374 -28.08 -30.12 2.78
CA SER D 374 -26.88 -29.31 3.09
C SER D 374 -26.67 -28.15 2.12
N LYS D 375 -25.83 -27.20 2.51
CA LYS D 375 -25.49 -26.04 1.68
C LYS D 375 -24.85 -26.46 0.35
N GLU D 376 -24.18 -27.61 0.37
CA GLU D 376 -23.65 -28.23 -0.85
C GLU D 376 -24.77 -28.87 -1.69
N GLU D 377 -25.67 -29.60 -1.04
CA GLU D 377 -26.80 -30.24 -1.72
C GLU D 377 -27.81 -29.23 -2.27
N LYS D 378 -28.00 -28.13 -1.55
CA LYS D 378 -28.85 -27.03 -2.00
C LYS D 378 -28.23 -26.28 -3.18
N SER D 379 -26.91 -26.10 -3.14
CA SER D 379 -26.16 -25.39 -4.18
C SER D 379 -26.18 -26.14 -5.52
N VAL D 380 -25.96 -27.44 -5.48
CA VAL D 380 -25.96 -28.26 -6.69
C VAL D 380 -27.35 -28.23 -7.31
N TYR D 381 -28.35 -28.64 -6.52
CA TYR D 381 -29.73 -28.75 -7.00
C TYR D 381 -30.23 -27.49 -7.69
N ILE D 382 -30.16 -26.36 -6.98
CA ILE D 382 -30.62 -25.07 -7.49
C ILE D 382 -29.86 -24.62 -8.74
N ASN D 383 -28.57 -24.96 -8.83
CA ASN D 383 -27.79 -24.67 -10.03
C ASN D 383 -28.25 -25.49 -11.23
N ASP D 384 -28.71 -26.71 -10.99
CA ASP D 384 -29.33 -27.52 -12.03
C ASP D 384 -30.72 -26.98 -12.36
N TRP D 385 -31.45 -26.58 -11.32
CA TRP D 385 -32.79 -26.00 -11.44
C TRP D 385 -32.81 -24.71 -12.25
N VAL D 386 -31.80 -23.87 -12.02
CA VAL D 386 -31.66 -22.62 -12.75
C VAL D 386 -31.30 -22.88 -14.22
N HIS D 387 -30.45 -23.88 -14.46
CA HIS D 387 -30.09 -24.27 -15.82
C HIS D 387 -31.27 -24.87 -16.59
N LYS D 388 -32.17 -25.54 -15.87
CA LYS D 388 -33.36 -26.16 -16.47
C LYS D 388 -34.44 -25.13 -16.79
N HIS D 389 -34.47 -24.05 -16.00
CA HIS D 389 -35.54 -23.06 -16.02
C HIS D 389 -35.15 -21.76 -16.75
N TYR D 390 -33.85 -21.45 -16.75
CA TYR D 390 -33.33 -20.25 -17.42
C TYR D 390 -32.23 -20.55 -18.46
N GLY D 391 -32.18 -21.80 -18.94
CA GLY D 391 -31.19 -22.20 -19.94
C GLY D 391 -31.58 -23.45 -20.70
N LEU E 9 5.25 -3.79 -9.79
CA LEU E 9 6.57 -3.15 -10.11
C LEU E 9 7.37 -2.82 -8.84
N ASP E 10 6.69 -2.84 -7.69
CA ASP E 10 7.30 -2.53 -6.40
C ASP E 10 8.39 -3.52 -6.01
N LEU E 11 9.49 -3.00 -5.47
CA LEU E 11 10.60 -3.81 -4.98
C LEU E 11 10.13 -4.74 -3.86
N PRO E 12 10.62 -6.00 -3.85
CA PRO E 12 10.23 -6.94 -2.80
C PRO E 12 11.05 -6.79 -1.52
N GLY E 13 12.24 -6.21 -1.62
CA GLY E 13 13.19 -6.19 -0.52
C GLY E 13 13.82 -7.55 -0.37
N THR E 14 14.27 -7.86 0.85
CA THR E 14 14.94 -9.14 1.12
C THR E 14 14.55 -9.73 2.47
N ARG E 15 14.84 -11.01 2.67
CA ARG E 15 14.72 -11.63 3.98
C ARG E 15 16.10 -11.73 4.63
N ILE E 16 16.21 -11.26 5.86
CA ILE E 16 17.45 -11.44 6.63
C ILE E 16 17.33 -12.71 7.45
N LEU E 17 18.08 -13.73 7.05
CA LEU E 17 17.99 -15.06 7.65
C LEU E 17 19.12 -15.38 8.62
N ASN E 18 18.83 -16.27 9.56
CA ASN E 18 19.84 -16.90 10.41
C ASN E 18 19.56 -18.41 10.43
N GLY E 19 20.34 -19.15 9.66
CA GLY E 19 20.01 -20.53 9.35
C GLY E 19 18.73 -20.52 8.54
N ALA E 20 17.64 -20.96 9.17
CA ALA E 20 16.33 -21.03 8.52
C ALA E 20 15.39 -19.94 9.04
N ASN E 21 15.57 -19.56 10.31
CA ASN E 21 14.80 -18.49 10.93
C ASN E 21 15.05 -17.14 10.26
N TRP E 22 13.97 -16.46 9.90
CA TRP E 22 14.05 -15.12 9.29
C TRP E 22 13.75 -14.00 10.28
N ALA E 23 14.29 -12.81 10.01
CA ALA E 23 14.14 -11.64 10.85
C ALA E 23 12.79 -10.95 10.63
N ASN E 24 12.14 -10.56 11.72
CA ASN E 24 10.94 -9.73 11.66
C ASN E 24 10.79 -8.72 12.81
N ASN E 25 10.03 -7.66 12.53
CA ASN E 25 9.84 -6.55 13.46
C ASN E 25 8.44 -5.96 13.32
N SER E 26 7.81 -5.69 14.46
CA SER E 26 6.47 -5.09 14.50
C SER E 26 6.53 -3.65 14.99
N ALA E 27 5.48 -2.88 14.68
CA ALA E 27 5.41 -1.45 15.03
C ALA E 27 5.18 -1.21 16.52
N THR E 28 5.34 0.05 16.92
CA THR E 28 5.18 0.59 18.30
C THR E 28 6.52 1.06 18.86
N SER E 35 11.33 3.65 23.58
CA SER E 35 10.58 2.65 22.80
C SER E 35 11.53 1.72 22.04
N GLY E 36 11.33 1.58 20.73
CA GLY E 36 12.15 0.71 19.89
C GLY E 36 11.80 -0.76 20.05
N THR E 37 11.14 -1.33 19.04
CA THR E 37 10.67 -2.73 19.10
C THR E 37 11.76 -3.74 18.79
N LEU E 38 11.60 -4.95 19.32
CA LEU E 38 12.57 -6.03 19.15
C LEU E 38 12.55 -6.60 17.74
N ILE E 39 13.70 -7.08 17.28
CA ILE E 39 13.81 -7.74 15.99
C ILE E 39 13.83 -9.26 16.22
N ILE E 40 12.65 -9.88 16.12
CA ILE E 40 12.47 -11.30 16.40
C ILE E 40 12.91 -12.19 15.24
N PHE E 41 13.75 -13.18 15.53
CA PHE E 41 14.18 -14.18 14.54
C PHE E 41 13.46 -15.51 14.74
N ASP E 42 12.43 -15.76 13.94
CA ASP E 42 11.69 -17.02 14.01
C ASP E 42 11.17 -17.46 12.64
N GLN E 43 10.13 -18.28 12.64
CA GLN E 43 9.52 -18.76 11.40
C GLN E 43 7.99 -18.57 11.36
N SER E 44 7.56 -17.38 11.77
CA SER E 44 6.17 -16.94 11.66
C SER E 44 6.10 -15.41 11.61
N THR E 45 5.63 -14.90 10.47
CA THR E 45 5.58 -13.46 10.22
C THR E 45 4.38 -12.85 10.94
N PRO E 46 4.61 -11.78 11.75
CA PRO E 46 3.53 -11.17 12.53
C PRO E 46 2.53 -10.42 11.65
N GLY E 47 3.02 -9.44 10.90
CA GLY E 47 2.18 -8.66 9.99
C GLY E 47 2.73 -8.56 8.59
N GLN E 48 1.96 -7.90 7.71
CA GLN E 48 2.35 -7.69 6.32
C GLN E 48 3.72 -7.02 6.20
N ASP E 49 4.58 -7.63 5.37
CA ASP E 49 5.93 -7.12 5.06
C ASP E 49 6.87 -6.98 6.26
N ALA E 50 6.51 -7.63 7.37
CA ALA E 50 7.33 -7.60 8.57
C ALA E 50 8.64 -8.34 8.38
N ASP E 51 8.71 -9.18 7.34
CA ASP E 51 9.87 -10.03 7.08
C ASP E 51 10.72 -9.56 5.91
N ARG E 52 10.35 -8.43 5.30
CA ARG E 52 11.08 -7.90 4.15
C ARG E 52 11.85 -6.63 4.53
N TRP E 53 13.12 -6.60 4.13
CA TRP E 53 14.02 -5.52 4.48
C TRP E 53 14.60 -4.86 3.24
N LEU E 54 14.85 -3.56 3.32
CA LEU E 54 15.49 -2.82 2.22
C LEU E 54 16.86 -2.32 2.65
N ILE E 55 17.90 -2.84 2.02
CA ILE E 55 19.27 -2.45 2.38
C ILE E 55 19.88 -1.56 1.28
N HIS E 56 19.86 -0.25 1.52
CA HIS E 56 20.57 0.70 0.67
C HIS E 56 21.97 0.93 1.24
N ASN E 57 22.92 1.29 0.38
CA ASN E 57 24.22 1.79 0.84
C ASN E 57 24.04 3.14 1.52
N TYR E 58 24.73 3.33 2.64
CA TYR E 58 24.69 4.60 3.37
C TYR E 58 26.11 5.02 3.71
N LEU E 59 26.56 6.12 3.09
CA LEU E 59 27.93 6.61 3.26
C LEU E 59 28.97 5.57 2.87
N ASP E 60 29.63 4.97 3.86
CA ASP E 60 30.55 3.85 3.60
C ASP E 60 30.07 2.55 4.26
N GLY E 61 28.78 2.53 4.61
CA GLY E 61 28.12 1.35 5.18
C GLY E 61 26.75 1.15 4.58
N TYR E 62 25.84 0.59 5.38
CA TYR E 62 24.49 0.26 4.93
C TYR E 62 23.44 0.61 5.98
N LYS E 63 22.27 1.06 5.54
CA LYS E 63 21.10 1.25 6.41
C LYS E 63 20.06 0.15 6.15
N ILE E 64 19.34 -0.26 7.19
CA ILE E 64 18.41 -1.38 7.08
C ILE E 64 16.99 -0.98 7.53
N PHE E 65 16.03 -1.15 6.63
CA PHE E 65 14.66 -0.65 6.79
C PHE E 65 13.63 -1.78 6.67
N ASN E 66 12.69 -1.84 7.61
CA ASN E 66 11.61 -2.83 7.56
C ASN E 66 10.37 -2.32 6.82
N MET E 67 10.00 -3.02 5.75
CA MET E 67 8.86 -2.62 4.91
C MET E 67 7.52 -2.71 5.64
N GLY E 68 7.46 -3.57 6.66
CA GLY E 68 6.24 -3.81 7.42
C GLY E 68 5.94 -2.78 8.49
N SER E 69 6.95 -2.44 9.29
CA SER E 69 6.76 -1.50 10.40
C SER E 69 7.34 -0.12 10.14
N ASN E 70 8.07 0.02 9.03
CA ASN E 70 8.83 1.24 8.69
C ASN E 70 9.88 1.63 9.73
N ASN E 71 10.43 0.61 10.40
CA ASN E 71 11.46 0.81 11.42
C ASN E 71 12.88 0.52 10.95
N TRP E 72 13.83 1.31 11.45
CA TRP E 72 15.24 1.15 11.12
C TRP E 72 15.94 0.31 12.20
N ALA E 73 16.78 -0.62 11.77
CA ALA E 73 17.61 -1.38 12.69
C ALA E 73 18.66 -0.45 13.31
N SER E 74 18.60 -0.30 14.63
CA SER E 74 19.41 0.68 15.36
C SER E 74 20.19 0.08 16.53
N VAL E 75 21.37 0.64 16.80
CA VAL E 75 22.10 0.32 18.03
C VAL E 75 21.35 1.00 19.17
N SER E 76 20.95 0.22 20.16
CA SER E 76 20.17 0.76 21.26
C SER E 76 20.93 0.63 22.58
N ARG E 77 20.80 1.66 23.41
CA ARG E 77 21.42 1.72 24.72
C ARG E 77 21.14 0.42 25.49
N GLY E 78 22.16 -0.42 25.62
CA GLY E 78 22.02 -1.73 26.25
C GLY E 78 22.39 -2.88 25.32
N ASN E 79 23.27 -2.60 24.36
CA ASN E 79 23.86 -3.61 23.45
C ASN E 79 22.86 -4.54 22.72
N THR E 80 21.67 -4.03 22.42
CA THR E 80 20.67 -4.77 21.63
C THR E 80 20.34 -4.03 20.34
N VAL E 81 19.87 -4.78 19.34
CA VAL E 81 19.46 -4.19 18.06
C VAL E 81 17.94 -4.09 17.96
N LEU E 82 17.43 -2.87 18.07
CA LEU E 82 15.99 -2.60 18.02
C LEU E 82 15.61 -1.81 16.78
N GLY E 83 14.33 -1.86 16.42
CA GLY E 83 13.77 -1.05 15.35
C GLY E 83 13.31 0.30 15.86
N VAL E 84 13.69 1.37 15.16
CA VAL E 84 13.32 2.73 15.54
C VAL E 84 12.57 3.45 14.42
N SER E 85 11.70 4.39 14.79
CA SER E 85 10.84 5.09 13.84
C SER E 85 11.55 6.16 13.02
N GLU E 86 12.39 6.95 13.70
CA GLU E 86 13.10 8.07 13.06
C GLU E 86 14.55 7.68 12.74
N PHE E 87 14.98 7.94 11.52
CA PHE E 87 16.35 7.61 11.12
C PHE E 87 17.37 8.45 11.88
N ASP E 88 18.38 7.77 12.39
CA ASP E 88 19.47 8.38 13.16
C ASP E 88 20.80 7.78 12.70
N GLY E 89 21.64 8.60 12.08
CA GLY E 89 22.88 8.15 11.44
C GLY E 89 23.97 7.63 12.36
N GLN E 90 23.91 7.99 13.64
CA GLN E 90 24.90 7.55 14.62
C GLN E 90 24.68 6.11 15.06
N THR E 91 23.45 5.62 14.87
CA THR E 91 23.06 4.29 15.35
C THR E 91 22.42 3.41 14.28
N CYS E 92 22.18 3.98 13.09
CA CYS E 92 21.47 3.26 12.03
C CYS E 92 22.32 2.81 10.83
N LYS E 93 23.59 3.17 10.83
CA LYS E 93 24.55 2.67 9.82
C LYS E 93 25.15 1.31 10.24
N TRP E 94 25.36 0.43 9.26
CA TRP E 94 25.91 -0.91 9.51
C TRP E 94 26.99 -1.28 8.49
N SER E 95 27.90 -2.16 8.91
CA SER E 95 28.83 -2.80 7.98
C SER E 95 28.34 -4.22 7.70
N ILE E 96 28.49 -4.67 6.46
CA ILE E 96 28.15 -6.06 6.12
C ILE E 96 29.35 -6.76 5.48
N GLU E 97 30.09 -7.49 6.31
CA GLU E 97 31.30 -8.19 5.90
C GLU E 97 31.05 -9.69 5.70
N TYR E 98 31.67 -10.25 4.66
CA TYR E 98 31.57 -11.67 4.37
C TYR E 98 32.31 -12.51 5.43
N SER E 99 31.72 -13.65 5.78
CA SER E 99 32.22 -14.48 6.88
C SER E 99 33.38 -15.41 6.49
N GLY E 100 33.40 -15.81 5.22
CA GLY E 100 34.46 -16.66 4.69
C GLY E 100 33.96 -18.00 4.18
N ASN E 101 32.70 -18.32 4.50
CA ASN E 101 32.09 -19.59 4.08
C ASN E 101 30.60 -19.47 3.74
N GLY E 102 30.21 -20.12 2.65
CA GLY E 102 28.82 -20.10 2.18
C GLY E 102 28.37 -18.73 1.70
N GLU E 103 27.08 -18.44 1.91
CA GLU E 103 26.56 -17.10 1.66
C GLU E 103 26.21 -16.42 2.96
N GLU E 104 27.12 -16.53 3.93
CA GLU E 104 26.89 -15.99 5.27
C GLU E 104 27.71 -14.73 5.54
N PHE E 105 27.10 -13.78 6.25
CA PHE E 105 27.67 -12.44 6.45
C PHE E 105 27.59 -11.99 7.91
N TRP E 106 28.48 -11.09 8.30
CA TRP E 106 28.40 -10.44 9.60
C TRP E 106 27.87 -9.04 9.43
N ILE E 107 26.82 -8.70 10.16
CA ILE E 107 26.35 -7.31 10.25
C ILE E 107 27.09 -6.69 11.43
N ARG E 108 27.71 -5.54 11.19
CA ARG E 108 28.70 -5.01 12.13
C ARG E 108 28.47 -3.54 12.48
N VAL E 109 28.62 -3.21 13.76
CA VAL E 109 28.61 -1.82 14.20
C VAL E 109 29.89 -1.16 13.67
N PRO E 110 29.75 -0.14 12.81
CA PRO E 110 30.93 0.52 12.26
C PRO E 110 31.71 1.15 13.40
N ARG E 111 32.96 0.74 13.54
CA ARG E 111 33.82 1.22 14.61
C ARG E 111 35.13 1.76 14.04
N GLU E 112 35.75 2.70 14.76
CA GLU E 112 37.01 3.30 14.37
C GLU E 112 38.06 2.26 13.97
N GLY E 113 38.22 2.09 12.65
CA GLY E 113 39.24 1.18 12.11
C GLY E 113 38.85 -0.28 12.06
N GLY E 114 37.67 -0.59 12.60
CA GLY E 114 37.15 -1.96 12.63
C GLY E 114 37.20 -2.58 14.01
N GLY E 115 36.61 -3.76 14.14
CA GLY E 115 36.59 -4.50 15.40
C GLY E 115 35.28 -4.39 16.16
N GLY E 116 34.32 -3.70 15.56
CA GLY E 116 33.01 -3.45 16.20
C GLY E 116 32.17 -4.68 16.44
N ALA E 117 31.25 -4.57 17.40
CA ALA E 117 30.37 -5.67 17.80
C ALA E 117 29.46 -6.10 16.65
N VAL E 118 29.18 -7.40 16.59
CA VAL E 118 28.37 -7.95 15.49
C VAL E 118 27.04 -8.53 15.97
N TRP E 119 26.06 -8.55 15.06
CA TRP E 119 24.73 -9.13 15.32
C TRP E 119 24.84 -10.56 15.83
N THR E 120 24.07 -10.85 16.88
CA THR E 120 24.07 -12.17 17.49
C THR E 120 22.63 -12.63 17.73
N ILE E 121 22.28 -13.78 17.18
CA ILE E 121 20.91 -14.31 17.31
C ILE E 121 20.84 -15.39 18.40
N LYS E 122 20.49 -14.94 19.60
CA LYS E 122 20.35 -15.80 20.78
C LYS E 122 19.21 -15.25 21.65
N PRO E 123 18.54 -16.12 22.43
CA PRO E 123 17.47 -15.64 23.32
C PRO E 123 18.00 -14.75 24.44
N ALA E 124 17.10 -13.99 25.07
CA ALA E 124 17.47 -13.00 26.09
C ALA E 124 17.93 -13.63 27.41
N SER E 125 17.06 -14.47 27.98
CA SER E 125 17.36 -15.21 29.20
C SER E 125 16.84 -16.64 29.10
N SER E 126 16.96 -17.20 27.89
CA SER E 126 16.48 -18.55 27.53
C SER E 126 14.95 -18.68 27.48
N GLN E 127 14.49 -19.78 26.89
CA GLN E 127 13.06 -20.01 26.59
C GLN E 127 12.47 -18.97 25.62
N GLY E 128 13.34 -18.28 24.88
CA GLY E 128 12.95 -17.33 23.84
C GLY E 128 12.27 -16.06 24.32
N PRO E 129 11.87 -15.17 23.39
CA PRO E 129 12.08 -15.27 21.94
C PRO E 129 13.50 -14.93 21.52
N THR E 130 13.95 -15.52 20.42
CA THR E 130 15.32 -15.34 19.91
C THR E 130 15.47 -14.02 19.17
N THR E 131 15.95 -13.00 19.86
CA THR E 131 16.11 -11.66 19.29
C THR E 131 17.57 -11.36 18.93
N VAL E 132 17.84 -10.14 18.48
CA VAL E 132 19.20 -9.73 18.10
C VAL E 132 19.92 -9.00 19.25
N PHE E 133 21.16 -9.38 19.48
CA PHE E 133 22.00 -8.74 20.49
C PHE E 133 23.33 -8.30 19.88
N LEU E 134 24.22 -7.76 20.71
CA LEU E 134 25.54 -7.33 20.26
C LEU E 134 26.65 -7.83 21.18
N ASP E 135 27.46 -8.75 20.67
CA ASP E 135 28.64 -9.26 21.36
C ASP E 135 29.85 -9.16 20.45
N LEU E 136 31.03 -9.46 20.98
CA LEU E 136 32.24 -9.50 20.16
C LEU E 136 32.14 -10.66 19.16
N LEU E 137 32.71 -10.43 17.97
CA LEU E 137 32.68 -11.41 16.90
C LEU E 137 33.42 -12.69 17.27
N LYS E 138 32.75 -13.82 17.12
CA LYS E 138 33.40 -15.12 17.22
C LYS E 138 33.21 -15.84 15.89
N GLU E 139 34.28 -15.87 15.09
CA GLU E 139 34.24 -16.37 13.71
C GLU E 139 33.63 -17.76 13.55
N THR E 140 33.57 -18.52 14.64
CA THR E 140 33.00 -19.87 14.61
C THR E 140 31.54 -19.93 15.03
N ASP E 141 31.09 -18.89 15.74
CA ASP E 141 29.72 -18.82 16.29
C ASP E 141 28.64 -18.79 15.19
N PRO E 142 27.84 -19.88 15.09
CA PRO E 142 26.78 -19.95 14.08
C PRO E 142 25.69 -18.91 14.31
N ASN E 143 25.49 -18.51 15.56
CA ASN E 143 24.47 -17.52 15.90
C ASN E 143 24.76 -16.10 15.37
N GLN E 144 25.88 -15.93 14.68
CA GLN E 144 26.25 -14.64 14.13
C GLN E 144 26.20 -14.58 12.60
N ARG E 145 26.06 -15.76 11.97
CA ARG E 145 26.07 -15.88 10.52
C ARG E 145 24.74 -15.45 9.91
N ILE E 146 24.81 -14.55 8.91
CA ILE E 146 23.61 -13.96 8.30
C ILE E 146 23.61 -14.15 6.79
N LYS E 147 22.53 -14.74 6.27
CA LYS E 147 22.34 -14.85 4.84
C LYS E 147 21.09 -14.10 4.40
N PHE E 148 21.13 -13.58 3.17
CA PHE E 148 20.04 -12.81 2.61
C PHE E 148 19.36 -13.54 1.46
N ALA E 149 18.04 -13.45 1.39
CA ALA E 149 17.28 -14.06 0.31
C ALA E 149 16.17 -13.14 -0.16
N VAL E 150 16.19 -12.82 -1.45
CA VAL E 150 15.16 -12.00 -2.07
C VAL E 150 13.97 -12.89 -2.44
N LEU F 9 4.89 9.69 5.40
CA LEU F 9 5.98 10.38 4.66
C LEU F 9 5.77 10.31 3.13
N ASP F 10 4.87 9.44 2.69
CA ASP F 10 4.60 9.21 1.27
C ASP F 10 3.91 10.39 0.58
N LEU F 11 4.19 10.56 -0.72
CA LEU F 11 3.71 11.70 -1.51
C LEU F 11 2.21 11.64 -1.74
N PRO F 12 1.50 12.77 -1.50
CA PRO F 12 0.06 12.83 -1.66
C PRO F 12 -0.39 12.90 -3.11
N GLY F 13 0.49 13.35 -4.00
CA GLY F 13 0.13 13.56 -5.40
C GLY F 13 -0.76 14.79 -5.53
N THR F 14 -1.49 14.88 -6.64
CA THR F 14 -2.38 16.02 -6.86
C THR F 14 -3.72 15.64 -7.48
N ARG F 15 -4.71 16.50 -7.28
CA ARG F 15 -5.97 16.41 -8.00
C ARG F 15 -5.88 17.25 -9.26
N ILE F 16 -6.33 16.68 -10.37
CA ILE F 16 -6.44 17.44 -11.61
C ILE F 16 -7.89 17.87 -11.74
N LEU F 17 -8.12 19.16 -11.54
CA LEU F 17 -9.46 19.71 -11.48
C LEU F 17 -9.86 20.43 -12.77
N ASN F 18 -11.14 20.34 -13.12
CA ASN F 18 -11.76 21.23 -14.09
C ASN F 18 -13.00 21.81 -13.46
N GLY F 19 -12.88 23.04 -12.96
CA GLY F 19 -13.94 23.66 -12.18
C GLY F 19 -14.04 22.99 -10.83
N ALA F 20 -15.22 22.48 -10.51
CA ALA F 20 -15.47 21.80 -9.24
C ALA F 20 -15.20 20.30 -9.34
N ASN F 21 -15.20 19.78 -10.57
CA ASN F 21 -14.99 18.36 -10.83
C ASN F 21 -13.50 17.99 -10.80
N TRP F 22 -13.21 16.74 -10.43
CA TRP F 22 -11.84 16.23 -10.44
C TRP F 22 -11.69 14.97 -11.30
N ALA F 23 -10.48 14.76 -11.83
CA ALA F 23 -10.17 13.61 -12.69
C ALA F 23 -10.01 12.28 -11.94
N ASN F 24 -10.66 11.25 -12.47
CA ASN F 24 -10.64 9.91 -11.88
C ASN F 24 -10.38 8.87 -12.96
N ASN F 25 -9.48 7.92 -12.68
CA ASN F 25 -9.20 6.83 -13.61
C ASN F 25 -9.11 5.45 -12.95
N SER F 26 -9.84 4.51 -13.52
CA SER F 26 -9.87 3.12 -13.02
C SER F 26 -9.20 2.17 -13.99
N ALA F 27 -8.68 1.05 -13.48
CA ALA F 27 -7.97 0.07 -14.30
C ALA F 27 -8.90 -0.98 -14.91
N THR F 28 -8.56 -1.40 -16.14
CA THR F 28 -9.20 -2.53 -16.85
C THR F 28 -8.51 -2.72 -18.20
N SER F 35 -7.71 -1.85 -24.63
CA SER F 35 -6.84 -1.11 -23.74
C SER F 35 -7.23 0.37 -23.63
N GLY F 36 -6.81 0.99 -22.54
CA GLY F 36 -7.00 2.42 -22.34
C GLY F 36 -8.37 2.77 -21.78
N THR F 37 -8.42 3.05 -20.49
CA THR F 37 -9.66 3.43 -19.81
C THR F 37 -9.87 4.95 -19.81
N LEU F 38 -11.12 5.37 -19.68
CA LEU F 38 -11.47 6.79 -19.69
C LEU F 38 -10.98 7.51 -18.45
N ILE F 39 -10.73 8.81 -18.59
CA ILE F 39 -10.47 9.67 -17.44
C ILE F 39 -11.73 10.49 -17.19
N ILE F 40 -12.41 10.19 -16.09
CA ILE F 40 -13.69 10.81 -15.77
C ILE F 40 -13.54 11.99 -14.81
N PHE F 41 -14.05 13.15 -15.22
CA PHE F 41 -14.04 14.37 -14.41
C PHE F 41 -15.39 14.58 -13.74
N ASP F 42 -15.51 14.15 -12.48
CA ASP F 42 -16.73 14.36 -11.71
C ASP F 42 -16.47 14.44 -10.20
N GLN F 43 -17.52 14.25 -9.40
CA GLN F 43 -17.41 14.40 -7.95
C GLN F 43 -17.72 13.13 -7.12
N SER F 44 -17.27 11.99 -7.63
CA SER F 44 -17.26 10.74 -6.86
C SER F 44 -16.08 9.85 -7.27
N THR F 45 -15.24 9.50 -6.29
CA THR F 45 -14.02 8.74 -6.54
C THR F 45 -14.31 7.23 -6.51
N PRO F 46 -14.07 6.53 -7.64
CA PRO F 46 -14.39 5.10 -7.79
C PRO F 46 -13.66 4.21 -6.79
N GLY F 47 -12.36 4.40 -6.65
CA GLY F 47 -11.54 3.62 -5.72
C GLY F 47 -10.42 4.44 -5.12
N GLN F 48 -9.70 3.83 -4.19
CA GLN F 48 -8.55 4.44 -3.51
C GLN F 48 -7.57 5.06 -4.52
N ASP F 49 -7.16 6.29 -4.25
CA ASP F 49 -6.18 7.03 -5.07
C ASP F 49 -6.51 7.18 -6.56
N ALA F 50 -7.77 7.01 -6.93
CA ALA F 50 -8.20 7.18 -8.31
C ALA F 50 -8.21 8.65 -8.71
N ASP F 51 -8.40 9.52 -7.72
CA ASP F 51 -8.39 10.98 -7.90
C ASP F 51 -7.01 11.59 -7.64
N ARG F 52 -5.97 10.75 -7.66
CA ARG F 52 -4.65 11.19 -7.25
C ARG F 52 -3.58 10.97 -8.33
N TRP F 53 -2.99 12.07 -8.78
CA TRP F 53 -2.09 12.04 -9.93
C TRP F 53 -0.67 12.44 -9.54
N LEU F 54 0.31 11.80 -10.18
CA LEU F 54 1.73 12.14 -9.99
C LEU F 54 2.33 12.71 -11.26
N ILE F 55 2.55 14.03 -11.27
CA ILE F 55 3.05 14.73 -12.47
C ILE F 55 4.54 15.11 -12.36
N HIS F 56 5.37 14.42 -13.13
CA HIS F 56 6.82 14.65 -13.14
C HIS F 56 7.25 15.39 -14.40
N ASN F 57 8.40 16.06 -14.31
CA ASN F 57 9.09 16.58 -15.50
C ASN F 57 9.58 15.42 -16.37
N TYR F 58 9.17 15.40 -17.62
CA TYR F 58 9.66 14.41 -18.57
C TYR F 58 10.14 15.05 -19.88
N LEU F 59 11.46 14.97 -20.11
CA LEU F 59 12.11 15.63 -21.23
C LEU F 59 11.85 17.14 -21.19
N ASP F 60 11.31 17.71 -22.27
CA ASP F 60 10.96 19.14 -22.26
C ASP F 60 9.56 19.41 -21.66
N GLY F 61 8.79 18.35 -21.46
CA GLY F 61 7.44 18.44 -20.89
C GLY F 61 7.25 17.63 -19.61
N TYR F 62 6.07 17.03 -19.47
CA TYR F 62 5.69 16.34 -18.25
C TYR F 62 5.05 14.97 -18.53
N LYS F 63 5.06 14.09 -17.53
CA LYS F 63 4.33 12.82 -17.58
C LYS F 63 3.26 12.77 -16.49
N ILE F 64 2.15 12.10 -16.76
CA ILE F 64 1.01 12.09 -15.83
C ILE F 64 0.65 10.65 -15.41
N PHE F 65 0.78 10.38 -14.11
CA PHE F 65 0.58 9.03 -13.56
C PHE F 65 -0.55 9.00 -12.54
N ASN F 66 -1.43 7.99 -12.64
CA ASN F 66 -2.49 7.78 -11.65
C ASN F 66 -2.08 6.78 -10.57
N MET F 67 -2.16 7.21 -9.32
CA MET F 67 -1.70 6.42 -8.18
C MET F 67 -2.58 5.20 -7.89
N GLY F 68 -3.87 5.31 -8.21
CA GLY F 68 -4.83 4.26 -7.93
C GLY F 68 -4.97 3.20 -9.03
N SER F 69 -4.70 3.58 -10.27
CA SER F 69 -4.83 2.64 -11.40
C SER F 69 -3.50 2.21 -12.00
N ASN F 70 -2.42 2.88 -11.61
CA ASN F 70 -1.08 2.71 -12.21
C ASN F 70 -1.09 2.91 -13.74
N ASN F 71 -1.96 3.82 -14.19
CA ASN F 71 -2.07 4.18 -15.60
C ASN F 71 -1.48 5.56 -15.87
N TRP F 72 -0.93 5.73 -17.09
CA TRP F 72 -0.46 7.02 -17.56
C TRP F 72 -1.50 7.62 -18.50
N ALA F 73 -1.71 8.93 -18.42
CA ALA F 73 -2.56 9.64 -19.36
C ALA F 73 -1.83 9.82 -20.69
N SER F 74 -2.42 9.31 -21.77
CA SER F 74 -1.80 9.33 -23.10
C SER F 74 -2.75 9.68 -24.23
N VAL F 75 -2.18 10.04 -25.38
CA VAL F 75 -2.93 10.23 -26.62
C VAL F 75 -3.38 8.86 -27.14
N SER F 76 -4.55 8.81 -27.79
CA SER F 76 -5.09 7.57 -28.34
C SER F 76 -5.84 7.82 -29.63
N ARG F 77 -5.69 6.89 -30.59
CA ARG F 77 -6.40 6.95 -31.87
C ARG F 77 -7.85 7.37 -31.64
N GLY F 78 -8.23 8.51 -32.19
CA GLY F 78 -9.59 9.03 -32.04
C GLY F 78 -9.70 10.23 -31.11
N ASN F 79 -8.59 10.95 -30.96
CA ASN F 79 -8.53 12.21 -30.19
C ASN F 79 -9.14 12.19 -28.79
N THR F 80 -8.90 11.10 -28.05
CA THR F 80 -9.30 11.03 -26.65
C THR F 80 -8.07 10.84 -25.76
N VAL F 81 -8.18 11.23 -24.50
CA VAL F 81 -7.11 11.02 -23.52
C VAL F 81 -7.46 9.84 -22.60
N LEU F 82 -6.72 8.76 -22.75
CA LEU F 82 -7.00 7.51 -22.03
C LEU F 82 -5.87 7.11 -21.08
N GLY F 83 -6.22 6.38 -20.03
CA GLY F 83 -5.24 5.79 -19.12
C GLY F 83 -4.80 4.42 -19.62
N VAL F 84 -3.56 4.36 -20.11
CA VAL F 84 -2.97 3.11 -20.59
C VAL F 84 -2.06 2.54 -19.49
N SER F 85 -1.92 1.21 -19.46
CA SER F 85 -1.14 0.57 -18.40
C SER F 85 0.38 0.69 -18.56
N GLU F 86 0.85 0.72 -19.81
CA GLU F 86 2.29 0.81 -20.10
C GLU F 86 2.70 2.21 -20.58
N PHE F 87 3.83 2.69 -20.10
CA PHE F 87 4.36 4.01 -20.48
C PHE F 87 4.93 4.00 -21.90
N ASP F 88 4.50 4.99 -22.69
CA ASP F 88 4.95 5.17 -24.07
C ASP F 88 5.25 6.66 -24.32
N GLY F 89 6.54 6.98 -24.46
CA GLY F 89 7.02 8.36 -24.56
C GLY F 89 6.51 9.21 -25.71
N GLN F 90 6.05 8.54 -26.77
CA GLN F 90 5.51 9.24 -27.93
C GLN F 90 4.07 9.72 -27.69
N THR F 91 3.38 9.10 -26.74
CA THR F 91 1.98 9.40 -26.46
C THR F 91 1.70 9.92 -25.04
N CYS F 92 2.66 9.75 -24.14
CA CYS F 92 2.46 10.12 -22.72
C CYS F 92 3.07 11.45 -22.30
N LYS F 93 3.89 12.05 -23.17
CA LYS F 93 4.45 13.37 -22.88
C LYS F 93 3.38 14.44 -23.05
N TRP F 94 3.33 15.37 -22.09
CA TRP F 94 2.37 16.48 -22.11
C TRP F 94 3.04 17.80 -21.83
N SER F 95 2.57 18.84 -22.50
CA SER F 95 3.04 20.19 -22.23
C SER F 95 1.99 20.89 -21.37
N ILE F 96 2.44 21.61 -20.34
CA ILE F 96 1.52 22.36 -19.48
C ILE F 96 1.79 23.86 -19.60
N GLU F 97 0.80 24.56 -20.13
CA GLU F 97 0.90 26.00 -20.37
C GLU F 97 -0.15 26.78 -19.60
N TYR F 98 0.22 27.97 -19.14
CA TYR F 98 -0.64 28.82 -18.34
C TYR F 98 -1.66 29.53 -19.24
N SER F 99 -2.88 29.68 -18.73
CA SER F 99 -4.01 30.25 -19.48
C SER F 99 -3.96 31.78 -19.56
N GLY F 100 -3.43 32.42 -18.52
CA GLY F 100 -3.39 33.88 -18.42
C GLY F 100 -4.31 34.45 -17.36
N ASN F 101 -5.06 33.57 -16.69
CA ASN F 101 -5.95 33.97 -15.60
C ASN F 101 -6.08 32.89 -14.51
N GLY F 102 -6.03 33.32 -13.26
CA GLY F 102 -6.21 32.44 -12.10
C GLY F 102 -5.08 31.44 -11.92
N GLU F 103 -5.44 30.24 -11.45
CA GLU F 103 -4.50 29.12 -11.37
C GLU F 103 -4.78 28.09 -12.45
N GLU F 104 -5.25 28.57 -13.60
CA GLU F 104 -5.73 27.71 -14.66
C GLU F 104 -4.68 27.39 -15.73
N PHE F 105 -4.70 26.16 -16.22
CA PHE F 105 -3.69 25.67 -17.15
C PHE F 105 -4.30 24.90 -18.32
N TRP F 106 -3.52 24.72 -19.38
CA TRP F 106 -3.91 23.86 -20.48
C TRP F 106 -2.94 22.69 -20.55
N ILE F 107 -3.47 21.47 -20.59
CA ILE F 107 -2.62 20.31 -20.86
C ILE F 107 -2.65 20.04 -22.37
N ARG F 108 -1.49 20.14 -23.00
CA ARG F 108 -1.38 20.24 -24.45
C ARG F 108 -0.51 19.14 -25.04
N VAL F 109 -0.90 18.64 -26.22
CA VAL F 109 -0.10 17.68 -26.97
C VAL F 109 1.18 18.36 -27.46
N PRO F 110 2.35 17.89 -27.01
CA PRO F 110 3.59 18.51 -27.47
C PRO F 110 3.71 18.36 -28.99
N ARG F 111 4.05 19.47 -29.66
CA ARG F 111 4.05 19.52 -31.12
C ARG F 111 5.21 20.35 -31.67
N GLU F 112 5.63 20.04 -32.91
CA GLU F 112 6.65 20.80 -33.61
C GLU F 112 6.22 22.27 -33.77
N GLY F 113 7.01 23.16 -33.19
CA GLY F 113 6.72 24.61 -33.21
C GLY F 113 5.76 25.01 -32.10
N GLY F 114 4.58 24.40 -32.11
CA GLY F 114 3.54 24.65 -31.09
C GLY F 114 2.15 24.33 -31.59
N GLY F 115 1.15 24.92 -30.94
CA GLY F 115 -0.24 24.85 -31.37
C GLY F 115 -0.87 23.46 -31.44
N GLY F 116 -0.57 22.62 -30.45
CA GLY F 116 -1.13 21.27 -30.38
C GLY F 116 -2.50 21.24 -29.72
N ALA F 117 -3.22 20.15 -29.93
CA ALA F 117 -4.57 19.97 -29.34
C ALA F 117 -4.48 19.91 -27.81
N VAL F 118 -5.52 20.41 -27.14
CA VAL F 118 -5.51 20.49 -25.69
C VAL F 118 -6.59 19.64 -25.03
N TRP F 119 -6.36 19.26 -23.78
CA TRP F 119 -7.36 18.57 -22.96
C TRP F 119 -8.66 19.36 -22.98
N THR F 120 -9.77 18.65 -23.13
CA THR F 120 -11.10 19.26 -23.19
C THR F 120 -12.11 18.35 -22.48
N ILE F 121 -12.72 18.88 -21.42
CA ILE F 121 -13.66 18.11 -20.61
C ILE F 121 -15.09 18.37 -21.06
N LYS F 122 -15.61 17.43 -21.85
CA LYS F 122 -16.95 17.52 -22.41
C LYS F 122 -17.57 16.12 -22.45
N PRO F 123 -18.91 16.03 -22.41
CA PRO F 123 -19.58 14.73 -22.60
C PRO F 123 -19.28 14.17 -23.99
N ALA F 124 -19.28 12.84 -24.11
CA ALA F 124 -18.99 12.18 -25.38
C ALA F 124 -20.14 12.29 -26.38
N SER F 125 -21.30 11.74 -26.01
CA SER F 125 -22.50 11.79 -26.83
C SER F 125 -23.71 12.21 -25.98
N SER F 126 -23.49 13.22 -25.13
CA SER F 126 -24.50 13.78 -24.24
C SER F 126 -24.93 12.82 -23.12
N GLN F 127 -25.59 13.36 -22.09
CA GLN F 127 -26.06 12.60 -20.93
C GLN F 127 -24.93 11.96 -20.10
N GLY F 128 -23.72 12.52 -20.18
CA GLY F 128 -22.56 12.03 -19.44
C GLY F 128 -22.00 10.71 -19.94
N PRO F 129 -20.82 10.29 -19.41
CA PRO F 129 -20.00 11.03 -18.46
C PRO F 129 -19.08 12.05 -19.15
N THR F 130 -18.49 12.94 -18.35
CA THR F 130 -17.68 14.04 -18.88
C THR F 130 -16.21 13.64 -18.89
N THR F 131 -15.79 12.98 -19.97
CA THR F 131 -14.42 12.51 -20.10
C THR F 131 -13.51 13.57 -20.74
N VAL F 132 -12.28 13.17 -21.08
CA VAL F 132 -11.30 14.08 -21.67
C VAL F 132 -11.16 13.82 -23.16
N PHE F 133 -11.15 14.90 -23.94
CA PHE F 133 -10.99 14.83 -25.39
C PHE F 133 -9.83 15.73 -25.83
N LEU F 134 -9.49 15.67 -27.12
CA LEU F 134 -8.48 16.55 -27.69
C LEU F 134 -9.09 17.41 -28.80
N ASP F 135 -9.11 18.72 -28.55
CA ASP F 135 -9.62 19.68 -29.53
C ASP F 135 -8.68 20.88 -29.67
N LEU F 136 -8.90 21.67 -30.71
CA LEU F 136 -8.16 22.90 -30.93
C LEU F 136 -8.34 23.84 -29.75
N LEU F 137 -7.27 24.56 -29.38
CA LEU F 137 -7.33 25.50 -28.26
C LEU F 137 -8.26 26.67 -28.53
N LYS F 138 -9.19 26.87 -27.60
CA LYS F 138 -10.03 28.06 -27.57
C LYS F 138 -9.79 28.78 -26.24
N GLU F 139 -9.02 29.86 -26.30
CA GLU F 139 -8.59 30.59 -25.10
C GLU F 139 -9.74 31.07 -24.20
N THR F 140 -10.97 30.93 -24.67
CA THR F 140 -12.16 31.37 -23.93
C THR F 140 -12.92 30.20 -23.30
N ASP F 141 -12.74 29.01 -23.87
CA ASP F 141 -13.50 27.81 -23.49
C ASP F 141 -13.20 27.34 -22.06
N PRO F 142 -14.21 27.37 -21.18
CA PRO F 142 -14.05 26.92 -19.79
C PRO F 142 -13.72 25.42 -19.68
N ASN F 143 -14.27 24.62 -20.59
CA ASN F 143 -14.04 23.17 -20.62
C ASN F 143 -12.57 22.76 -20.85
N GLN F 144 -11.71 23.74 -21.07
CA GLN F 144 -10.30 23.47 -21.39
C GLN F 144 -9.33 24.03 -20.34
N ARG F 145 -9.88 24.50 -19.23
CA ARG F 145 -9.08 25.12 -18.16
C ARG F 145 -8.86 24.14 -16.99
N ILE F 146 -7.61 24.05 -16.53
CA ILE F 146 -7.22 23.05 -15.55
C ILE F 146 -6.55 23.64 -14.30
N LYS F 147 -6.99 23.19 -13.13
CA LYS F 147 -6.40 23.56 -11.84
C LYS F 147 -5.76 22.36 -11.17
N PHE F 148 -4.82 22.61 -10.26
CA PHE F 148 -4.17 21.55 -9.50
C PHE F 148 -4.14 21.86 -8.00
N ALA F 149 -4.70 20.94 -7.21
CA ALA F 149 -4.71 21.06 -5.76
C ALA F 149 -4.10 19.83 -5.12
N VAL F 150 -3.26 20.05 -4.12
CA VAL F 150 -2.57 18.98 -3.40
C VAL F 150 -3.21 18.76 -2.02
N LEU G 9 -0.61 -4.23 11.05
CA LEU G 9 -1.66 -5.18 11.53
C LEU G 9 -2.29 -5.99 10.38
N ASP G 10 -1.96 -5.61 9.15
CA ASP G 10 -2.49 -6.30 7.96
C ASP G 10 -1.98 -7.73 7.85
N LEU G 11 -2.78 -8.60 7.23
CA LEU G 11 -2.48 -10.02 7.11
C LEU G 11 -1.24 -10.26 6.23
N PRO G 12 -0.28 -11.04 6.74
CA PRO G 12 0.98 -11.27 6.04
C PRO G 12 0.83 -12.29 4.93
N GLY G 13 -0.22 -13.11 5.02
CA GLY G 13 -0.45 -14.18 4.07
C GLY G 13 0.50 -15.35 4.28
N THR G 14 0.43 -16.32 3.38
CA THR G 14 1.28 -17.49 3.46
C THR G 14 2.14 -17.66 2.21
N ARG G 15 3.30 -18.27 2.39
CA ARG G 15 4.08 -18.74 1.25
C ARG G 15 3.58 -20.14 0.87
N ILE G 16 3.40 -20.34 -0.43
CA ILE G 16 3.09 -21.66 -0.95
C ILE G 16 4.43 -22.24 -1.36
N LEU G 17 4.78 -23.41 -0.80
CA LEU G 17 6.08 -24.00 -1.08
C LEU G 17 6.01 -25.43 -1.60
N ASN G 18 6.97 -25.77 -2.46
CA ASN G 18 7.21 -27.13 -2.91
C ASN G 18 8.70 -27.40 -2.73
N GLY G 19 9.04 -28.14 -1.68
CA GLY G 19 10.44 -28.33 -1.29
C GLY G 19 10.97 -27.07 -0.63
N ALA G 20 11.96 -26.45 -1.25
CA ALA G 20 12.52 -25.21 -0.74
C ALA G 20 12.01 -23.99 -1.52
N ASN G 21 11.51 -24.23 -2.74
CA ASN G 21 11.00 -23.17 -3.62
C ASN G 21 9.61 -22.67 -3.22
N TRP G 22 9.38 -21.37 -3.43
CA TRP G 22 8.07 -20.77 -3.16
C TRP G 22 7.39 -20.22 -4.42
N ALA G 23 6.06 -20.27 -4.44
CA ALA G 23 5.28 -19.85 -5.61
C ALA G 23 5.22 -18.32 -5.78
N ASN G 24 5.52 -17.87 -6.99
CA ASN G 24 5.50 -16.44 -7.32
C ASN G 24 4.53 -16.12 -8.46
N ASN G 25 3.97 -14.90 -8.45
CA ASN G 25 3.11 -14.43 -9.56
C ASN G 25 3.15 -12.91 -9.77
N SER G 26 3.16 -12.52 -11.05
CA SER G 26 3.18 -11.13 -11.47
C SER G 26 1.96 -10.80 -12.34
N ALA G 27 1.58 -9.53 -12.38
CA ALA G 27 0.39 -9.11 -13.14
C ALA G 27 0.69 -8.69 -14.58
N THR G 28 0.09 -9.38 -15.53
CA THR G 28 0.18 -9.07 -16.97
C THR G 28 -0.96 -9.76 -17.71
N SER G 35 -4.20 -13.79 -21.58
CA SER G 35 -4.87 -13.79 -20.28
C SER G 35 -4.34 -14.89 -19.37
N GLY G 36 -4.02 -14.53 -18.13
CA GLY G 36 -3.48 -15.47 -17.16
C GLY G 36 -1.96 -15.59 -17.21
N THR G 37 -1.31 -15.23 -16.11
CA THR G 37 0.15 -15.33 -16.00
C THR G 37 0.58 -16.61 -15.30
N LEU G 38 1.81 -17.04 -15.57
CA LEU G 38 2.40 -18.23 -14.96
C LEU G 38 2.66 -18.06 -13.46
N ILE G 39 2.55 -19.15 -12.73
CA ILE G 39 2.93 -19.20 -11.32
C ILE G 39 4.25 -19.96 -11.23
N ILE G 40 5.34 -19.23 -11.02
CA ILE G 40 6.69 -19.81 -11.03
C ILE G 40 7.14 -20.23 -9.63
N PHE G 41 7.68 -21.44 -9.53
CA PHE G 41 8.25 -21.97 -8.29
C PHE G 41 9.76 -21.85 -8.32
N ASP G 42 10.29 -20.92 -7.54
CA ASP G 42 11.73 -20.64 -7.51
C ASP G 42 12.14 -20.02 -6.16
N GLN G 43 13.38 -19.54 -6.08
CA GLN G 43 13.86 -18.90 -4.86
C GLN G 43 14.34 -17.45 -5.07
N SER G 44 13.59 -16.70 -5.86
CA SER G 44 13.80 -15.27 -6.05
C SER G 44 12.49 -14.56 -6.37
N THR G 45 11.98 -13.78 -5.40
CA THR G 45 10.70 -13.10 -5.54
C THR G 45 10.82 -11.87 -6.44
N PRO G 46 9.98 -11.78 -7.50
CA PRO G 46 10.06 -10.69 -8.47
C PRO G 46 9.58 -9.33 -7.93
N GLY G 47 8.28 -9.19 -7.70
CA GLY G 47 7.73 -7.95 -7.16
C GLY G 47 7.42 -8.07 -5.69
N GLN G 48 7.01 -6.97 -5.08
CA GLN G 48 6.58 -6.96 -3.68
C GLN G 48 5.33 -7.83 -3.49
N ASP G 49 5.37 -8.66 -2.44
CA ASP G 49 4.27 -9.56 -2.08
C ASP G 49 3.85 -10.53 -3.19
N ALA G 50 4.73 -10.74 -4.16
CA ALA G 50 4.48 -11.68 -5.26
C ALA G 50 4.51 -13.13 -4.79
N ASP G 51 4.94 -13.33 -3.55
CA ASP G 51 5.12 -14.65 -2.97
C ASP G 51 4.21 -14.90 -1.76
N ARG G 52 3.35 -13.93 -1.46
CA ARG G 52 2.43 -14.04 -0.33
C ARG G 52 1.01 -14.28 -0.83
N TRP G 53 0.38 -15.35 -0.34
CA TRP G 53 -0.95 -15.74 -0.81
C TRP G 53 -2.00 -15.71 0.31
N LEU G 54 -3.22 -15.33 -0.07
CA LEU G 54 -4.36 -15.33 0.84
C LEU G 54 -5.32 -16.49 0.51
N ILE G 55 -5.38 -17.47 1.40
CA ILE G 55 -6.24 -18.65 1.20
C ILE G 55 -7.47 -18.59 2.11
N HIS G 56 -8.64 -18.39 1.50
CA HIS G 56 -9.92 -18.33 2.20
C HIS G 56 -10.76 -19.57 1.92
N ASN G 57 -11.66 -19.91 2.84
CA ASN G 57 -12.66 -20.94 2.57
C ASN G 57 -13.72 -20.38 1.63
N TYR G 58 -13.89 -21.04 0.49
CA TYR G 58 -14.90 -20.66 -0.49
C TYR G 58 -15.78 -21.86 -0.86
N LEU G 59 -17.02 -21.83 -0.38
CA LEU G 59 -17.94 -22.96 -0.50
C LEU G 59 -17.27 -24.19 0.11
N ASP G 60 -17.40 -25.36 -0.51
CA ASP G 60 -16.87 -26.60 0.06
C ASP G 60 -15.34 -26.76 -0.10
N GLY G 61 -14.67 -25.72 -0.58
CA GLY G 61 -13.23 -25.74 -0.80
C GLY G 61 -12.52 -24.44 -0.46
N TYR G 62 -11.58 -24.02 -1.31
CA TYR G 62 -10.73 -22.86 -1.04
C TYR G 62 -10.43 -22.04 -2.28
N LYS G 63 -10.29 -20.73 -2.09
CA LYS G 63 -9.80 -19.83 -3.14
C LYS G 63 -8.36 -19.36 -2.82
N ILE G 64 -7.56 -19.12 -3.87
CA ILE G 64 -6.14 -18.75 -3.69
C ILE G 64 -5.75 -17.46 -4.43
N PHE G 65 -5.37 -16.45 -3.66
CA PHE G 65 -5.15 -15.09 -4.14
C PHE G 65 -3.70 -14.65 -3.89
N ASN G 66 -3.08 -14.04 -4.90
CA ASN G 66 -1.73 -13.48 -4.73
C ASN G 66 -1.80 -12.00 -4.37
N MET G 67 -1.06 -11.60 -3.34
CA MET G 67 -1.15 -10.25 -2.77
C MET G 67 -0.29 -9.21 -3.49
N GLY G 68 0.59 -9.67 -4.37
CA GLY G 68 1.46 -8.78 -5.14
C GLY G 68 0.89 -8.39 -6.49
N SER G 69 0.11 -9.31 -7.09
CA SER G 69 -0.39 -9.14 -8.45
C SER G 69 -1.91 -8.98 -8.52
N ASN G 70 -2.58 -9.29 -7.41
CA ASN G 70 -4.05 -9.37 -7.34
C ASN G 70 -4.67 -10.33 -8.37
N ASN G 71 -4.04 -11.49 -8.52
CA ASN G 71 -4.56 -12.57 -9.36
C ASN G 71 -5.05 -13.76 -8.52
N TRP G 72 -5.98 -14.53 -9.09
CA TRP G 72 -6.45 -15.77 -8.48
C TRP G 72 -5.84 -16.96 -9.23
N ALA G 73 -5.59 -18.05 -8.50
CA ALA G 73 -5.14 -19.31 -9.11
C ALA G 73 -6.34 -20.04 -9.70
N SER G 74 -6.31 -20.28 -11.01
CA SER G 74 -7.45 -20.88 -11.71
C SER G 74 -7.06 -22.07 -12.57
N VAL G 75 -8.04 -22.93 -12.86
CA VAL G 75 -7.88 -23.98 -13.87
C VAL G 75 -7.94 -23.31 -15.24
N SER G 76 -6.91 -23.54 -16.05
CA SER G 76 -6.77 -22.84 -17.33
C SER G 76 -6.74 -23.78 -18.53
N ARG G 77 -7.64 -23.52 -19.47
CA ARG G 77 -7.71 -24.21 -20.77
C ARG G 77 -6.31 -24.55 -21.28
N GLY G 78 -5.89 -25.79 -21.02
CA GLY G 78 -4.55 -26.25 -21.39
C GLY G 78 -3.82 -26.99 -20.29
N ASN G 79 -4.59 -27.57 -19.36
CA ASN G 79 -4.07 -28.39 -18.25
C ASN G 79 -3.04 -27.68 -17.33
N THR G 80 -3.19 -26.37 -17.19
CA THR G 80 -2.23 -25.57 -16.41
C THR G 80 -2.92 -24.66 -15.39
N VAL G 81 -2.17 -24.22 -14.39
CA VAL G 81 -2.66 -23.26 -13.40
C VAL G 81 -2.09 -21.88 -13.70
N LEU G 82 -2.97 -20.93 -13.94
CA LEU G 82 -2.55 -19.56 -14.25
C LEU G 82 -3.26 -18.53 -13.38
N GLY G 83 -2.67 -17.33 -13.31
CA GLY G 83 -3.20 -16.23 -12.51
C GLY G 83 -4.05 -15.26 -13.29
N VAL G 84 -5.37 -15.40 -13.13
CA VAL G 84 -6.35 -14.51 -13.75
C VAL G 84 -6.73 -13.37 -12.81
N SER G 85 -7.07 -12.22 -13.39
CA SER G 85 -7.35 -11.00 -12.61
C SER G 85 -8.83 -10.81 -12.22
N GLU G 86 -9.70 -11.64 -12.78
CA GLU G 86 -11.12 -11.61 -12.42
C GLU G 86 -11.53 -12.96 -11.84
N PHE G 87 -12.15 -12.94 -10.67
CA PHE G 87 -12.55 -14.16 -9.99
C PHE G 87 -13.62 -14.93 -10.78
N ASP G 88 -13.49 -16.24 -10.80
CA ASP G 88 -14.40 -17.13 -11.52
C ASP G 88 -14.60 -18.43 -10.74
N GLY G 89 -15.85 -18.70 -10.36
CA GLY G 89 -16.18 -19.80 -9.45
C GLY G 89 -15.98 -21.21 -9.98
N GLN G 90 -16.08 -21.38 -11.30
CA GLN G 90 -15.98 -22.69 -11.95
C GLN G 90 -14.54 -23.19 -12.03
N THR G 91 -13.59 -22.27 -11.85
CA THR G 91 -12.18 -22.54 -12.12
C THR G 91 -11.24 -22.16 -10.97
N CYS G 92 -11.75 -21.42 -9.98
CA CYS G 92 -10.93 -20.89 -8.90
C CYS G 92 -11.12 -21.57 -7.54
N LYS G 93 -12.10 -22.46 -7.46
CA LYS G 93 -12.34 -23.22 -6.23
C LYS G 93 -11.37 -24.40 -6.17
N TRP G 94 -10.67 -24.52 -5.04
CA TRP G 94 -9.66 -25.56 -4.87
C TRP G 94 -9.93 -26.43 -3.65
N SER G 95 -9.59 -27.72 -3.77
CA SER G 95 -9.56 -28.64 -2.65
C SER G 95 -8.13 -28.77 -2.15
N ILE G 96 -7.94 -28.75 -0.84
CA ILE G 96 -6.60 -28.97 -0.27
C ILE G 96 -6.63 -30.20 0.65
N GLU G 97 -5.99 -31.27 0.18
CA GLU G 97 -5.97 -32.55 0.91
C GLU G 97 -4.58 -32.81 1.50
N TYR G 98 -4.55 -33.42 2.68
CA TYR G 98 -3.30 -33.82 3.32
C TYR G 98 -2.71 -35.04 2.60
N SER G 99 -1.39 -35.01 2.35
CA SER G 99 -0.71 -36.06 1.61
C SER G 99 -0.51 -37.33 2.44
N GLY G 100 -0.31 -37.15 3.75
CA GLY G 100 -0.14 -38.30 4.64
C GLY G 100 1.17 -38.33 5.40
N ASN G 101 2.14 -37.52 4.97
CA ASN G 101 3.39 -37.36 5.72
C ASN G 101 3.81 -35.91 5.93
N GLY G 102 4.11 -35.58 7.18
CA GLY G 102 4.61 -34.26 7.55
C GLY G 102 3.61 -33.12 7.40
N GLU G 103 4.01 -32.11 6.65
CA GLU G 103 3.18 -30.93 6.43
C GLU G 103 3.08 -30.60 4.92
N GLU G 104 2.93 -31.66 4.14
CA GLU G 104 2.79 -31.55 2.68
C GLU G 104 1.35 -31.84 2.27
N PHE G 105 0.90 -31.13 1.23
CA PHE G 105 -0.51 -31.18 0.83
C PHE G 105 -0.65 -31.29 -0.70
N TRP G 106 -1.83 -31.68 -1.16
CA TRP G 106 -2.16 -31.61 -2.59
C TRP G 106 -3.27 -30.58 -2.78
N ILE G 107 -3.04 -29.63 -3.69
CA ILE G 107 -4.09 -28.68 -4.10
C ILE G 107 -4.75 -29.26 -5.36
N ARG G 108 -6.05 -29.44 -5.30
CA ARG G 108 -6.76 -30.32 -6.23
C ARG G 108 -7.96 -29.66 -6.91
N VAL G 109 -8.25 -30.08 -8.14
CA VAL G 109 -9.45 -29.66 -8.86
C VAL G 109 -10.67 -30.42 -8.31
N PRO G 110 -11.71 -29.68 -7.88
CA PRO G 110 -12.96 -30.28 -7.41
C PRO G 110 -13.78 -30.92 -8.53
N ARG G 111 -13.68 -32.25 -8.63
CA ARG G 111 -14.51 -33.05 -9.53
C ARG G 111 -15.32 -34.04 -8.70
N GLU G 112 -16.64 -33.91 -8.76
CA GLU G 112 -17.55 -34.64 -7.86
C GLU G 112 -17.19 -36.12 -7.67
N GLY G 113 -17.17 -36.55 -6.41
CA GLY G 113 -16.76 -37.91 -6.05
C GLY G 113 -15.26 -38.06 -5.82
N GLY G 114 -14.52 -36.96 -6.01
CA GLY G 114 -13.07 -36.96 -5.86
C GLY G 114 -12.35 -37.42 -7.12
N GLY G 115 -11.02 -37.39 -7.07
CA GLY G 115 -10.19 -37.90 -8.16
C GLY G 115 -9.75 -36.88 -9.20
N GLY G 116 -9.89 -35.60 -8.86
CA GLY G 116 -9.46 -34.50 -9.74
C GLY G 116 -7.95 -34.39 -9.86
N ALA G 117 -7.50 -33.70 -10.90
CA ALA G 117 -6.07 -33.49 -11.17
C ALA G 117 -5.43 -32.59 -10.10
N VAL G 118 -4.14 -32.80 -9.84
CA VAL G 118 -3.43 -32.07 -8.79
C VAL G 118 -2.29 -31.20 -9.31
N TRP G 119 -2.05 -30.07 -8.63
CA TRP G 119 -0.89 -29.21 -8.90
C TRP G 119 0.37 -30.05 -9.12
N THR G 120 1.13 -29.71 -10.15
CA THR G 120 2.38 -30.40 -10.44
C THR G 120 3.45 -29.38 -10.82
N ILE G 121 4.50 -29.29 -10.00
CA ILE G 121 5.58 -28.33 -10.21
C ILE G 121 6.69 -28.92 -11.08
N LYS G 122 6.65 -28.58 -12.37
CA LYS G 122 7.64 -29.03 -13.35
C LYS G 122 7.71 -28.02 -14.49
N PRO G 123 8.85 -27.97 -15.22
CA PRO G 123 8.93 -27.10 -16.40
C PRO G 123 8.16 -27.69 -17.59
N ALA G 124 7.76 -26.84 -18.52
CA ALA G 124 7.03 -27.24 -19.72
C ALA G 124 7.89 -28.16 -20.59
N SER G 125 8.87 -27.57 -21.25
CA SER G 125 10.04 -28.29 -21.77
C SER G 125 11.20 -27.95 -20.83
N SER G 126 11.98 -28.96 -20.48
CA SER G 126 13.03 -28.84 -19.45
C SER G 126 14.00 -27.67 -19.68
N GLN G 127 14.70 -27.28 -18.60
CA GLN G 127 15.57 -26.10 -18.56
C GLN G 127 14.79 -24.83 -18.16
N GLY G 128 13.77 -25.02 -17.33
CA GLY G 128 13.03 -23.92 -16.68
C GLY G 128 12.10 -23.13 -17.58
N PRO G 129 11.21 -22.31 -16.97
CA PRO G 129 10.97 -22.19 -15.53
C PRO G 129 10.04 -23.28 -14.99
N THR G 130 10.15 -23.58 -13.70
CA THR G 130 9.35 -24.62 -13.06
C THR G 130 7.97 -24.10 -12.61
N THR G 131 7.04 -24.06 -13.56
CA THR G 131 5.70 -23.53 -13.29
C THR G 131 4.75 -24.62 -12.80
N VAL G 132 3.47 -24.29 -12.73
CA VAL G 132 2.45 -25.23 -12.27
C VAL G 132 1.69 -25.84 -13.46
N PHE G 133 1.41 -27.14 -13.36
CA PHE G 133 0.61 -27.86 -14.34
C PHE G 133 -0.46 -28.69 -13.63
N LEU G 134 -1.33 -29.32 -14.40
CA LEU G 134 -2.36 -30.19 -13.83
C LEU G 134 -2.27 -31.63 -14.35
N ASP G 135 -1.64 -32.49 -13.56
CA ASP G 135 -1.51 -33.91 -13.88
C ASP G 135 -2.33 -34.77 -12.92
N LEU G 136 -2.43 -36.05 -13.24
CA LEU G 136 -3.10 -37.03 -12.37
C LEU G 136 -2.23 -37.31 -11.15
N LEU G 137 -2.89 -37.54 -10.02
CA LEU G 137 -2.20 -37.70 -8.75
C LEU G 137 -1.44 -39.03 -8.65
N LYS G 138 -0.15 -38.92 -8.37
CA LYS G 138 0.67 -40.03 -7.89
C LYS G 138 0.98 -39.75 -6.42
N GLU G 139 0.64 -40.69 -5.54
CA GLU G 139 0.83 -40.51 -4.10
C GLU G 139 2.32 -40.55 -3.70
N THR G 140 3.20 -40.66 -4.70
CA THR G 140 4.64 -40.73 -4.46
C THR G 140 5.42 -39.54 -5.04
N ASP G 141 4.81 -38.81 -5.98
CA ASP G 141 5.48 -37.73 -6.70
C ASP G 141 5.88 -36.57 -5.79
N PRO G 142 7.21 -36.32 -5.65
CA PRO G 142 7.72 -35.22 -4.82
C PRO G 142 7.39 -33.85 -5.38
N ASN G 143 7.09 -33.79 -6.67
CA ASN G 143 6.70 -32.55 -7.35
C ASN G 143 5.26 -32.12 -7.02
N GLN G 144 4.50 -33.00 -6.38
CA GLN G 144 3.09 -32.73 -6.13
C GLN G 144 2.78 -32.42 -4.66
N ARG G 145 3.83 -32.29 -3.84
CA ARG G 145 3.70 -32.05 -2.41
C ARG G 145 3.81 -30.55 -2.09
N ILE G 146 2.81 -30.01 -1.40
CA ILE G 146 2.72 -28.55 -1.17
C ILE G 146 2.76 -28.15 0.30
N LYS G 147 3.71 -27.28 0.66
CA LYS G 147 3.85 -26.77 2.02
C LYS G 147 3.29 -25.36 2.16
N PHE G 148 2.97 -24.98 3.39
CA PHE G 148 2.52 -23.62 3.71
C PHE G 148 3.27 -23.08 4.92
N ALA G 149 3.76 -21.85 4.80
CA ALA G 149 4.48 -21.18 5.90
C ALA G 149 4.22 -19.68 5.94
N VAL G 150 3.57 -19.25 7.03
CA VAL G 150 3.28 -17.83 7.27
C VAL G 150 4.56 -17.13 7.69
N LEU H 9 -9.95 -2.35 -6.54
CA LEU H 9 -11.32 -2.58 -5.98
C LEU H 9 -11.48 -2.06 -4.54
N ASP H 10 -10.40 -1.53 -3.96
CA ASP H 10 -10.39 -1.07 -2.56
C ASP H 10 -11.19 0.22 -2.35
N LEU H 11 -11.43 0.55 -1.08
CA LEU H 11 -12.30 1.68 -0.70
C LEU H 11 -11.58 3.03 -0.70
N PRO H 12 -12.22 4.05 -1.32
CA PRO H 12 -11.64 5.39 -1.42
C PRO H 12 -11.69 6.20 -0.13
N GLY H 13 -12.68 5.92 0.71
CA GLY H 13 -12.90 6.70 1.92
C GLY H 13 -13.59 8.01 1.62
N THR H 14 -13.48 8.96 2.55
CA THR H 14 -14.16 10.26 2.41
C THR H 14 -13.35 11.44 2.93
N ARG H 15 -13.44 12.56 2.22
CA ARG H 15 -12.91 13.83 2.70
C ARG H 15 -13.92 14.44 3.67
N ILE H 16 -13.45 14.87 4.83
CA ILE H 16 -14.31 15.54 5.79
C ILE H 16 -14.10 17.04 5.62
N LEU H 17 -15.12 17.74 5.11
CA LEU H 17 -14.97 19.14 4.73
C LEU H 17 -15.61 20.15 5.67
N ASN H 18 -14.94 21.30 5.78
CA ASN H 18 -15.47 22.48 6.44
C ASN H 18 -15.42 23.64 5.46
N GLY H 19 -16.55 23.89 4.81
CA GLY H 19 -16.66 24.91 3.77
C GLY H 19 -15.99 24.46 2.49
N ALA H 20 -14.69 24.72 2.39
CA ALA H 20 -13.87 24.29 1.27
C ALA H 20 -12.66 23.50 1.75
N ASN H 21 -12.25 23.78 2.99
CA ASN H 21 -11.14 23.06 3.62
C ASN H 21 -11.50 21.62 3.97
N TRP H 22 -10.51 20.74 3.92
CA TRP H 22 -10.70 19.33 4.29
C TRP H 22 -9.79 18.95 5.46
N ALA H 23 -10.25 18.00 6.27
CA ALA H 23 -9.49 17.52 7.42
C ALA H 23 -8.32 16.65 6.99
N ASN H 24 -7.18 16.88 7.63
CA ASN H 24 -5.96 16.10 7.38
C ASN H 24 -5.32 15.64 8.68
N ASN H 25 -4.55 14.55 8.61
CA ASN H 25 -3.81 14.05 9.77
C ASN H 25 -2.50 13.34 9.43
N SER H 26 -1.45 13.67 10.18
CA SER H 26 -0.17 12.99 10.07
C SER H 26 0.05 12.06 11.26
N ALA H 27 1.07 11.21 11.17
CA ALA H 27 1.40 10.24 12.22
C ALA H 27 2.17 10.88 13.40
N THR H 28 2.66 10.03 14.31
CA THR H 28 3.37 10.43 15.54
C THR H 28 2.43 11.07 16.57
N SER H 35 0.91 12.57 23.31
CA SER H 35 0.41 11.50 22.44
C SER H 35 -0.83 11.95 21.68
N GLY H 36 -0.83 11.74 20.36
CA GLY H 36 -1.96 12.09 19.50
C GLY H 36 -1.81 13.40 18.79
N THR H 37 -1.85 13.35 17.45
CA THR H 37 -1.62 14.53 16.61
C THR H 37 -2.87 15.36 16.37
N LEU H 38 -2.67 16.59 15.89
CA LEU H 38 -3.76 17.50 15.55
C LEU H 38 -4.43 17.12 14.22
N ILE H 39 -5.75 17.30 14.16
CA ILE H 39 -6.48 17.12 12.92
C ILE H 39 -6.65 18.49 12.26
N ILE H 40 -5.83 18.76 11.23
CA ILE H 40 -5.79 20.07 10.59
C ILE H 40 -6.81 20.20 9.47
N PHE H 41 -7.52 21.33 9.45
CA PHE H 41 -8.46 21.66 8.39
C PHE H 41 -7.88 22.75 7.49
N ASP H 42 -7.38 22.34 6.32
CA ASP H 42 -6.90 23.29 5.31
C ASP H 42 -6.96 22.70 3.90
N GLN H 43 -6.19 23.26 2.98
CA GLN H 43 -6.21 22.80 1.59
C GLN H 43 -4.85 22.35 1.07
N SER H 44 -4.07 21.74 1.95
CA SER H 44 -2.77 21.17 1.58
C SER H 44 -2.49 19.85 2.32
N THR H 45 -2.81 18.73 1.66
CA THR H 45 -2.68 17.39 2.20
C THR H 45 -1.21 17.00 2.39
N PRO H 46 -0.80 16.75 3.64
CA PRO H 46 0.60 16.48 4.01
C PRO H 46 1.18 15.15 3.50
N GLY H 47 0.39 14.07 3.61
CA GLY H 47 0.83 12.74 3.18
C GLY H 47 -0.22 11.99 2.38
N GLN H 48 0.16 10.81 1.88
CA GLN H 48 -0.74 9.97 1.09
C GLN H 48 -1.96 9.54 1.92
N ASP H 49 -3.13 9.62 1.29
CA ASP H 49 -4.42 9.29 1.94
C ASP H 49 -4.73 10.06 3.24
N ALA H 50 -3.95 11.10 3.53
CA ALA H 50 -4.12 11.88 4.77
C ALA H 50 -5.44 12.66 4.82
N ASP H 51 -6.07 12.83 3.67
CA ASP H 51 -7.36 13.51 3.57
C ASP H 51 -8.53 12.52 3.45
N ARG H 52 -8.23 11.24 3.62
CA ARG H 52 -9.20 10.18 3.40
C ARG H 52 -9.57 9.46 4.68
N TRP H 53 -10.86 9.45 4.99
CA TRP H 53 -11.36 8.88 6.23
C TRP H 53 -12.34 7.73 5.99
N LEU H 54 -12.33 6.74 6.89
CA LEU H 54 -13.26 5.62 6.82
C LEU H 54 -14.19 5.68 8.01
N ILE H 55 -15.49 5.86 7.75
CA ILE H 55 -16.48 6.06 8.81
C ILE H 55 -17.45 4.86 8.92
N HIS H 56 -17.23 4.04 9.94
CA HIS H 56 -18.04 2.83 10.17
C HIS H 56 -19.03 3.02 11.31
N ASN H 57 -20.12 2.26 11.27
CA ASN H 57 -21.08 2.21 12.36
C ASN H 57 -20.51 1.42 13.54
N TYR H 58 -20.36 2.09 14.68
CA TYR H 58 -19.87 1.47 15.91
C TYR H 58 -20.92 1.63 17.00
N LEU H 59 -21.55 0.50 17.35
CA LEU H 59 -22.66 0.48 18.31
C LEU H 59 -23.78 1.41 17.84
N ASP H 60 -24.05 2.47 18.59
CA ASP H 60 -25.07 3.45 18.23
C ASP H 60 -24.43 4.75 17.72
N GLY H 61 -23.15 4.68 17.36
CA GLY H 61 -22.43 5.83 16.85
C GLY H 61 -21.57 5.52 15.64
N TYR H 62 -20.46 6.24 15.51
CA TYR H 62 -19.57 6.12 14.37
C TYR H 62 -18.12 6.20 14.83
N LYS H 63 -17.28 5.30 14.32
CA LYS H 63 -15.84 5.33 14.58
C LYS H 63 -15.09 5.89 13.37
N ILE H 64 -14.30 6.94 13.58
CA ILE H 64 -13.69 7.70 12.49
C ILE H 64 -12.17 7.44 12.35
N PHE H 65 -11.81 6.78 11.25
CA PHE H 65 -10.44 6.32 10.97
C PHE H 65 -9.76 7.13 9.84
N ASN H 66 -8.49 7.47 10.04
CA ASN H 66 -7.70 8.13 8.99
C ASN H 66 -6.87 7.11 8.21
N MET H 67 -6.97 7.14 6.88
CA MET H 67 -6.27 6.18 6.02
C MET H 67 -4.77 6.47 5.92
N GLY H 68 -4.41 7.74 5.99
CA GLY H 68 -3.02 8.15 5.86
C GLY H 68 -2.16 7.84 7.06
N SER H 69 -2.60 8.30 8.22
CA SER H 69 -1.86 8.20 9.48
C SER H 69 -2.10 6.90 10.23
N ASN H 70 -3.21 6.25 9.92
CA ASN H 70 -3.75 5.14 10.71
C ASN H 70 -4.09 5.54 12.15
N ASN H 71 -4.71 6.72 12.30
CA ASN H 71 -5.17 7.22 13.60
C ASN H 71 -6.71 7.38 13.66
N TRP H 72 -7.25 7.25 14.86
CA TRP H 72 -8.67 7.46 15.11
C TRP H 72 -8.96 8.88 15.61
N ALA H 73 -10.18 9.36 15.40
CA ALA H 73 -10.62 10.63 15.97
C ALA H 73 -11.12 10.37 17.38
N SER H 74 -10.45 10.98 18.37
CA SER H 74 -10.71 10.69 19.78
C SER H 74 -10.95 11.94 20.63
N VAL H 75 -11.73 11.80 21.69
CA VAL H 75 -11.94 12.85 22.69
C VAL H 75 -10.68 13.00 23.54
N SER H 76 -9.97 14.11 23.37
CA SER H 76 -8.72 14.35 24.06
C SER H 76 -8.90 15.15 25.35
N ARG H 77 -7.97 14.94 26.27
CA ARG H 77 -7.90 15.71 27.51
C ARG H 77 -7.61 17.16 27.16
N GLY H 78 -8.52 18.05 27.54
CA GLY H 78 -8.38 19.48 27.23
C GLY H 78 -9.34 19.96 26.16
N ASN H 79 -10.41 19.19 25.95
CA ASN H 79 -11.50 19.52 25.01
C ASN H 79 -11.08 19.74 23.55
N THR H 80 -10.07 19.01 23.09
CA THR H 80 -9.69 19.03 21.66
C THR H 80 -10.03 17.70 21.01
N VAL H 81 -9.92 17.64 19.68
CA VAL H 81 -10.11 16.39 18.94
C VAL H 81 -8.81 15.96 18.27
N LEU H 82 -8.19 14.91 18.80
CA LEU H 82 -6.89 14.45 18.31
C LEU H 82 -6.92 13.04 17.70
N GLY H 83 -5.85 12.70 16.98
CA GLY H 83 -5.73 11.38 16.35
C GLY H 83 -4.77 10.45 17.08
N VAL H 84 -5.34 9.47 17.78
CA VAL H 84 -4.54 8.43 18.46
C VAL H 84 -4.63 7.08 17.72
N SER H 85 -3.62 6.24 17.89
CA SER H 85 -3.50 4.99 17.12
C SER H 85 -4.21 3.77 17.73
N GLU H 86 -4.33 3.74 19.06
CA GLU H 86 -5.06 2.65 19.73
C GLU H 86 -6.52 3.02 19.90
N PHE H 87 -7.41 2.18 19.38
CA PHE H 87 -8.85 2.43 19.43
C PHE H 87 -9.38 2.34 20.87
N ASP H 88 -10.21 3.31 21.24
CA ASP H 88 -10.81 3.35 22.57
C ASP H 88 -12.30 3.71 22.48
N GLY H 89 -13.16 2.75 22.81
CA GLY H 89 -14.61 2.92 22.73
C GLY H 89 -15.21 4.12 23.44
N GLN H 90 -14.59 4.51 24.56
CA GLN H 90 -15.13 5.60 25.40
C GLN H 90 -14.95 6.96 24.75
N THR H 91 -13.86 7.11 23.99
CA THR H 91 -13.47 8.40 23.44
C THR H 91 -13.52 8.47 21.91
N CYS H 92 -13.65 7.32 21.25
CA CYS H 92 -13.59 7.25 19.79
C CYS H 92 -14.94 7.15 19.07
N LYS H 93 -16.02 6.93 19.82
CA LYS H 93 -17.36 6.93 19.25
C LYS H 93 -17.86 8.36 19.01
N TRP H 94 -18.62 8.56 17.92
CA TRP H 94 -19.21 9.87 17.63
C TRP H 94 -20.64 9.76 17.11
N SER H 95 -21.45 10.78 17.40
CA SER H 95 -22.78 10.91 16.80
C SER H 95 -22.69 11.95 15.69
N ILE H 96 -23.27 11.63 14.53
CA ILE H 96 -23.30 12.59 13.43
C ILE H 96 -24.73 13.01 13.14
N GLU H 97 -25.10 14.20 13.60
CA GLU H 97 -26.44 14.74 13.43
C GLU H 97 -26.50 15.73 12.27
N TYR H 98 -27.64 15.73 11.56
CA TYR H 98 -27.87 16.67 10.47
C TYR H 98 -28.19 18.09 10.99
N SER H 99 -27.59 19.09 10.37
CA SER H 99 -27.74 20.48 10.79
C SER H 99 -29.10 21.08 10.42
N GLY H 100 -29.61 20.71 9.24
CA GLY H 100 -30.91 21.19 8.79
C GLY H 100 -30.91 21.81 7.40
N ASN H 101 -29.72 22.24 6.97
CA ASN H 101 -29.58 22.88 5.67
C ASN H 101 -28.38 22.37 4.89
N GLY H 102 -28.55 22.22 3.57
CA GLY H 102 -27.48 21.76 2.69
C GLY H 102 -27.06 20.34 3.00
N GLU H 103 -25.79 20.03 2.74
CA GLU H 103 -25.22 18.72 3.05
C GLU H 103 -24.32 18.76 4.29
N GLU H 104 -24.66 19.64 5.25
CA GLU H 104 -23.81 19.88 6.42
C GLU H 104 -24.27 19.16 7.68
N PHE H 105 -23.31 18.72 8.48
CA PHE H 105 -23.57 17.89 9.66
C PHE H 105 -22.82 18.38 10.90
N TRP H 106 -23.15 17.79 12.05
CA TRP H 106 -22.38 17.98 13.29
C TRP H 106 -21.81 16.65 13.77
N ILE H 107 -20.50 16.60 13.97
CA ILE H 107 -19.88 15.44 14.62
C ILE H 107 -19.81 15.75 16.12
N ARG H 108 -20.53 14.94 16.90
CA ARG H 108 -20.82 15.24 18.30
C ARG H 108 -20.26 14.18 19.24
N VAL H 109 -20.03 14.55 20.50
CA VAL H 109 -19.67 13.58 21.55
C VAL H 109 -20.96 12.96 22.08
N PRO H 110 -21.06 11.61 22.03
CA PRO H 110 -22.22 10.91 22.62
C PRO H 110 -22.30 11.11 24.13
N ARG H 111 -23.50 11.43 24.61
CA ARG H 111 -23.71 11.73 26.03
C ARG H 111 -25.17 11.43 26.41
N GLU H 112 -25.37 11.04 27.67
CA GLU H 112 -26.71 10.81 28.22
C GLU H 112 -27.65 12.00 27.96
N GLY H 113 -28.79 11.71 27.36
CA GLY H 113 -29.79 12.73 27.04
C GLY H 113 -29.42 13.65 25.89
N GLY H 114 -28.17 13.55 25.43
CA GLY H 114 -27.65 14.38 24.35
C GLY H 114 -26.88 15.58 24.90
N GLY H 115 -26.77 16.61 24.06
CA GLY H 115 -26.14 17.88 24.45
C GLY H 115 -24.62 17.86 24.51
N GLY H 116 -24.01 16.82 23.94
CA GLY H 116 -22.56 16.70 23.91
C GLY H 116 -21.91 17.74 23.00
N ALA H 117 -20.66 18.07 23.28
CA ALA H 117 -19.92 19.07 22.49
C ALA H 117 -19.73 18.60 21.05
N VAL H 118 -19.64 19.56 20.13
CA VAL H 118 -19.43 19.24 18.71
C VAL H 118 -18.04 19.66 18.21
N TRP H 119 -17.62 19.06 17.10
CA TRP H 119 -16.42 19.48 16.36
C TRP H 119 -16.54 20.97 16.02
N THR H 120 -15.51 21.74 16.37
CA THR H 120 -15.49 23.18 16.12
C THR H 120 -14.15 23.59 15.49
N ILE H 121 -14.20 24.02 14.24
CA ILE H 121 -12.99 24.33 13.46
C ILE H 121 -12.57 25.79 13.64
N LYS H 122 -11.55 26.00 14.47
CA LYS H 122 -11.03 27.32 14.75
C LYS H 122 -9.52 27.20 15.01
N PRO H 123 -8.77 28.32 14.90
CA PRO H 123 -7.36 28.30 15.31
C PRO H 123 -7.19 28.31 16.82
N ALA H 124 -5.97 28.01 17.30
CA ALA H 124 -5.66 27.99 18.73
C ALA H 124 -5.81 29.38 19.39
N SER H 125 -4.76 30.20 19.30
CA SER H 125 -4.85 31.61 19.68
C SER H 125 -4.64 32.49 18.45
N SER H 126 -5.47 32.21 17.43
CA SER H 126 -5.44 32.90 16.12
C SER H 126 -4.17 32.59 15.30
N GLN H 127 -4.20 32.99 14.03
CA GLN H 127 -3.04 32.87 13.12
C GLN H 127 -2.61 31.41 12.84
N GLY H 128 -3.54 30.48 13.05
CA GLY H 128 -3.37 29.07 12.65
C GLY H 128 -2.33 28.26 13.42
N PRO H 129 -2.27 26.94 13.15
CA PRO H 129 -3.14 26.21 12.21
C PRO H 129 -4.60 26.11 12.69
N THR H 130 -5.51 25.86 11.75
CA THR H 130 -6.92 25.71 12.08
C THR H 130 -7.24 24.24 12.38
N THR H 131 -7.25 23.90 13.66
CA THR H 131 -7.48 22.52 14.10
C THR H 131 -8.91 22.30 14.60
N VAL H 132 -9.15 21.14 15.19
CA VAL H 132 -10.48 20.78 15.68
C VAL H 132 -10.55 20.97 17.19
N PHE H 133 -11.61 21.61 17.66
CA PHE H 133 -11.86 21.79 19.08
C PHE H 133 -13.25 21.31 19.46
N LEU H 134 -13.55 21.28 20.75
CA LEU H 134 -14.88 20.94 21.23
C LEU H 134 -15.49 22.08 22.02
N ASP H 135 -16.58 22.62 21.49
CA ASP H 135 -17.34 23.67 22.16
C ASP H 135 -18.82 23.28 22.17
N LEU H 136 -19.63 24.08 22.86
CA LEU H 136 -21.08 23.90 22.87
C LEU H 136 -21.64 24.14 21.48
N LEU H 137 -22.62 23.33 21.08
CA LEU H 137 -23.30 23.50 19.80
C LEU H 137 -24.00 24.85 19.70
N LYS H 138 -23.60 25.65 18.71
CA LYS H 138 -24.34 26.84 18.33
C LYS H 138 -24.84 26.65 16.90
N GLU H 139 -26.15 26.44 16.78
CA GLU H 139 -26.78 26.04 15.52
C GLU H 139 -26.57 26.99 14.35
N THR H 140 -26.00 28.17 14.61
CA THR H 140 -25.74 29.14 13.55
C THR H 140 -24.25 29.26 13.20
N ASP H 141 -23.40 28.75 14.08
CA ASP H 141 -21.94 28.86 13.90
C ASP H 141 -21.45 28.05 12.69
N PRO H 142 -20.88 28.73 11.69
CA PRO H 142 -20.39 28.06 10.47
C PRO H 142 -19.22 27.11 10.74
N ASN H 143 -18.42 27.44 11.76
CA ASN H 143 -17.25 26.65 12.14
C ASN H 143 -17.55 25.25 12.66
N GLN H 144 -18.83 24.90 12.75
CA GLN H 144 -19.27 23.64 13.34
C GLN H 144 -19.99 22.73 12.33
N ARG H 145 -20.02 23.16 11.08
CA ARG H 145 -20.74 22.43 10.03
C ARG H 145 -19.78 21.56 9.23
N ILE H 146 -20.20 20.31 9.00
CA ILE H 146 -19.34 19.28 8.43
C ILE H 146 -19.96 18.65 7.18
N LYS H 147 -19.25 18.75 6.06
CA LYS H 147 -19.65 18.09 4.82
C LYS H 147 -18.77 16.88 4.58
N PHE H 148 -19.32 15.89 3.88
CA PHE H 148 -18.55 14.72 3.47
C PHE H 148 -18.61 14.53 1.97
N ALA H 149 -17.44 14.35 1.35
CA ALA H 149 -17.36 14.09 -0.07
C ALA H 149 -16.46 12.90 -0.35
N VAL H 150 -17.06 11.85 -0.94
CA VAL H 150 -16.33 10.66 -1.37
C VAL H 150 -15.54 10.98 -2.63
#